data_2A4J
#
_entry.id   2A4J
#
loop_
_entity.id
_entity.type
_entity.pdbx_description
1 polymer 'Centrin 2'
2 polymer '17-mer peptide P1-XPC from DNA-repair protein complementing XP-C cells'
#
loop_
_entity_poly.entity_id
_entity_poly.type
_entity_poly.pdbx_seq_one_letter_code
_entity_poly.pdbx_strand_id
1 'polypeptide(L)' TQKMSEKDTKEEILKAFKLFDDDETGKISFKNLKRVAKELGENLTDEELQEMIDEADRDGDGEVSEQEFLRIMKKTSLY A
2 'polypeptide(L)' NWKLLAKGLLIRERLKR B
#
# COMPACT_ATOMS: atom_id res chain seq x y z
N THR A 1 5.58 13.19 -33.83
CA THR A 1 5.54 13.10 -32.35
C THR A 1 4.17 13.63 -31.86
N GLN A 2 3.35 12.74 -31.26
CA GLN A 2 2.00 13.09 -30.76
C GLN A 2 2.05 13.62 -29.29
N LYS A 3 2.38 12.77 -28.30
CA LYS A 3 2.44 13.21 -26.90
C LYS A 3 1.88 12.10 -25.98
N MET A 4 2.78 11.30 -25.37
CA MET A 4 2.40 10.18 -24.48
C MET A 4 2.27 10.69 -23.02
N SER A 5 1.06 10.53 -22.44
CA SER A 5 0.75 10.98 -21.05
C SER A 5 1.07 9.87 -20.00
N GLU A 6 1.68 10.28 -18.88
CA GLU A 6 1.95 9.40 -17.71
C GLU A 6 1.25 10.02 -16.48
N LYS A 7 0.06 9.49 -16.14
CA LYS A 7 -0.81 10.09 -15.10
C LYS A 7 -1.98 9.23 -14.58
N ASP A 8 -2.53 8.30 -15.38
CA ASP A 8 -3.78 7.55 -15.05
C ASP A 8 -3.49 6.37 -14.07
N THR A 9 -2.67 5.37 -14.47
CA THR A 9 -2.15 4.31 -13.55
C THR A 9 -1.29 4.84 -12.36
N LYS A 10 -0.41 5.85 -12.58
CA LYS A 10 0.29 6.58 -11.48
C LYS A 10 -0.61 7.20 -10.39
N GLU A 11 -1.65 7.98 -10.78
CA GLU A 11 -2.70 8.45 -9.83
C GLU A 11 -3.68 7.35 -9.26
N GLU A 12 -3.81 6.16 -9.89
CA GLU A 12 -4.54 5.00 -9.30
C GLU A 12 -3.82 4.39 -8.07
N ILE A 13 -2.61 3.80 -8.25
CA ILE A 13 -1.81 3.24 -7.11
C ILE A 13 -1.31 4.30 -6.07
N LEU A 14 -0.87 5.53 -6.47
CA LEU A 14 -0.62 6.63 -5.49
C LEU A 14 -1.93 7.17 -4.81
N LYS A 15 -3.07 7.29 -5.51
CA LYS A 15 -4.40 7.56 -4.88
C LYS A 15 -4.80 6.59 -3.71
N ALA A 16 -4.55 5.28 -3.89
CA ALA A 16 -4.62 4.26 -2.82
C ALA A 16 -3.63 4.45 -1.62
N PHE A 17 -2.34 4.79 -1.90
CA PHE A 17 -1.38 5.29 -0.85
C PHE A 17 -1.93 6.61 -0.16
N LYS A 18 -2.69 7.49 -0.85
CA LYS A 18 -3.47 8.58 -0.21
C LYS A 18 -4.65 8.07 0.69
N LEU A 19 -5.32 6.92 0.37
CA LEU A 19 -6.26 6.23 1.31
C LEU A 19 -5.58 5.79 2.63
N PHE A 20 -4.30 5.34 2.60
CA PHE A 20 -3.48 5.17 3.84
C PHE A 20 -3.53 6.43 4.79
N ASP A 21 -3.22 7.63 4.29
CA ASP A 21 -3.01 8.85 5.08
C ASP A 21 -4.35 9.58 5.36
N ASP A 22 -4.95 9.25 6.52
CA ASP A 22 -6.23 9.86 6.99
C ASP A 22 -6.09 11.37 7.34
N ASP A 23 -5.10 11.76 8.16
CA ASP A 23 -4.73 13.21 8.36
C ASP A 23 -3.94 13.91 7.21
N GLU A 24 -3.58 13.22 6.11
CA GLU A 24 -2.88 13.79 4.91
C GLU A 24 -1.46 14.30 5.27
N THR A 25 -0.47 13.38 5.26
CA THR A 25 0.95 13.68 5.61
C THR A 25 2.01 12.97 4.71
N GLY A 26 1.69 11.87 4.01
CA GLY A 26 2.65 11.15 3.13
C GLY A 26 3.52 10.01 3.73
N LYS A 27 3.23 9.50 4.94
CA LYS A 27 3.92 8.32 5.50
C LYS A 27 3.07 7.68 6.65
N ILE A 28 3.06 6.33 6.76
CA ILE A 28 2.09 5.61 7.67
C ILE A 28 2.64 4.52 8.64
N SER A 29 1.73 4.06 9.54
CA SER A 29 1.92 2.92 10.45
C SER A 29 0.98 1.71 10.12
N PHE A 30 1.22 0.60 10.87
CA PHE A 30 0.41 -0.66 10.94
C PHE A 30 -1.13 -0.59 10.69
N LYS A 31 -1.80 0.27 11.49
CA LYS A 31 -3.27 0.44 11.43
C LYS A 31 -3.84 1.02 10.13
N ASN A 32 -3.13 1.97 9.47
CA ASN A 32 -3.56 2.50 8.13
C ASN A 32 -3.64 1.38 7.03
N LEU A 33 -2.58 0.51 6.91
CA LEU A 33 -2.59 -0.75 6.10
C LEU A 33 -3.90 -1.56 6.36
N LYS A 34 -4.02 -2.07 7.60
CA LYS A 34 -5.24 -2.74 8.09
C LYS A 34 -6.61 -2.02 8.01
N ARG A 35 -6.65 -0.69 7.95
CA ARG A 35 -7.88 0.10 8.18
C ARG A 35 -8.69 0.31 6.92
N VAL A 36 -8.06 0.96 5.95
CA VAL A 36 -8.61 1.02 4.57
C VAL A 36 -8.61 -0.39 3.89
N ALA A 37 -7.59 -1.27 4.11
CA ALA A 37 -7.72 -2.72 3.70
C ALA A 37 -8.79 -3.51 4.54
N LYS A 38 -9.03 -3.03 5.76
CA LYS A 38 -10.16 -3.48 6.64
C LYS A 38 -11.60 -3.23 6.09
N GLU A 39 -11.85 -2.09 5.40
CA GLU A 39 -13.12 -1.84 4.63
C GLU A 39 -13.54 -3.03 3.69
N LEU A 40 -12.57 -3.58 2.94
CA LEU A 40 -12.73 -4.87 2.21
C LEU A 40 -12.97 -6.08 3.19
N GLY A 41 -12.03 -6.33 4.12
CA GLY A 41 -12.02 -7.54 4.97
C GLY A 41 -10.58 -8.07 5.18
N GLU A 42 -9.81 -8.33 4.10
CA GLU A 42 -8.39 -8.76 4.17
C GLU A 42 -8.25 -10.28 4.49
N ASN A 43 -7.56 -11.01 3.59
CA ASN A 43 -7.18 -12.45 3.86
C ASN A 43 -6.12 -12.63 5.01
N LEU A 44 -5.09 -11.77 5.14
CA LEU A 44 -4.06 -11.87 6.21
C LEU A 44 -4.59 -11.56 7.64
N THR A 45 -3.92 -12.17 8.64
CA THR A 45 -4.14 -11.82 10.08
C THR A 45 -3.30 -10.57 10.49
N ASP A 46 -3.61 -9.99 11.67
CA ASP A 46 -2.78 -8.92 12.29
C ASP A 46 -1.34 -9.34 12.74
N GLU A 47 -1.08 -10.63 13.06
CA GLU A 47 0.28 -11.19 13.27
C GLU A 47 1.17 -11.22 11.99
N GLU A 48 0.64 -11.72 10.85
CA GLU A 48 1.30 -11.62 9.52
C GLU A 48 1.59 -10.16 9.03
N LEU A 49 0.62 -9.24 9.21
CA LEU A 49 0.79 -7.80 8.87
C LEU A 49 1.78 -7.03 9.84
N GLN A 50 1.91 -7.39 11.15
CA GLN A 50 2.98 -6.90 12.04
C GLN A 50 4.41 -7.41 11.65
N GLU A 51 4.52 -8.69 11.23
CA GLU A 51 5.76 -9.21 10.57
C GLU A 51 6.17 -8.43 9.29
N MET A 52 5.19 -8.03 8.45
CA MET A 52 5.41 -7.11 7.30
C MET A 52 5.95 -5.69 7.67
N ILE A 53 5.37 -4.98 8.65
CA ILE A 53 5.93 -3.66 9.11
C ILE A 53 7.41 -3.73 9.67
N ASP A 54 7.73 -4.81 10.41
CA ASP A 54 9.11 -5.15 10.84
C ASP A 54 10.09 -5.52 9.67
N GLU A 55 9.65 -6.29 8.65
CA GLU A 55 10.40 -6.57 7.41
C GLU A 55 10.87 -5.32 6.61
N ALA A 56 9.93 -4.43 6.25
CA ALA A 56 10.24 -3.28 5.36
C ALA A 56 10.85 -2.05 6.09
N ASP A 57 10.44 -1.73 7.34
CA ASP A 57 11.14 -0.74 8.19
C ASP A 57 12.13 -1.48 9.16
N ARG A 58 13.16 -2.10 8.54
CA ARG A 58 14.18 -2.96 9.23
C ARG A 58 14.95 -2.26 10.36
N ASP A 59 15.64 -1.18 9.97
CA ASP A 59 16.23 -0.19 10.91
C ASP A 59 15.29 0.32 12.04
N GLY A 60 13.98 0.50 11.73
CA GLY A 60 13.01 1.05 12.70
C GLY A 60 13.02 2.60 12.80
N ASP A 61 12.79 3.35 11.69
CA ASP A 61 12.59 4.83 11.75
C ASP A 61 11.24 5.24 12.41
N GLY A 62 10.12 4.64 11.97
CA GLY A 62 8.77 5.04 12.40
C GLY A 62 7.70 4.74 11.35
N GLU A 63 7.80 5.37 10.15
CA GLU A 63 6.72 5.35 9.15
C GLU A 63 7.26 5.23 7.70
N VAL A 64 6.43 4.61 6.84
CA VAL A 64 6.77 4.16 5.50
C VAL A 64 6.39 5.19 4.39
N SER A 65 7.07 5.09 3.23
CA SER A 65 6.95 6.06 2.12
C SER A 65 6.04 5.53 0.99
N GLU A 66 5.83 6.39 -0.02
CA GLU A 66 5.21 6.01 -1.33
C GLU A 66 5.78 4.71 -1.98
N GLN A 67 7.10 4.50 -1.85
CA GLN A 67 7.81 3.29 -2.32
C GLN A 67 7.39 1.90 -1.72
N GLU A 68 6.65 1.79 -0.61
CA GLU A 68 6.23 0.46 -0.07
C GLU A 68 4.87 -0.06 -0.62
N PHE A 69 3.75 0.70 -0.58
CA PHE A 69 2.50 0.27 -1.34
C PHE A 69 2.77 0.33 -2.88
N LEU A 70 3.34 1.43 -3.43
CA LEU A 70 3.80 1.45 -4.86
C LEU A 70 4.87 0.38 -5.23
N ARG A 71 6.00 0.33 -4.50
CA ARG A 71 7.17 -0.50 -4.87
C ARG A 71 7.01 -2.02 -4.66
N ILE A 72 6.31 -2.46 -3.59
CA ILE A 72 5.92 -3.90 -3.45
C ILE A 72 4.76 -4.28 -4.45
N MET A 73 3.74 -3.42 -4.71
CA MET A 73 2.74 -3.66 -5.82
C MET A 73 3.35 -3.89 -7.25
N LYS A 74 4.31 -3.04 -7.69
CA LYS A 74 4.94 -3.14 -9.02
C LYS A 74 5.87 -4.36 -9.19
N LYS A 75 7.04 -4.33 -8.52
CA LYS A 75 8.06 -5.39 -8.62
C LYS A 75 7.66 -6.66 -7.82
N THR A 76 7.53 -7.78 -8.55
CA THR A 76 7.31 -9.13 -7.96
C THR A 76 8.63 -9.92 -8.12
N SER A 77 9.29 -10.23 -6.98
CA SER A 77 10.55 -11.01 -6.96
C SER A 77 10.29 -12.53 -7.09
N LEU A 78 10.86 -13.14 -8.14
CA LEU A 78 10.60 -14.55 -8.51
C LEU A 78 11.52 -15.52 -7.74
N TYR A 79 10.95 -15.90 -6.59
CA TYR A 79 11.42 -16.97 -5.69
C TYR A 79 12.75 -16.62 -4.99
N ASN B 1 2.28 -11.02 3.91
CA ASN B 1 3.01 -10.52 2.73
C ASN B 1 2.50 -9.10 2.34
N TRP B 2 3.43 -8.17 2.08
CA TRP B 2 3.09 -6.84 1.48
C TRP B 2 2.56 -6.93 0.01
N LYS B 3 2.88 -7.98 -0.79
CA LYS B 3 2.23 -8.22 -2.11
C LYS B 3 0.73 -8.62 -2.01
N LEU B 4 0.39 -9.59 -1.14
CA LEU B 4 -1.02 -9.93 -0.79
C LEU B 4 -1.84 -8.74 -0.17
N LEU B 5 -1.26 -7.99 0.79
CA LEU B 5 -1.83 -6.71 1.29
C LEU B 5 -1.78 -5.50 0.29
N ALA B 6 -0.90 -5.51 -0.74
CA ALA B 6 -0.92 -4.54 -1.85
C ALA B 6 -2.08 -4.75 -2.84
N LYS B 7 -2.51 -5.99 -3.20
CA LYS B 7 -3.80 -6.21 -3.92
C LYS B 7 -5.05 -5.85 -3.05
N GLY B 8 -5.05 -6.42 -1.82
CA GLY B 8 -5.99 -6.04 -0.73
C GLY B 8 -6.20 -4.54 -0.50
N LEU B 9 -5.15 -3.69 -0.55
CA LEU B 9 -5.31 -2.21 -0.60
C LEU B 9 -5.28 -1.57 -2.04
N LEU B 10 -4.97 -2.31 -3.13
CA LEU B 10 -5.23 -1.91 -4.58
C LEU B 10 -6.77 -1.69 -4.85
N ILE B 11 -7.65 -2.25 -3.98
CA ILE B 11 -9.08 -1.87 -3.78
C ILE B 11 -9.55 -0.38 -4.03
N ARG B 12 -8.60 0.58 -4.15
CA ARG B 12 -8.84 2.06 -4.20
C ARG B 12 -10.14 2.63 -4.86
N GLU B 13 -10.58 2.05 -5.98
CA GLU B 13 -11.87 2.41 -6.64
C GLU B 13 -13.02 1.55 -6.04
N ARG B 14 -13.16 0.28 -6.47
CA ARG B 14 -14.12 -0.68 -5.86
C ARG B 14 -13.58 -2.10 -5.92
N LEU B 15 -14.52 -3.03 -6.17
CA LEU B 15 -14.24 -4.50 -6.20
C LEU B 15 -14.93 -5.12 -7.44
N LYS B 16 -16.27 -5.26 -7.45
CA LYS B 16 -16.99 -5.85 -8.59
C LYS B 16 -18.23 -6.62 -8.10
N ARG B 17 -18.12 -7.95 -8.14
CA ARG B 17 -19.27 -8.86 -7.88
C ARG B 17 -18.83 -9.89 -6.82
N THR A 1 -3.34 23.51 -25.13
CA THR A 1 -4.52 23.60 -26.03
C THR A 1 -5.22 22.22 -26.18
N GLN A 2 -4.56 21.21 -26.78
CA GLN A 2 -5.17 19.86 -27.01
C GLN A 2 -4.96 18.93 -25.77
N LYS A 3 -3.73 18.51 -25.47
CA LYS A 3 -3.47 17.63 -24.31
C LYS A 3 -2.92 16.25 -24.76
N MET A 4 -1.80 15.84 -24.16
CA MET A 4 -1.21 14.49 -24.34
C MET A 4 -0.90 13.94 -22.92
N SER A 5 -1.72 12.97 -22.47
CA SER A 5 -1.60 12.37 -21.11
C SER A 5 -0.75 11.07 -21.13
N GLU A 6 0.25 11.00 -20.23
CA GLU A 6 1.05 9.77 -19.98
C GLU A 6 1.38 9.74 -18.46
N LYS A 7 0.55 9.03 -17.69
CA LYS A 7 0.68 9.01 -16.21
C LYS A 7 -0.45 8.35 -15.38
N ASP A 8 -1.62 8.07 -15.97
CA ASP A 8 -2.86 7.64 -15.26
C ASP A 8 -2.76 6.39 -14.33
N THR A 9 -2.02 5.35 -14.72
CA THR A 9 -1.70 4.18 -13.83
C THR A 9 -0.92 4.57 -12.53
N LYS A 10 0.20 5.34 -12.66
CA LYS A 10 0.91 5.97 -11.51
C LYS A 10 0.07 6.90 -10.60
N GLU A 11 -0.81 7.73 -11.18
CA GLU A 11 -1.84 8.53 -10.45
C GLU A 11 -2.80 7.68 -9.55
N GLU A 12 -3.36 6.57 -10.06
CA GLU A 12 -4.19 5.62 -9.27
C GLU A 12 -3.46 4.83 -8.14
N ILE A 13 -2.23 4.32 -8.33
CA ILE A 13 -1.47 3.64 -7.23
C ILE A 13 -0.93 4.61 -6.11
N LEU A 14 -0.50 5.86 -6.42
CA LEU A 14 -0.24 6.88 -5.36
C LEU A 14 -1.55 7.36 -4.64
N LYS A 15 -2.67 7.56 -5.37
CA LYS A 15 -4.03 7.75 -4.77
C LYS A 15 -4.47 6.63 -3.77
N ALA A 16 -4.12 5.36 -4.07
CA ALA A 16 -4.24 4.20 -3.15
C ALA A 16 -3.41 4.32 -1.83
N PHE A 17 -2.11 4.70 -1.92
CA PHE A 17 -1.31 5.15 -0.73
C PHE A 17 -2.01 6.35 0.00
N LYS A 18 -2.69 7.29 -0.72
CA LYS A 18 -3.64 8.29 -0.14
C LYS A 18 -4.80 7.66 0.70
N LEU A 19 -5.43 6.53 0.26
CA LEU A 19 -6.34 5.70 1.13
C LEU A 19 -5.65 5.27 2.46
N PHE A 20 -4.35 4.87 2.49
CA PHE A 20 -3.63 4.75 3.81
C PHE A 20 -3.64 6.10 4.64
N ASP A 21 -3.29 7.24 4.02
CA ASP A 21 -3.00 8.53 4.69
C ASP A 21 -4.19 9.35 5.31
N ASP A 22 -5.09 8.69 6.08
CA ASP A 22 -6.16 9.32 6.92
C ASP A 22 -5.49 9.97 8.16
N ASP A 23 -5.34 11.30 7.99
CA ASP A 23 -4.51 12.20 8.84
C ASP A 23 -3.04 11.74 9.17
N GLU A 24 -2.40 11.08 8.20
CA GLU A 24 -0.95 10.77 8.18
C GLU A 24 -0.57 11.46 6.85
N THR A 25 0.12 12.60 6.96
CA THR A 25 0.35 13.53 5.81
C THR A 25 1.65 13.22 4.99
N GLY A 26 1.94 11.93 4.72
CA GLY A 26 3.09 11.49 3.90
C GLY A 26 3.67 10.09 4.21
N LYS A 27 3.56 9.58 5.46
CA LYS A 27 4.10 8.26 5.84
C LYS A 27 3.21 7.61 6.92
N ILE A 28 2.96 6.29 6.81
CA ILE A 28 1.91 5.61 7.65
C ILE A 28 2.44 4.53 8.66
N SER A 29 1.52 4.12 9.57
CA SER A 29 1.72 3.04 10.56
C SER A 29 0.84 1.78 10.26
N PHE A 30 1.11 0.71 11.05
CA PHE A 30 0.30 -0.56 11.15
C PHE A 30 -1.24 -0.49 10.92
N LYS A 31 -1.89 0.40 11.71
CA LYS A 31 -3.37 0.57 11.67
C LYS A 31 -3.92 1.10 10.33
N ASN A 32 -3.24 2.05 9.67
CA ASN A 32 -3.65 2.54 8.31
C ASN A 32 -3.78 1.40 7.23
N LEU A 33 -2.75 0.49 7.14
CA LEU A 33 -2.77 -0.80 6.38
C LEU A 33 -4.10 -1.57 6.70
N LYS A 34 -4.25 -2.00 7.97
CA LYS A 34 -5.49 -2.60 8.50
C LYS A 34 -6.83 -1.83 8.40
N ARG A 35 -6.81 -0.51 8.22
CA ARG A 35 -7.98 0.38 8.36
C ARG A 35 -8.83 0.38 7.11
N VAL A 36 -8.20 0.94 6.06
CA VAL A 36 -8.78 0.83 4.69
C VAL A 36 -8.75 -0.62 4.12
N ALA A 37 -7.72 -1.45 4.36
CA ALA A 37 -7.81 -2.92 4.04
C ALA A 37 -8.87 -3.67 4.91
N LYS A 38 -9.03 -3.19 6.15
CA LYS A 38 -10.12 -3.63 7.07
C LYS A 38 -11.58 -3.33 6.66
N GLU A 39 -11.85 -2.21 5.94
CA GLU A 39 -13.17 -1.93 5.29
C GLU A 39 -13.69 -3.08 4.38
N LEU A 40 -12.83 -3.65 3.50
CA LEU A 40 -13.11 -4.91 2.75
C LEU A 40 -13.37 -6.16 3.66
N GLY A 41 -12.46 -6.42 4.60
CA GLY A 41 -12.42 -7.67 5.39
C GLY A 41 -11.49 -8.78 4.82
N GLU A 42 -10.27 -8.43 4.36
CA GLU A 42 -9.24 -9.41 3.90
C GLU A 42 -8.71 -10.31 5.05
N ASN A 43 -8.37 -11.57 4.72
CA ASN A 43 -7.99 -12.60 5.74
C ASN A 43 -6.49 -12.47 6.10
N LEU A 44 -6.31 -11.69 7.16
CA LEU A 44 -5.00 -11.38 7.78
C LEU A 44 -5.05 -11.68 9.30
N THR A 45 -3.96 -12.28 9.81
CA THR A 45 -3.72 -12.40 11.28
C THR A 45 -2.80 -11.22 11.67
N ASP A 46 -2.94 -10.66 12.88
CA ASP A 46 -2.03 -9.56 13.35
C ASP A 46 -0.51 -9.92 13.44
N GLU A 47 -0.12 -11.21 13.61
CA GLU A 47 1.26 -11.70 13.46
C GLU A 47 1.83 -11.56 12.02
N GLU A 48 1.05 -11.89 10.97
CA GLU A 48 1.41 -11.58 9.55
C GLU A 48 1.57 -10.06 9.27
N LEU A 49 0.55 -9.27 9.63
CA LEU A 49 0.55 -7.77 9.65
C LEU A 49 1.80 -7.09 10.34
N GLN A 50 2.17 -7.55 11.55
CA GLN A 50 3.44 -7.19 12.26
C GLN A 50 4.74 -7.61 11.49
N GLU A 51 4.75 -8.80 10.84
CA GLU A 51 5.83 -9.20 9.89
C GLU A 51 6.00 -8.27 8.67
N MET A 52 4.92 -7.80 8.01
CA MET A 52 5.01 -6.76 6.95
C MET A 52 5.70 -5.45 7.44
N ILE A 53 5.19 -4.81 8.51
CA ILE A 53 5.79 -3.53 9.02
C ILE A 53 7.26 -3.64 9.59
N ASP A 54 7.59 -4.77 10.21
CA ASP A 54 9.01 -5.12 10.60
C ASP A 54 9.97 -5.27 9.38
N GLU A 55 9.56 -5.97 8.31
CA GLU A 55 10.30 -6.08 7.02
C GLU A 55 10.62 -4.74 6.30
N ALA A 56 9.61 -3.87 6.10
CA ALA A 56 9.81 -2.52 5.53
C ALA A 56 10.57 -1.51 6.42
N ASP A 57 10.25 -1.43 7.73
CA ASP A 57 10.79 -0.38 8.64
C ASP A 57 11.98 -0.86 9.55
N ARG A 58 12.85 -1.79 9.09
CA ARG A 58 13.99 -2.35 9.88
C ARG A 58 14.86 -1.26 10.52
N ASP A 59 15.46 -0.43 9.67
CA ASP A 59 16.05 0.86 10.09
C ASP A 59 15.26 2.06 9.49
N GLY A 60 13.97 2.03 9.83
CA GLY A 60 12.96 2.93 9.22
C GLY A 60 12.30 4.04 10.09
N ASP A 61 12.71 4.20 11.38
CA ASP A 61 12.26 5.23 12.37
C ASP A 61 10.88 5.01 13.06
N GLY A 62 9.92 4.54 12.28
CA GLY A 62 8.50 4.47 12.68
C GLY A 62 7.45 4.43 11.55
N GLU A 63 7.74 5.01 10.36
CA GLU A 63 6.74 5.21 9.29
C GLU A 63 7.25 4.74 7.91
N VAL A 64 6.27 4.32 7.09
CA VAL A 64 6.45 3.82 5.70
C VAL A 64 6.17 4.96 4.68
N SER A 65 6.69 4.74 3.45
CA SER A 65 6.78 5.78 2.38
C SER A 65 5.98 5.28 1.13
N GLU A 66 5.80 6.18 0.14
CA GLU A 66 5.13 5.89 -1.18
C GLU A 66 5.51 4.55 -1.87
N GLN A 67 6.81 4.27 -1.91
CA GLN A 67 7.41 2.99 -2.35
C GLN A 67 6.87 1.66 -1.77
N GLU A 68 6.15 1.59 -0.63
CA GLU A 68 5.61 0.30 -0.13
C GLU A 68 4.27 -0.14 -0.75
N PHE A 69 3.16 0.63 -0.67
CA PHE A 69 1.93 0.25 -1.46
C PHE A 69 2.22 0.36 -2.98
N LEU A 70 2.78 1.48 -3.49
CA LEU A 70 3.09 1.62 -4.94
C LEU A 70 4.27 0.75 -5.46
N ARG A 71 5.39 0.67 -4.73
CA ARG A 71 6.55 -0.14 -5.17
C ARG A 71 6.44 -1.67 -4.98
N ILE A 72 5.86 -2.17 -3.86
CA ILE A 72 5.55 -3.62 -3.71
C ILE A 72 4.38 -4.06 -4.67
N MET A 73 3.30 -3.27 -4.88
CA MET A 73 2.27 -3.56 -5.94
C MET A 73 2.83 -3.67 -7.40
N LYS A 74 3.64 -2.70 -7.88
CA LYS A 74 4.02 -2.63 -9.31
C LYS A 74 5.09 -3.65 -9.76
N LYS A 75 6.35 -3.42 -9.37
CA LYS A 75 7.49 -4.28 -9.74
C LYS A 75 7.81 -5.31 -8.63
N THR A 76 7.88 -6.59 -9.03
CA THR A 76 8.37 -7.70 -8.16
C THR A 76 9.92 -7.67 -8.12
N SER A 77 10.49 -7.59 -6.90
CA SER A 77 11.97 -7.54 -6.68
C SER A 77 12.63 -8.93 -6.92
N LEU A 78 13.62 -8.95 -7.83
CA LEU A 78 14.23 -10.20 -8.36
C LEU A 78 15.43 -10.63 -7.47
N TYR A 79 15.06 -11.45 -6.48
CA TYR A 79 15.98 -11.97 -5.45
C TYR A 79 15.60 -13.44 -5.19
N ASN B 1 2.90 -11.12 3.73
CA ASN B 1 3.43 -10.56 2.47
C ASN B 1 2.75 -9.20 2.17
N TRP B 2 3.57 -8.17 1.85
CA TRP B 2 3.07 -6.86 1.33
C TRP B 2 2.46 -6.92 -0.10
N LYS B 3 2.79 -7.89 -0.98
CA LYS B 3 2.08 -8.12 -2.26
C LYS B 3 0.61 -8.63 -2.10
N LEU B 4 0.40 -9.65 -1.23
CA LEU B 4 -0.97 -10.08 -0.81
C LEU B 4 -1.83 -8.95 -0.14
N LEU B 5 -1.26 -8.21 0.84
CA LEU B 5 -1.87 -6.97 1.40
C LEU B 5 -1.99 -5.79 0.37
N ALA B 6 -1.13 -5.69 -0.66
CA ALA B 6 -1.26 -4.71 -1.77
C ALA B 6 -2.42 -4.99 -2.75
N LYS B 7 -2.84 -6.24 -3.04
CA LYS B 7 -4.13 -6.54 -3.75
C LYS B 7 -5.38 -6.21 -2.86
N GLY B 8 -5.35 -6.79 -1.63
CA GLY B 8 -6.27 -6.41 -0.54
C GLY B 8 -6.51 -4.89 -0.32
N LEU B 9 -5.45 -4.06 -0.40
CA LEU B 9 -5.61 -2.58 -0.49
C LEU B 9 -5.68 -1.97 -1.93
N LEU B 10 -5.39 -2.71 -3.02
CA LEU B 10 -5.72 -2.35 -4.46
C LEU B 10 -7.26 -2.14 -4.67
N ILE B 11 -8.10 -2.63 -3.73
CA ILE B 11 -9.51 -2.18 -3.49
C ILE B 11 -9.86 -0.63 -3.65
N ARG B 12 -8.83 0.25 -3.74
CA ARG B 12 -8.90 1.74 -3.65
C ARG B 12 -10.10 2.49 -4.32
N GLU B 13 -10.47 2.09 -5.54
CA GLU B 13 -11.60 2.69 -6.30
C GLU B 13 -12.53 1.52 -6.73
N ARG B 14 -13.67 1.38 -6.03
CA ARG B 14 -14.65 0.29 -6.29
C ARG B 14 -15.72 0.73 -7.30
N LEU B 15 -15.51 0.39 -8.59
CA LEU B 15 -16.42 0.80 -9.70
C LEU B 15 -16.43 -0.37 -10.72
N LYS B 16 -17.53 -1.12 -10.77
CA LYS B 16 -17.67 -2.25 -11.71
C LYS B 16 -18.52 -3.36 -11.11
N ARG B 17 -17.82 -4.38 -10.57
CA ARG B 17 -18.45 -5.62 -10.04
C ARG B 17 -17.97 -5.88 -8.59
N THR A 1 2.73 15.41 -24.06
CA THR A 1 3.80 14.60 -23.43
C THR A 1 5.14 15.41 -23.39
N GLN A 2 5.78 15.42 -22.21
CA GLN A 2 7.16 15.95 -22.04
C GLN A 2 8.22 14.91 -22.51
N LYS A 3 8.26 13.71 -21.89
CA LYS A 3 9.09 12.59 -22.38
C LYS A 3 8.62 11.31 -21.65
N MET A 4 7.70 10.55 -22.29
CA MET A 4 7.00 9.37 -21.70
C MET A 4 6.07 9.83 -20.53
N SER A 5 4.78 10.05 -20.84
CA SER A 5 3.79 10.64 -19.89
C SER A 5 2.52 9.76 -19.84
N GLU A 6 2.08 9.43 -18.61
CA GLU A 6 0.85 8.63 -18.37
C GLU A 6 0.23 9.13 -17.03
N LYS A 7 -0.87 9.89 -17.13
CA LYS A 7 -1.53 10.55 -15.98
C LYS A 7 -2.41 9.63 -15.10
N ASP A 8 -3.45 9.02 -15.71
CA ASP A 8 -4.48 8.21 -14.98
C ASP A 8 -3.93 7.01 -14.15
N THR A 9 -3.04 6.16 -14.70
CA THR A 9 -2.37 5.05 -13.95
C THR A 9 -1.59 5.50 -12.66
N LYS A 10 -0.74 6.54 -12.76
CA LYS A 10 -0.11 7.21 -11.59
C LYS A 10 -1.08 7.79 -10.53
N GLU A 11 -2.19 8.43 -10.95
CA GLU A 11 -3.30 8.85 -10.04
C GLU A 11 -3.96 7.70 -9.21
N GLU A 12 -4.25 6.53 -9.83
CA GLU A 12 -4.75 5.32 -9.11
C GLU A 12 -3.77 4.73 -8.06
N ILE A 13 -2.54 4.37 -8.45
CA ILE A 13 -1.52 3.79 -7.51
C ILE A 13 -1.09 4.76 -6.35
N LEU A 14 -0.65 6.00 -6.67
CA LEU A 14 -0.31 7.05 -5.65
C LEU A 14 -1.50 7.48 -4.75
N LYS A 15 -2.70 7.68 -5.32
CA LYS A 15 -3.96 7.88 -4.55
C LYS A 15 -4.43 6.73 -3.61
N ALA A 16 -4.16 5.46 -3.96
CA ALA A 16 -4.35 4.31 -3.04
C ALA A 16 -3.37 4.29 -1.82
N PHE A 17 -2.06 4.61 -2.01
CA PHE A 17 -1.13 4.94 -0.86
C PHE A 17 -1.69 6.15 -0.02
N LYS A 18 -2.33 7.18 -0.64
CA LYS A 18 -3.15 8.20 0.08
C LYS A 18 -4.40 7.64 0.83
N LEU A 19 -5.04 6.53 0.37
CA LEU A 19 -6.05 5.79 1.19
C LEU A 19 -5.41 5.26 2.51
N PHE A 20 -4.15 4.74 2.52
CA PHE A 20 -3.40 4.54 3.79
C PHE A 20 -3.33 5.88 4.63
N ASP A 21 -2.79 6.97 4.04
CA ASP A 21 -2.39 8.21 4.75
C ASP A 21 -3.51 9.23 5.16
N ASP A 22 -4.51 8.80 5.96
CA ASP A 22 -5.54 9.69 6.60
C ASP A 22 -4.83 10.61 7.65
N ASP A 23 -4.49 11.78 7.09
CA ASP A 23 -3.61 12.82 7.67
C ASP A 23 -2.25 12.38 8.30
N GLU A 24 -1.54 11.38 7.72
CA GLU A 24 -0.11 11.10 8.14
C GLU A 24 1.01 11.80 7.29
N THR A 25 0.68 12.78 6.44
CA THR A 25 1.63 13.71 5.72
C THR A 25 2.79 13.00 4.93
N GLY A 26 2.48 11.91 4.18
CA GLY A 26 3.48 11.16 3.39
C GLY A 26 4.04 9.84 3.95
N LYS A 27 4.01 9.61 5.28
CA LYS A 27 4.53 8.38 5.92
C LYS A 27 3.38 7.68 6.72
N ILE A 28 3.41 6.33 6.77
CA ILE A 28 2.23 5.52 7.26
C ILE A 28 2.58 4.37 8.27
N SER A 29 1.52 3.81 8.91
CA SER A 29 1.62 2.88 10.07
C SER A 29 0.71 1.61 9.96
N PHE A 30 0.92 0.64 10.89
CA PHE A 30 0.09 -0.58 11.13
C PHE A 30 -1.45 -0.47 10.85
N LYS A 31 -2.10 0.47 11.55
CA LYS A 31 -3.57 0.67 11.43
C LYS A 31 -4.04 1.15 10.06
N ASN A 32 -3.32 2.10 9.43
CA ASN A 32 -3.63 2.55 8.04
C ASN A 32 -3.72 1.36 6.99
N LEU A 33 -2.70 0.44 7.00
CA LEU A 33 -2.72 -0.87 6.25
C LEU A 33 -4.04 -1.63 6.52
N LYS A 34 -4.28 -2.04 7.78
CA LYS A 34 -5.50 -2.73 8.22
C LYS A 34 -6.87 -2.02 8.07
N ARG A 35 -6.89 -0.68 7.95
CA ARG A 35 -8.13 0.12 8.08
C ARG A 35 -8.84 0.24 6.75
N VAL A 36 -8.15 0.82 5.76
CA VAL A 36 -8.65 0.76 4.36
C VAL A 36 -8.57 -0.67 3.73
N ALA A 37 -7.52 -1.49 4.00
CA ALA A 37 -7.58 -2.95 3.62
C ALA A 37 -8.65 -3.75 4.43
N LYS A 38 -8.90 -3.30 5.66
CA LYS A 38 -10.02 -3.81 6.52
C LYS A 38 -11.46 -3.55 6.03
N GLU A 39 -11.74 -2.43 5.31
CA GLU A 39 -13.03 -2.22 4.58
C GLU A 39 -13.45 -3.40 3.65
N LEU A 40 -12.50 -3.89 2.82
CA LEU A 40 -12.63 -5.17 2.07
C LEU A 40 -12.80 -6.41 3.00
N GLY A 41 -11.84 -6.61 3.93
CA GLY A 41 -11.73 -7.86 4.72
C GLY A 41 -10.88 -8.97 4.05
N GLU A 42 -9.68 -8.65 3.52
CA GLU A 42 -8.70 -9.65 3.02
C GLU A 42 -8.15 -10.51 4.21
N ASN A 43 -8.09 -11.83 3.99
CA ASN A 43 -7.83 -12.82 5.08
C ASN A 43 -6.32 -12.87 5.52
N LEU A 44 -6.08 -12.02 6.52
CA LEU A 44 -4.81 -11.95 7.29
C LEU A 44 -5.11 -11.79 8.81
N THR A 45 -4.15 -12.24 9.64
CA THR A 45 -4.12 -11.95 11.10
C THR A 45 -3.31 -10.63 11.33
N ASP A 46 -3.56 -9.95 12.46
CA ASP A 46 -2.71 -8.81 12.93
C ASP A 46 -1.21 -9.17 13.24
N GLU A 47 -0.87 -10.44 13.57
CA GLU A 47 0.51 -10.95 13.65
C GLU A 47 1.29 -10.98 12.29
N GLU A 48 0.65 -11.46 11.20
CA GLU A 48 1.20 -11.34 9.81
C GLU A 48 1.48 -9.88 9.35
N LEU A 49 0.50 -8.98 9.53
CA LEU A 49 0.63 -7.53 9.21
C LEU A 49 1.65 -6.76 10.15
N GLN A 50 1.83 -7.14 11.44
CA GLN A 50 2.95 -6.66 12.31
C GLN A 50 4.36 -7.13 11.79
N GLU A 51 4.49 -8.39 11.35
CA GLU A 51 5.70 -8.89 10.64
C GLU A 51 6.04 -8.13 9.32
N MET A 52 5.03 -7.75 8.53
CA MET A 52 5.20 -6.83 7.37
C MET A 52 5.80 -5.45 7.75
N ILE A 53 5.22 -4.71 8.71
CA ILE A 53 5.75 -3.36 9.13
C ILE A 53 7.21 -3.37 9.71
N ASP A 54 7.55 -4.37 10.54
CA ASP A 54 8.95 -4.64 10.99
C ASP A 54 9.94 -4.98 9.83
N GLU A 55 9.55 -5.81 8.82
CA GLU A 55 10.30 -6.05 7.57
C GLU A 55 10.68 -4.79 6.73
N ALA A 56 9.69 -3.91 6.45
CA ALA A 56 9.88 -2.70 5.61
C ALA A 56 11.07 -1.76 5.97
N ASP A 57 11.27 -1.49 7.27
CA ASP A 57 12.37 -0.61 7.76
C ASP A 57 13.05 -1.15 9.06
N ARG A 58 13.58 -2.40 9.01
CA ARG A 58 14.14 -3.14 10.18
C ARG A 58 15.17 -2.39 11.02
N ASP A 59 16.30 -2.11 10.37
CA ASP A 59 17.35 -1.22 10.90
C ASP A 59 16.98 0.29 11.05
N GLY A 60 16.00 0.85 10.29
CA GLY A 60 15.80 2.32 10.25
C GLY A 60 14.96 2.90 11.41
N ASP A 61 13.63 2.67 11.47
CA ASP A 61 12.73 3.36 12.43
C ASP A 61 11.39 2.60 12.63
N GLY A 62 10.61 2.38 11.56
CA GLY A 62 9.22 1.86 11.68
C GLY A 62 8.24 2.32 10.57
N GLU A 63 8.21 3.62 10.22
CA GLU A 63 7.15 4.18 9.33
C GLU A 63 7.58 4.12 7.84
N VAL A 64 6.57 3.87 6.99
CA VAL A 64 6.71 3.52 5.56
C VAL A 64 6.52 4.75 4.63
N SER A 65 7.04 4.61 3.40
CA SER A 65 7.06 5.66 2.35
C SER A 65 6.25 5.13 1.11
N GLU A 66 6.03 6.00 0.11
CA GLU A 66 5.35 5.67 -1.20
C GLU A 66 5.78 4.34 -1.90
N GLN A 67 7.11 4.10 -1.89
CA GLN A 67 7.77 2.85 -2.33
C GLN A 67 7.31 1.48 -1.72
N GLU A 68 6.55 1.38 -0.62
CA GLU A 68 6.05 0.05 -0.14
C GLU A 68 4.72 -0.43 -0.78
N PHE A 69 3.60 0.33 -0.75
CA PHE A 69 2.40 -0.06 -1.59
C PHE A 69 2.76 -0.01 -3.11
N LEU A 70 3.37 1.08 -3.60
CA LEU A 70 3.78 1.17 -5.03
C LEU A 70 4.95 0.23 -5.44
N ARG A 71 6.06 0.23 -4.69
CA ARG A 71 7.26 -0.57 -5.04
C ARG A 71 7.18 -2.08 -4.72
N ILE A 72 6.53 -2.51 -3.61
CA ILE A 72 6.27 -3.96 -3.37
C ILE A 72 5.12 -4.48 -4.35
N MET A 73 4.05 -3.73 -4.71
CA MET A 73 3.12 -4.17 -5.79
C MET A 73 3.77 -4.34 -7.21
N LYS A 74 4.60 -3.39 -7.67
CA LYS A 74 5.21 -3.41 -9.02
C LYS A 74 6.21 -4.56 -9.27
N LYS A 75 7.40 -4.50 -8.64
CA LYS A 75 8.48 -5.49 -8.85
C LYS A 75 8.21 -6.80 -8.07
N THR A 76 8.15 -7.92 -8.82
CA THR A 76 8.01 -9.29 -8.27
C THR A 76 9.37 -10.02 -8.48
N SER A 77 9.95 -10.52 -7.39
CA SER A 77 11.13 -11.44 -7.43
C SER A 77 10.64 -12.90 -7.63
N LEU A 78 10.69 -13.37 -8.89
CA LEU A 78 10.07 -14.64 -9.31
C LEU A 78 11.04 -15.84 -9.10
N TYR A 79 10.79 -16.46 -7.95
CA TYR A 79 11.59 -17.58 -7.41
C TYR A 79 10.62 -18.61 -6.81
N ASN B 1 3.62 -11.24 4.25
CA ASN B 1 3.57 -11.02 2.79
C ASN B 1 2.97 -9.61 2.51
N TRP B 2 3.85 -8.64 2.21
CA TRP B 2 3.42 -7.30 1.69
C TRP B 2 2.76 -7.31 0.27
N LYS B 3 3.11 -8.23 -0.65
CA LYS B 3 2.39 -8.39 -1.95
C LYS B 3 0.90 -8.84 -1.80
N LEU B 4 0.60 -9.83 -0.93
CA LEU B 4 -0.80 -10.21 -0.56
C LEU B 4 -1.64 -9.05 0.08
N LEU B 5 -1.08 -8.28 1.04
CA LEU B 5 -1.70 -7.02 1.55
C LEU B 5 -1.73 -5.88 0.48
N ALA B 6 -0.75 -5.77 -0.45
CA ALA B 6 -0.80 -4.85 -1.61
C ALA B 6 -1.95 -5.11 -2.63
N LYS B 7 -2.38 -6.37 -2.86
CA LYS B 7 -3.64 -6.70 -3.59
C LYS B 7 -4.92 -6.29 -2.79
N GLY B 8 -4.95 -6.76 -1.52
CA GLY B 8 -5.91 -6.30 -0.49
C GLY B 8 -6.14 -4.77 -0.42
N LEU B 9 -5.07 -3.94 -0.53
CA LEU B 9 -5.23 -2.47 -0.76
C LEU B 9 -5.20 -1.99 -2.25
N LEU B 10 -4.87 -2.83 -3.25
CA LEU B 10 -5.14 -2.59 -4.72
C LEU B 10 -6.67 -2.38 -5.00
N ILE B 11 -7.56 -2.81 -4.06
CA ILE B 11 -8.98 -2.33 -3.90
C ILE B 11 -9.33 -0.81 -4.22
N ARG B 12 -8.29 0.04 -4.38
CA ARG B 12 -8.32 1.53 -4.49
C ARG B 12 -9.57 2.25 -5.08
N GLU B 13 -10.10 1.72 -6.19
CA GLU B 13 -11.32 2.24 -6.85
C GLU B 13 -12.58 1.54 -6.27
N ARG B 14 -13.55 2.35 -5.80
CA ARG B 14 -14.87 1.85 -5.35
C ARG B 14 -15.83 1.66 -6.55
N LEU B 15 -16.21 0.40 -6.81
CA LEU B 15 -17.13 0.06 -7.93
C LEU B 15 -18.61 0.14 -7.44
N LYS B 16 -19.38 1.07 -8.04
CA LYS B 16 -20.81 1.27 -7.69
C LYS B 16 -21.70 0.46 -8.65
N ARG B 17 -22.13 -0.74 -8.21
CA ARG B 17 -23.00 -1.64 -9.02
C ARG B 17 -24.50 -1.29 -8.86
N THR A 1 13.64 9.69 -28.11
CA THR A 1 12.80 9.46 -26.90
C THR A 1 13.29 8.18 -26.16
N GLN A 2 13.51 8.32 -24.84
CA GLN A 2 13.93 7.19 -23.96
C GLN A 2 12.71 6.35 -23.46
N LYS A 3 11.73 6.96 -22.76
CA LYS A 3 10.56 6.23 -22.25
C LYS A 3 9.55 7.21 -21.62
N MET A 4 8.49 7.57 -22.38
CA MET A 4 7.44 8.52 -21.92
C MET A 4 6.36 7.78 -21.08
N SER A 5 6.08 8.31 -19.87
CA SER A 5 5.01 7.79 -18.98
C SER A 5 3.62 8.41 -19.34
N GLU A 6 2.56 7.58 -19.31
CA GLU A 6 1.18 8.02 -19.69
C GLU A 6 0.51 8.97 -18.66
N LYS A 7 0.36 8.60 -17.38
CA LYS A 7 -0.22 9.51 -16.39
C LYS A 7 -1.22 8.83 -15.42
N ASP A 8 -2.39 8.45 -15.93
CA ASP A 8 -3.54 7.95 -15.10
C ASP A 8 -3.30 6.66 -14.25
N THR A 9 -2.45 5.71 -14.69
CA THR A 9 -2.00 4.55 -13.85
C THR A 9 -1.21 4.99 -12.57
N LYS A 10 -0.15 5.82 -12.72
CA LYS A 10 0.55 6.48 -11.57
C LYS A 10 -0.32 7.34 -10.62
N GLU A 11 -1.23 8.17 -11.16
CA GLU A 11 -2.28 8.89 -10.37
C GLU A 11 -3.18 7.98 -9.48
N GLU A 12 -3.69 6.86 -10.04
CA GLU A 12 -4.49 5.85 -9.28
C GLU A 12 -3.74 5.15 -8.12
N ILE A 13 -2.56 4.52 -8.36
CA ILE A 13 -1.77 3.87 -7.26
C ILE A 13 -1.25 4.86 -6.15
N LEU A 14 -0.81 6.10 -6.50
CA LEU A 14 -0.52 7.19 -5.52
C LEU A 14 -1.77 7.62 -4.68
N LYS A 15 -2.96 7.79 -5.29
CA LYS A 15 -4.25 7.97 -4.56
C LYS A 15 -4.67 6.82 -3.60
N ALA A 16 -4.34 5.54 -3.90
CA ALA A 16 -4.48 4.41 -2.95
C ALA A 16 -3.52 4.45 -1.71
N PHE A 17 -2.22 4.81 -1.88
CA PHE A 17 -1.33 5.17 -0.73
C PHE A 17 -1.92 6.41 0.07
N LYS A 18 -2.59 7.39 -0.59
CA LYS A 18 -3.44 8.41 0.07
C LYS A 18 -4.69 7.83 0.84
N LEU A 19 -5.29 6.70 0.39
CA LEU A 19 -6.27 5.90 1.22
C LEU A 19 -5.62 5.46 2.56
N PHE A 20 -4.33 5.00 2.59
CA PHE A 20 -3.61 4.88 3.90
C PHE A 20 -3.49 6.28 4.64
N ASP A 21 -2.95 7.31 3.94
CA ASP A 21 -2.52 8.61 4.51
C ASP A 21 -3.70 9.61 4.71
N ASP A 22 -4.33 9.51 5.89
CA ASP A 22 -5.60 10.24 6.23
C ASP A 22 -5.38 11.77 6.43
N ASP A 23 -4.41 12.19 7.28
CA ASP A 23 -4.00 13.63 7.36
C ASP A 23 -3.16 14.20 6.17
N GLU A 24 -2.93 13.44 5.08
CA GLU A 24 -2.32 13.93 3.80
C GLU A 24 -0.96 14.68 3.94
N THR A 25 0.09 13.91 4.28
CA THR A 25 1.48 14.42 4.45
C THR A 25 2.48 13.54 3.63
N GLY A 26 2.51 12.20 3.85
CA GLY A 26 3.33 11.26 3.07
C GLY A 26 4.14 10.21 3.88
N LYS A 27 3.58 9.67 4.98
CA LYS A 27 4.25 8.65 5.84
C LYS A 27 3.17 7.94 6.68
N ILE A 28 3.25 6.60 6.82
CA ILE A 28 2.12 5.78 7.38
C ILE A 28 2.54 4.62 8.36
N SER A 29 1.51 3.98 8.98
CA SER A 29 1.65 3.01 10.09
C SER A 29 0.77 1.72 9.89
N PHE A 30 1.04 0.70 10.74
CA PHE A 30 0.23 -0.55 10.91
C PHE A 30 -1.31 -0.47 10.70
N LYS A 31 -1.96 0.44 11.46
CA LYS A 31 -3.42 0.62 11.45
C LYS A 31 -4.01 1.16 10.13
N ASN A 32 -3.32 2.09 9.44
CA ASN A 32 -3.74 2.53 8.07
C ASN A 32 -3.81 1.36 7.04
N LEU A 33 -2.77 0.47 7.00
CA LEU A 33 -2.77 -0.83 6.24
C LEU A 33 -4.10 -1.61 6.53
N LYS A 34 -4.30 -2.05 7.79
CA LYS A 34 -5.53 -2.69 8.26
C LYS A 34 -6.87 -1.91 8.18
N ARG A 35 -6.85 -0.58 8.04
CA ARG A 35 -8.05 0.27 8.23
C ARG A 35 -8.87 0.34 6.96
N VAL A 36 -8.24 0.93 5.94
CA VAL A 36 -8.78 0.87 4.57
C VAL A 36 -8.75 -0.56 3.94
N ALA A 37 -7.72 -1.40 4.19
CA ALA A 37 -7.81 -2.87 3.82
C ALA A 37 -8.87 -3.65 4.66
N LYS A 38 -9.06 -3.19 5.90
CA LYS A 38 -10.14 -3.67 6.81
C LYS A 38 -11.61 -3.39 6.38
N GLU A 39 -11.90 -2.29 5.66
CA GLU A 39 -13.22 -2.05 4.99
C GLU A 39 -13.71 -3.23 4.09
N LEU A 40 -12.81 -3.77 3.24
CA LEU A 40 -13.02 -5.05 2.49
C LEU A 40 -13.29 -6.28 3.41
N GLY A 41 -12.38 -6.55 4.36
CA GLY A 41 -12.39 -7.78 5.18
C GLY A 41 -11.61 -9.00 4.59
N GLU A 42 -10.40 -8.78 4.03
CA GLU A 42 -9.49 -9.88 3.61
C GLU A 42 -8.84 -10.53 4.86
N ASN A 43 -8.99 -11.86 4.96
CA ASN A 43 -8.66 -12.63 6.20
C ASN A 43 -7.15 -12.95 6.33
N LEU A 44 -6.49 -12.01 7.00
CA LEU A 44 -5.09 -12.12 7.50
C LEU A 44 -5.08 -12.06 9.05
N THR A 45 -4.07 -12.71 9.66
CA THR A 45 -3.79 -12.56 11.12
C THR A 45 -2.94 -11.28 11.38
N ASP A 46 -3.00 -10.75 12.61
CA ASP A 46 -2.07 -9.67 13.05
C ASP A 46 -0.56 -10.10 13.16
N GLU A 47 -0.23 -11.41 13.23
CA GLU A 47 1.13 -11.95 13.09
C GLU A 47 1.78 -11.67 11.70
N GLU A 48 1.06 -11.95 10.58
CA GLU A 48 1.53 -11.50 9.23
C GLU A 48 1.63 -9.95 9.07
N LEU A 49 0.61 -9.21 9.54
CA LEU A 49 0.59 -7.72 9.63
C LEU A 49 1.81 -7.04 10.38
N GLN A 50 2.15 -7.57 11.58
CA GLN A 50 3.38 -7.18 12.35
C GLN A 50 4.72 -7.56 11.64
N GLU A 51 4.81 -8.76 11.05
CA GLU A 51 5.96 -9.15 10.16
C GLU A 51 6.15 -8.27 8.89
N MET A 52 5.06 -7.77 8.27
CA MET A 52 5.13 -6.75 7.19
C MET A 52 5.78 -5.43 7.68
N ILE A 53 5.22 -4.77 8.71
CA ILE A 53 5.74 -3.45 9.19
C ILE A 53 7.22 -3.46 9.71
N ASP A 54 7.60 -4.50 10.47
CA ASP A 54 9.04 -4.76 10.84
C ASP A 54 9.96 -5.11 9.62
N GLU A 55 9.48 -5.87 8.61
CA GLU A 55 10.18 -6.09 7.33
C GLU A 55 10.52 -4.79 6.52
N ALA A 56 9.58 -3.85 6.36
CA ALA A 56 9.83 -2.51 5.80
C ALA A 56 10.78 -1.59 6.65
N ASP A 57 10.58 -1.53 7.99
CA ASP A 57 11.39 -0.66 8.87
C ASP A 57 12.50 -1.46 9.62
N ARG A 58 13.41 -2.06 8.83
CA ARG A 58 14.46 -3.02 9.32
C ARG A 58 15.39 -2.51 10.43
N ASP A 59 16.09 -1.41 10.10
CA ASP A 59 16.85 -0.61 11.11
C ASP A 59 15.95 0.00 12.24
N GLY A 60 14.71 0.41 11.93
CA GLY A 60 13.82 1.08 12.91
C GLY A 60 13.87 2.63 12.86
N ASP A 61 13.58 3.26 11.69
CA ASP A 61 13.37 4.75 11.60
C ASP A 61 12.06 5.22 12.31
N GLY A 62 10.91 4.64 11.93
CA GLY A 62 9.60 5.12 12.41
C GLY A 62 8.41 4.78 11.48
N GLU A 63 8.46 5.19 10.20
CA GLU A 63 7.28 5.13 9.29
C GLU A 63 7.65 4.72 7.83
N VAL A 64 6.59 4.29 7.11
CA VAL A 64 6.68 3.79 5.70
C VAL A 64 6.45 4.96 4.69
N SER A 65 6.89 4.72 3.44
CA SER A 65 6.87 5.72 2.34
C SER A 65 6.05 5.19 1.13
N GLU A 66 5.82 6.08 0.14
CA GLU A 66 5.16 5.75 -1.17
C GLU A 66 5.59 4.42 -1.88
N GLN A 67 6.90 4.16 -1.85
CA GLN A 67 7.53 2.87 -2.26
C GLN A 67 7.00 1.53 -1.67
N GLU A 68 6.28 1.47 -0.53
CA GLU A 68 5.74 0.17 -0.02
C GLU A 68 4.41 -0.28 -0.66
N PHE A 69 3.30 0.48 -0.62
CA PHE A 69 2.08 0.10 -1.44
C PHE A 69 2.41 0.14 -2.95
N LEU A 70 3.03 1.22 -3.48
CA LEU A 70 3.38 1.29 -4.93
C LEU A 70 4.53 0.33 -5.36
N ARG A 71 5.66 0.32 -4.64
CA ARG A 71 6.83 -0.49 -5.01
C ARG A 71 6.73 -2.02 -4.74
N ILE A 72 6.08 -2.46 -3.63
CA ILE A 72 5.76 -3.90 -3.45
C ILE A 72 4.60 -4.36 -4.40
N MET A 73 3.53 -3.58 -4.68
CA MET A 73 2.53 -3.90 -5.75
C MET A 73 3.14 -4.16 -7.17
N LYS A 74 4.06 -3.29 -7.66
CA LYS A 74 4.70 -3.49 -8.98
C LYS A 74 5.73 -4.65 -9.03
N LYS A 75 6.88 -4.45 -8.39
CA LYS A 75 7.98 -5.45 -8.22
C LYS A 75 8.41 -6.20 -9.53
N THR A 76 9.46 -5.70 -10.18
CA THR A 76 10.02 -6.30 -11.42
C THR A 76 10.96 -7.49 -11.03
N SER A 77 10.66 -8.69 -11.56
CA SER A 77 11.50 -9.90 -11.35
C SER A 77 12.66 -9.92 -12.38
N LEU A 78 13.85 -9.47 -11.93
CA LEU A 78 15.02 -9.26 -12.79
C LEU A 78 15.90 -10.54 -12.87
N TYR A 79 15.51 -11.33 -13.86
CA TYR A 79 16.22 -12.53 -14.37
C TYR A 79 16.32 -13.66 -13.32
N ASN B 1 3.70 -10.78 4.37
CA ASN B 1 3.55 -10.66 2.90
C ASN B 1 2.89 -9.29 2.57
N TRP B 2 3.73 -8.29 2.21
CA TRP B 2 3.24 -7.00 1.65
C TRP B 2 2.59 -7.08 0.24
N LYS B 3 2.90 -8.08 -0.62
CA LYS B 3 2.15 -8.33 -1.87
C LYS B 3 0.68 -8.80 -1.68
N LEU B 4 0.40 -9.72 -0.72
CA LEU B 4 -1.00 -10.07 -0.31
C LEU B 4 -1.82 -8.87 0.27
N LEU B 5 -1.26 -8.07 1.20
CA LEU B 5 -1.88 -6.79 1.65
C LEU B 5 -1.87 -5.64 0.57
N ALA B 6 -0.96 -5.65 -0.44
CA ALA B 6 -1.00 -4.74 -1.61
C ALA B 6 -2.15 -5.00 -2.60
N LYS B 7 -2.56 -6.26 -2.88
CA LYS B 7 -3.83 -6.56 -3.62
C LYS B 7 -5.10 -6.21 -2.80
N GLY B 8 -5.11 -6.74 -1.54
CA GLY B 8 -6.08 -6.34 -0.49
C GLY B 8 -6.34 -4.82 -0.32
N LEU B 9 -5.29 -3.96 -0.42
CA LEU B 9 -5.47 -2.49 -0.54
C LEU B 9 -5.47 -1.92 -2.00
N LEU B 10 -5.12 -2.69 -3.06
CA LEU B 10 -5.40 -2.36 -4.51
C LEU B 10 -6.94 -2.20 -4.80
N ILE B 11 -7.80 -2.73 -3.89
CA ILE B 11 -9.25 -2.38 -3.71
C ILE B 11 -9.71 -0.88 -3.96
N ARG B 12 -8.76 0.07 -4.07
CA ARG B 12 -8.97 1.55 -4.07
C ARG B 12 -10.28 2.15 -4.66
N GLU B 13 -10.66 1.71 -5.88
CA GLU B 13 -11.87 2.16 -6.62
C GLU B 13 -11.74 3.63 -7.13
N ARG B 14 -11.64 3.80 -8.47
CA ARG B 14 -11.72 5.13 -9.11
C ARG B 14 -11.50 4.97 -10.63
N LEU B 15 -12.58 4.65 -11.36
CA LEU B 15 -12.55 4.45 -12.83
C LEU B 15 -13.88 5.01 -13.41
N LYS B 16 -13.78 5.97 -14.35
CA LYS B 16 -14.97 6.56 -14.99
C LYS B 16 -14.55 7.73 -15.91
N ARG B 17 -14.71 7.53 -17.22
CA ARG B 17 -14.33 8.54 -18.25
C ARG B 17 -15.50 9.51 -18.51
N THR A 1 -13.39 10.97 -22.81
CA THR A 1 -12.19 10.35 -22.21
C THR A 1 -11.14 10.13 -23.33
N GLN A 2 -9.95 10.77 -23.19
CA GLN A 2 -8.85 10.66 -24.17
C GLN A 2 -7.94 9.42 -23.86
N LYS A 3 -7.17 9.44 -22.75
CA LYS A 3 -6.33 8.30 -22.38
C LYS A 3 -4.84 8.70 -22.32
N MET A 4 -4.36 9.08 -21.13
CA MET A 4 -2.94 9.45 -20.89
C MET A 4 -2.24 8.26 -20.18
N SER A 5 -1.37 7.56 -20.93
CA SER A 5 -0.63 6.37 -20.40
C SER A 5 0.65 6.78 -19.63
N GLU A 6 0.88 6.09 -18.50
CA GLU A 6 1.92 6.48 -17.50
C GLU A 6 1.39 7.52 -16.47
N LYS A 7 0.72 8.61 -16.93
CA LYS A 7 0.15 9.65 -16.03
C LYS A 7 -1.03 9.16 -15.17
N ASP A 8 -2.16 8.79 -15.81
CA ASP A 8 -3.36 8.24 -15.12
C ASP A 8 -3.13 6.96 -14.24
N THR A 9 -2.29 6.01 -14.68
CA THR A 9 -1.88 4.83 -13.85
C THR A 9 -1.12 5.20 -12.52
N LYS A 10 -0.04 6.01 -12.59
CA LYS A 10 0.65 6.57 -11.39
C LYS A 10 -0.23 7.41 -10.41
N GLU A 11 -1.09 8.30 -10.94
CA GLU A 11 -2.15 9.01 -10.15
C GLU A 11 -3.15 8.08 -9.38
N GLU A 12 -3.62 7.00 -10.02
CA GLU A 12 -4.46 5.95 -9.37
C GLU A 12 -3.78 5.21 -8.18
N ILE A 13 -2.65 4.51 -8.41
CA ILE A 13 -1.91 3.80 -7.30
C ILE A 13 -1.43 4.74 -6.14
N LEU A 14 -0.97 5.99 -6.40
CA LEU A 14 -0.74 7.00 -5.33
C LEU A 14 -2.03 7.45 -4.58
N LYS A 15 -3.19 7.59 -5.25
CA LYS A 15 -4.50 7.77 -4.57
C LYS A 15 -4.91 6.65 -3.57
N ALA A 16 -4.60 5.37 -3.88
CA ALA A 16 -4.72 4.25 -2.90
C ALA A 16 -3.73 4.32 -1.68
N PHE A 17 -2.43 4.66 -1.89
CA PHE A 17 -1.50 5.05 -0.77
C PHE A 17 -2.05 6.31 0.01
N LYS A 18 -2.77 7.27 -0.64
CA LYS A 18 -3.57 8.32 0.03
C LYS A 18 -4.78 7.78 0.87
N LEU A 19 -5.43 6.65 0.48
CA LEU A 19 -6.39 5.90 1.38
C LEU A 19 -5.67 5.43 2.68
N PHE A 20 -4.40 4.93 2.63
CA PHE A 20 -3.58 4.75 3.86
C PHE A 20 -3.37 6.10 4.67
N ASP A 21 -3.05 7.23 4.00
CA ASP A 21 -2.57 8.47 4.65
C ASP A 21 -3.67 9.45 5.19
N ASP A 22 -4.59 8.96 6.05
CA ASP A 22 -5.61 9.77 6.78
C ASP A 22 -4.89 10.62 7.87
N ASP A 23 -4.53 11.82 7.40
CA ASP A 23 -3.60 12.78 8.02
C ASP A 23 -2.21 12.24 8.51
N GLU A 24 -1.57 11.32 7.75
CA GLU A 24 -0.15 10.92 8.02
C GLU A 24 0.98 11.71 7.26
N THR A 25 0.64 12.75 6.47
CA THR A 25 1.59 13.71 5.81
C THR A 25 2.72 13.03 4.94
N GLY A 26 2.37 12.00 4.14
CA GLY A 26 3.33 11.24 3.30
C GLY A 26 4.00 9.97 3.87
N LYS A 27 3.90 9.69 5.19
CA LYS A 27 4.45 8.43 5.80
C LYS A 27 3.33 7.72 6.60
N ILE A 28 3.34 6.37 6.61
CA ILE A 28 2.15 5.57 7.12
C ILE A 28 2.47 4.44 8.17
N SER A 29 1.39 4.07 8.92
CA SER A 29 1.44 3.19 10.12
C SER A 29 0.49 1.94 10.08
N PHE A 30 0.81 0.95 10.96
CA PHE A 30 0.07 -0.34 11.19
C PHE A 30 -1.49 -0.35 11.10
N LYS A 31 -2.12 0.58 11.82
CA LYS A 31 -3.60 0.70 11.83
C LYS A 31 -4.23 1.16 10.50
N ASN A 32 -3.65 2.19 9.82
CA ASN A 32 -4.18 2.64 8.49
C ASN A 32 -4.07 1.52 7.39
N LEU A 33 -2.91 0.80 7.32
CA LEU A 33 -2.71 -0.48 6.58
C LEU A 33 -3.93 -1.44 6.76
N LYS A 34 -4.11 -1.95 7.99
CA LYS A 34 -5.30 -2.70 8.43
C LYS A 34 -6.70 -2.05 8.29
N ARG A 35 -6.81 -0.71 8.20
CA ARG A 35 -8.10 0.01 8.35
C ARG A 35 -8.89 0.01 7.07
N VAL A 36 -8.30 0.70 6.08
CA VAL A 36 -8.78 0.64 4.69
C VAL A 36 -8.61 -0.76 4.02
N ALA A 37 -7.47 -1.49 4.24
CA ALA A 37 -7.41 -2.92 3.81
C ALA A 37 -8.36 -3.88 4.60
N LYS A 38 -8.66 -3.48 5.84
CA LYS A 38 -9.71 -4.11 6.70
C LYS A 38 -11.19 -3.94 6.25
N GLU A 39 -11.56 -2.83 5.56
CA GLU A 39 -12.89 -2.69 4.88
C GLU A 39 -13.28 -3.87 3.95
N LEU A 40 -12.33 -4.32 3.10
CA LEU A 40 -12.43 -5.60 2.34
C LEU A 40 -12.50 -6.85 3.28
N GLY A 41 -11.46 -7.03 4.14
CA GLY A 41 -11.26 -8.27 4.90
C GLY A 41 -10.42 -9.35 4.16
N GLU A 42 -9.28 -8.98 3.55
CA GLU A 42 -8.28 -9.94 3.00
C GLU A 42 -7.63 -10.73 4.18
N ASN A 43 -7.64 -12.08 4.03
CA ASN A 43 -7.32 -13.03 5.14
C ASN A 43 -5.82 -13.03 5.62
N LEU A 44 -5.55 -12.07 6.51
CA LEU A 44 -4.30 -11.97 7.30
C LEU A 44 -4.67 -11.65 8.78
N THR A 45 -3.87 -12.20 9.70
CA THR A 45 -3.92 -11.83 11.14
C THR A 45 -3.09 -10.52 11.39
N ASP A 46 -3.36 -9.82 12.51
CA ASP A 46 -2.49 -8.69 12.98
C ASP A 46 -1.02 -9.10 13.32
N GLU A 47 -0.72 -10.35 13.71
CA GLU A 47 0.63 -10.92 13.81
C GLU A 47 1.42 -11.00 12.46
N GLU A 48 0.79 -11.45 11.35
CA GLU A 48 1.41 -11.40 10.01
C GLU A 48 1.59 -9.96 9.44
N LEU A 49 0.59 -9.07 9.55
CA LEU A 49 0.74 -7.62 9.20
C LEU A 49 1.81 -6.86 10.08
N GLN A 50 2.04 -7.26 11.37
CA GLN A 50 3.23 -6.80 12.17
C GLN A 50 4.59 -7.31 11.57
N GLU A 51 4.66 -8.59 11.12
CA GLU A 51 5.79 -9.15 10.34
C GLU A 51 6.14 -8.41 9.01
N MET A 52 5.13 -7.90 8.28
CA MET A 52 5.33 -6.97 7.14
C MET A 52 5.95 -5.62 7.58
N ILE A 53 5.34 -4.91 8.56
CA ILE A 53 5.82 -3.55 8.98
C ILE A 53 7.26 -3.51 9.59
N ASP A 54 7.57 -4.47 10.47
CA ASP A 54 8.95 -4.73 10.97
C ASP A 54 9.90 -5.29 9.87
N GLU A 55 9.42 -6.17 8.96
CA GLU A 55 10.17 -6.69 7.79
C GLU A 55 10.87 -5.64 6.90
N ALA A 56 10.11 -4.65 6.40
CA ALA A 56 10.63 -3.73 5.35
C ALA A 56 11.56 -2.58 5.83
N ASP A 57 11.25 -1.92 6.97
CA ASP A 57 12.04 -0.73 7.45
C ASP A 57 12.75 -0.96 8.83
N ARG A 58 13.41 -2.13 8.99
CA ARG A 58 14.02 -2.60 10.27
C ARG A 58 14.99 -1.61 10.95
N ASP A 59 16.09 -1.38 10.24
CA ASP A 59 17.06 -0.32 10.57
C ASP A 59 16.58 1.17 10.41
N GLY A 60 15.49 1.47 9.67
CA GLY A 60 15.16 2.87 9.31
C GLY A 60 14.48 3.68 10.45
N ASP A 61 13.18 3.45 10.76
CA ASP A 61 12.41 4.34 11.67
C ASP A 61 11.11 3.66 12.20
N GLY A 62 10.24 3.17 11.31
CA GLY A 62 8.88 2.73 11.67
C GLY A 62 7.86 2.97 10.54
N GLU A 63 7.68 4.25 10.12
CA GLU A 63 6.64 4.63 9.12
C GLU A 63 7.25 4.66 7.70
N VAL A 64 6.42 4.20 6.74
CA VAL A 64 6.84 3.88 5.37
C VAL A 64 6.54 5.04 4.35
N SER A 65 6.97 4.85 3.08
CA SER A 65 6.83 5.86 2.00
C SER A 65 5.93 5.29 0.85
N GLU A 66 5.63 6.17 -0.13
CA GLU A 66 4.95 5.79 -1.42
C GLU A 66 5.43 4.46 -2.11
N GLN A 67 6.76 4.28 -2.11
CA GLN A 67 7.47 3.05 -2.53
C GLN A 67 7.03 1.67 -1.93
N GLU A 68 6.29 1.58 -0.80
CA GLU A 68 5.84 0.24 -0.29
C GLU A 68 4.51 -0.29 -0.86
N PHE A 69 3.36 0.43 -0.79
CA PHE A 69 2.13 -0.01 -1.57
C PHE A 69 2.42 0.03 -3.09
N LEU A 70 3.00 1.13 -3.64
CA LEU A 70 3.35 1.21 -5.08
C LEU A 70 4.54 0.33 -5.52
N ARG A 71 5.67 0.33 -4.80
CA ARG A 71 6.88 -0.44 -5.19
C ARG A 71 6.84 -1.95 -4.90
N ILE A 72 6.25 -2.42 -3.77
CA ILE A 72 6.00 -3.88 -3.59
C ILE A 72 4.87 -4.38 -4.58
N MET A 73 3.76 -3.63 -4.84
CA MET A 73 2.80 -3.98 -5.94
C MET A 73 3.43 -4.13 -7.38
N LYS A 74 4.28 -3.18 -7.82
CA LYS A 74 4.74 -3.09 -9.22
C LYS A 74 5.75 -4.17 -9.66
N LYS A 75 7.00 -4.08 -9.18
CA LYS A 75 8.13 -4.90 -9.67
C LYS A 75 8.11 -6.33 -9.06
N THR A 76 7.91 -7.34 -9.92
CA THR A 76 8.04 -8.78 -9.55
C THR A 76 8.84 -9.46 -10.70
N SER A 77 10.18 -9.62 -10.53
CA SER A 77 11.01 -10.40 -11.50
C SER A 77 11.30 -11.85 -11.01
N LEU A 78 10.25 -12.68 -10.95
CA LEU A 78 10.30 -14.08 -10.45
C LEU A 78 9.03 -14.84 -10.92
N TYR A 79 9.06 -15.17 -12.22
CA TYR A 79 8.08 -16.01 -12.96
C TYR A 79 6.59 -15.59 -12.81
N ASN B 1 2.99 -11.54 3.58
CA ASN B 1 3.75 -10.81 2.53
C ASN B 1 3.09 -9.44 2.23
N TRP B 2 3.94 -8.44 1.91
CA TRP B 2 3.49 -7.12 1.35
C TRP B 2 2.82 -7.20 -0.07
N LYS B 3 3.08 -8.24 -0.89
CA LYS B 3 2.32 -8.50 -2.14
C LYS B 3 0.85 -8.97 -1.89
N LEU B 4 0.63 -9.90 -0.92
CA LEU B 4 -0.74 -10.24 -0.42
C LEU B 4 -1.53 -9.03 0.18
N LEU B 5 -0.89 -8.19 1.02
CA LEU B 5 -1.41 -6.88 1.49
C LEU B 5 -1.53 -5.80 0.35
N ALA B 6 -0.69 -5.84 -0.72
CA ALA B 6 -0.87 -5.02 -1.94
C ALA B 6 -2.18 -5.35 -2.72
N LYS B 7 -2.62 -6.63 -2.82
CA LYS B 7 -4.00 -6.98 -3.28
C LYS B 7 -5.13 -6.42 -2.34
N GLY B 8 -4.94 -6.78 -1.04
CA GLY B 8 -5.68 -6.23 0.11
C GLY B 8 -6.06 -4.75 0.05
N LEU B 9 -5.10 -3.83 -0.17
CA LEU B 9 -5.45 -2.41 -0.50
C LEU B 9 -5.50 -2.04 -2.03
N LEU B 10 -5.13 -2.91 -2.99
CA LEU B 10 -5.49 -2.77 -4.47
C LEU B 10 -7.03 -2.62 -4.71
N ILE B 11 -7.86 -3.03 -3.71
CA ILE B 11 -9.30 -2.60 -3.54
C ILE B 11 -9.70 -1.10 -3.88
N ARG B 12 -8.70 -0.21 -4.13
CA ARG B 12 -8.80 1.27 -4.29
C ARG B 12 -10.16 1.89 -4.80
N GLU B 13 -10.72 1.32 -5.87
CA GLU B 13 -11.86 1.90 -6.63
C GLU B 13 -13.15 2.17 -5.80
N ARG B 14 -13.75 3.35 -6.03
CA ARG B 14 -14.95 3.82 -5.30
C ARG B 14 -16.21 3.51 -6.12
N LEU B 15 -17.02 2.55 -5.66
CA LEU B 15 -18.16 2.01 -6.44
C LEU B 15 -19.42 2.95 -6.42
N LYS B 16 -19.99 3.26 -5.24
CA LYS B 16 -21.14 4.18 -5.13
C LYS B 16 -20.68 5.64 -4.99
N ARG B 17 -20.65 6.10 -3.73
CA ARG B 17 -20.30 7.50 -3.38
C ARG B 17 -18.77 7.60 -3.12
N THR A 1 6.72 18.40 -30.33
CA THR A 1 5.91 17.82 -29.22
C THR A 1 5.89 16.29 -29.44
N GLN A 2 6.67 15.56 -28.60
CA GLN A 2 6.76 14.07 -28.67
C GLN A 2 5.69 13.44 -27.72
N LYS A 3 5.94 13.41 -26.39
CA LYS A 3 4.93 12.91 -25.43
C LYS A 3 5.19 11.45 -25.04
N MET A 4 5.83 11.23 -23.87
CA MET A 4 6.10 9.87 -23.33
C MET A 4 5.78 9.92 -21.81
N SER A 5 4.58 9.43 -21.44
CA SER A 5 4.08 9.45 -20.03
C SER A 5 2.99 8.37 -19.82
N GLU A 6 2.94 7.81 -18.60
CA GLU A 6 1.83 6.90 -18.18
C GLU A 6 0.64 7.72 -17.61
N LYS A 7 0.69 8.32 -16.40
CA LYS A 7 -0.37 9.24 -15.95
C LYS A 7 -1.46 8.60 -15.08
N ASP A 8 -2.36 7.83 -15.71
CA ASP A 8 -3.61 7.33 -15.07
C ASP A 8 -3.39 6.16 -14.08
N THR A 9 -2.72 5.05 -14.48
CA THR A 9 -2.39 3.91 -13.56
C THR A 9 -1.44 4.30 -12.37
N LYS A 10 -0.31 4.98 -12.64
CA LYS A 10 0.59 5.53 -11.59
C LYS A 10 -0.05 6.57 -10.62
N GLU A 11 -0.85 7.52 -11.13
CA GLU A 11 -1.70 8.44 -10.30
C GLU A 11 -2.74 7.71 -9.37
N GLU A 12 -3.40 6.65 -9.86
CA GLU A 12 -4.32 5.79 -9.05
C GLU A 12 -3.66 5.01 -7.87
N ILE A 13 -2.51 4.33 -8.10
CA ILE A 13 -1.75 3.65 -6.99
C ILE A 13 -1.09 4.64 -5.96
N LEU A 14 -0.62 5.85 -6.37
CA LEU A 14 -0.21 6.94 -5.43
C LEU A 14 -1.41 7.48 -4.57
N LYS A 15 -2.57 7.74 -5.18
CA LYS A 15 -3.85 8.03 -4.45
C LYS A 15 -4.35 6.93 -3.47
N ALA A 16 -4.10 5.64 -3.77
CA ALA A 16 -4.32 4.50 -2.84
C ALA A 16 -3.35 4.46 -1.61
N PHE A 17 -2.04 4.81 -1.77
CA PHE A 17 -1.16 5.12 -0.59
C PHE A 17 -1.77 6.32 0.23
N LYS A 18 -2.41 7.34 -0.41
CA LYS A 18 -3.28 8.34 0.26
C LYS A 18 -4.56 7.74 0.95
N LEU A 19 -5.12 6.59 0.47
CA LEU A 19 -6.15 5.79 1.23
C LEU A 19 -5.55 5.33 2.60
N PHE A 20 -4.28 4.83 2.69
CA PHE A 20 -3.62 4.71 4.04
C PHE A 20 -3.46 6.14 4.72
N ASP A 21 -2.83 7.07 3.98
CA ASP A 21 -2.34 8.38 4.47
C ASP A 21 -3.37 9.57 4.31
N ASP A 22 -4.63 9.45 4.83
CA ASP A 22 -5.76 10.40 4.52
C ASP A 22 -5.41 11.86 4.94
N ASP A 23 -5.54 12.24 6.24
CA ASP A 23 -4.89 13.49 6.75
C ASP A 23 -3.59 13.09 7.53
N GLU A 24 -2.75 12.27 6.86
CA GLU A 24 -1.41 11.90 7.29
C GLU A 24 -0.61 12.35 6.05
N THR A 25 0.36 13.23 6.27
CA THR A 25 1.02 13.98 5.15
C THR A 25 2.39 13.40 4.65
N GLY A 26 2.53 12.06 4.61
CA GLY A 26 3.67 11.38 3.94
C GLY A 26 4.12 9.99 4.42
N LYS A 27 4.11 9.74 5.74
CA LYS A 27 4.59 8.45 6.33
C LYS A 27 3.42 7.73 7.07
N ILE A 28 3.40 6.39 7.02
CA ILE A 28 2.21 5.58 7.44
C ILE A 28 2.49 4.50 8.55
N SER A 29 1.38 4.09 9.20
CA SER A 29 1.40 3.17 10.38
C SER A 29 0.54 1.87 10.14
N PHE A 30 0.84 0.85 10.98
CA PHE A 30 0.10 -0.44 11.12
C PHE A 30 -1.46 -0.45 10.90
N LYS A 31 -2.15 0.45 11.63
CA LYS A 31 -3.63 0.57 11.57
C LYS A 31 -4.17 1.16 10.25
N ASN A 32 -3.51 2.18 9.66
CA ASN A 32 -3.91 2.73 8.32
C ASN A 32 -3.99 1.61 7.19
N LEU A 33 -2.93 0.76 7.10
CA LEU A 33 -2.88 -0.53 6.34
C LEU A 33 -4.16 -1.38 6.60
N LYS A 34 -4.33 -1.86 7.86
CA LYS A 34 -5.54 -2.56 8.32
C LYS A 34 -6.92 -1.86 8.16
N ARG A 35 -6.98 -0.52 8.03
CA ARG A 35 -8.25 0.27 8.16
C ARG A 35 -8.99 0.32 6.83
N VAL A 36 -8.34 0.94 5.85
CA VAL A 36 -8.84 0.84 4.45
C VAL A 36 -8.76 -0.62 3.87
N ALA A 37 -7.71 -1.43 4.20
CA ALA A 37 -7.75 -2.91 3.88
C ALA A 37 -8.86 -3.69 4.65
N LYS A 38 -9.21 -3.17 5.84
CA LYS A 38 -10.41 -3.63 6.61
C LYS A 38 -11.79 -3.38 5.91
N GLU A 39 -11.97 -2.23 5.23
CA GLU A 39 -13.14 -1.95 4.34
C GLU A 39 -13.53 -3.08 3.34
N LEU A 40 -12.54 -3.73 2.68
CA LEU A 40 -12.74 -4.98 1.89
C LEU A 40 -13.51 -6.13 2.63
N GLY A 41 -13.05 -6.49 3.83
CA GLY A 41 -13.51 -7.70 4.56
C GLY A 41 -12.42 -8.26 5.49
N GLU A 42 -11.17 -8.44 5.02
CA GLU A 42 -10.00 -8.76 5.89
C GLU A 42 -9.83 -10.30 6.06
N ASN A 43 -8.67 -10.82 5.59
CA ASN A 43 -8.25 -12.23 5.88
C ASN A 43 -6.74 -12.23 6.31
N LEU A 44 -6.53 -11.71 7.52
CA LEU A 44 -5.18 -11.43 8.09
C LEU A 44 -5.18 -11.74 9.60
N THR A 45 -4.05 -12.29 10.08
CA THR A 45 -3.76 -12.40 11.53
C THR A 45 -2.81 -11.20 11.87
N ASP A 46 -2.94 -10.59 13.05
CA ASP A 46 -2.03 -9.47 13.46
C ASP A 46 -0.50 -9.83 13.56
N GLU A 47 -0.12 -11.12 13.77
CA GLU A 47 1.26 -11.62 13.62
C GLU A 47 1.83 -11.50 12.18
N GLU A 48 1.05 -11.84 11.13
CA GLU A 48 1.41 -11.57 9.71
C GLU A 48 1.54 -10.05 9.39
N LEU A 49 0.49 -9.27 9.73
CA LEU A 49 0.47 -7.78 9.66
C LEU A 49 1.71 -7.03 10.30
N GLN A 50 2.09 -7.40 11.54
CA GLN A 50 3.35 -6.96 12.19
C GLN A 50 4.65 -7.40 11.45
N GLU A 51 4.70 -8.65 10.93
CA GLU A 51 5.77 -9.14 10.03
C GLU A 51 6.03 -8.30 8.76
N MET A 52 4.97 -7.86 8.03
CA MET A 52 5.13 -6.88 6.92
C MET A 52 5.72 -5.53 7.39
N ILE A 53 5.11 -4.87 8.40
CA ILE A 53 5.57 -3.51 8.84
C ILE A 53 7.01 -3.44 9.43
N ASP A 54 7.44 -4.49 10.18
CA ASP A 54 8.85 -4.68 10.60
C ASP A 54 9.82 -4.97 9.41
N GLU A 55 9.47 -5.82 8.41
CA GLU A 55 10.24 -5.99 7.16
C GLU A 55 10.61 -4.71 6.36
N ALA A 56 9.61 -3.86 6.07
CA ALA A 56 9.80 -2.62 5.25
C ALA A 56 10.97 -1.67 5.63
N ASP A 57 11.12 -1.37 6.93
CA ASP A 57 12.17 -0.45 7.45
C ASP A 57 12.79 -0.91 8.81
N ARG A 58 13.28 -2.16 8.84
CA ARG A 58 13.73 -2.87 10.08
C ARG A 58 14.66 -2.12 11.06
N ASP A 59 15.82 -1.77 10.49
CA ASP A 59 16.80 -0.87 11.15
C ASP A 59 16.50 0.66 11.04
N GLY A 60 15.70 1.10 10.03
CA GLY A 60 15.61 2.55 9.72
C GLY A 60 14.84 3.42 10.74
N ASP A 61 13.53 3.20 10.96
CA ASP A 61 12.69 4.14 11.75
C ASP A 61 11.38 3.46 12.26
N GLY A 62 10.54 2.90 11.36
CA GLY A 62 9.18 2.43 11.71
C GLY A 62 8.10 2.74 10.66
N GLU A 63 7.98 4.02 10.23
CA GLU A 63 6.90 4.48 9.32
C GLU A 63 7.35 4.38 7.84
N VAL A 64 6.37 4.03 7.00
CA VAL A 64 6.58 3.64 5.57
C VAL A 64 6.37 4.83 4.57
N SER A 65 6.97 4.64 3.38
CA SER A 65 6.98 5.65 2.30
C SER A 65 6.03 5.22 1.14
N GLU A 66 5.76 6.17 0.25
CA GLU A 66 5.04 5.94 -1.07
C GLU A 66 5.45 4.65 -1.86
N GLN A 67 6.77 4.43 -1.94
CA GLN A 67 7.41 3.21 -2.49
C GLN A 67 7.02 1.82 -1.92
N GLU A 68 6.33 1.65 -0.77
CA GLU A 68 5.89 0.29 -0.31
C GLU A 68 4.54 -0.18 -0.86
N PHE A 69 3.42 0.56 -0.73
CA PHE A 69 2.16 0.17 -1.49
C PHE A 69 2.44 0.25 -3.02
N LEU A 70 2.95 1.39 -3.55
CA LEU A 70 3.23 1.54 -5.00
C LEU A 70 4.45 0.77 -5.55
N ARG A 71 5.57 0.69 -4.82
CA ARG A 71 6.77 -0.06 -5.28
C ARG A 71 6.76 -1.59 -5.04
N ILE A 72 6.21 -2.11 -3.91
CA ILE A 72 5.98 -3.60 -3.79
C ILE A 72 4.84 -4.06 -4.79
N MET A 73 3.72 -3.31 -4.99
CA MET A 73 2.75 -3.60 -6.10
C MET A 73 3.37 -3.61 -7.54
N LYS A 74 4.21 -2.62 -7.91
CA LYS A 74 4.75 -2.48 -9.29
C LYS A 74 5.68 -3.64 -9.75
N LYS A 75 6.88 -3.74 -9.16
CA LYS A 75 7.86 -4.79 -9.52
C LYS A 75 7.50 -6.13 -8.82
N THR A 76 7.14 -7.15 -9.62
CA THR A 76 6.86 -8.52 -9.11
C THR A 76 8.19 -9.32 -8.93
N SER A 77 8.42 -9.88 -7.73
CA SER A 77 9.57 -10.79 -7.50
C SER A 77 9.16 -12.28 -7.74
N LEU A 78 8.98 -12.65 -9.02
CA LEU A 78 8.73 -14.07 -9.44
C LEU A 78 9.97 -15.01 -9.38
N TYR A 79 11.05 -14.58 -10.04
CA TYR A 79 12.31 -15.35 -10.18
C TYR A 79 13.48 -14.40 -9.86
N ASN B 1 3.01 -11.28 3.50
CA ASN B 1 3.72 -10.66 2.35
C ASN B 1 3.10 -9.28 2.01
N TRP B 2 3.96 -8.30 1.66
CA TRP B 2 3.52 -7.00 1.10
C TRP B 2 2.89 -7.07 -0.33
N LYS B 3 3.17 -8.09 -1.18
CA LYS B 3 2.42 -8.34 -2.43
C LYS B 3 0.95 -8.81 -2.20
N LEU B 4 0.73 -9.78 -1.28
CA LEU B 4 -0.64 -10.15 -0.80
C LEU B 4 -1.44 -8.97 -0.14
N LEU B 5 -0.79 -8.18 0.75
CA LEU B 5 -1.33 -6.88 1.27
C LEU B 5 -1.51 -5.77 0.16
N ALA B 6 -0.66 -5.75 -0.90
CA ALA B 6 -0.81 -4.85 -2.06
C ALA B 6 -2.06 -5.13 -2.93
N LYS B 7 -2.49 -6.39 -3.18
CA LYS B 7 -3.82 -6.70 -3.78
C LYS B 7 -5.02 -6.33 -2.85
N GLY B 8 -4.92 -6.83 -1.59
CA GLY B 8 -5.80 -6.43 -0.47
C GLY B 8 -6.12 -4.92 -0.36
N LEU B 9 -5.11 -4.04 -0.45
CA LEU B 9 -5.35 -2.57 -0.62
C LEU B 9 -5.40 -2.04 -2.11
N LEU B 10 -5.06 -2.84 -3.14
CA LEU B 10 -5.38 -2.55 -4.60
C LEU B 10 -6.94 -2.40 -4.84
N ILE B 11 -7.78 -2.86 -3.88
CA ILE B 11 -9.21 -2.44 -3.69
C ILE B 11 -9.60 -0.92 -3.99
N ARG B 12 -8.59 -0.03 -4.13
CA ARG B 12 -8.71 1.46 -4.20
C ARG B 12 -9.94 2.11 -4.88
N GLU B 13 -10.28 1.64 -6.08
CA GLU B 13 -11.41 2.17 -6.89
C GLU B 13 -11.95 1.01 -7.78
N ARG B 14 -13.24 0.69 -7.62
CA ARG B 14 -13.98 -0.22 -8.52
C ARG B 14 -14.84 0.60 -9.52
N LEU B 15 -14.24 1.01 -10.65
CA LEU B 15 -14.94 1.83 -11.68
C LEU B 15 -14.25 1.56 -13.04
N LYS B 16 -15.00 0.99 -13.99
CA LYS B 16 -14.46 0.70 -15.33
C LYS B 16 -15.20 -0.48 -15.97
N ARG B 17 -16.07 -0.19 -16.95
CA ARG B 17 -16.87 -1.22 -17.68
C ARG B 17 -16.10 -1.64 -18.96
N THR A 1 5.53 20.27 -25.41
CA THR A 1 5.56 20.92 -26.75
C THR A 1 4.47 20.32 -27.69
N GLN A 2 4.60 19.03 -28.09
CA GLN A 2 3.64 18.37 -29.01
C GLN A 2 2.43 17.77 -28.25
N LYS A 3 2.63 16.73 -27.42
CA LYS A 3 1.53 16.12 -26.66
C LYS A 3 1.86 14.65 -26.33
N MET A 4 2.35 14.39 -25.10
CA MET A 4 2.69 13.03 -24.62
C MET A 4 2.24 12.95 -23.14
N SER A 5 1.26 12.07 -22.85
CA SER A 5 0.66 11.95 -21.49
C SER A 5 1.46 11.01 -20.55
N GLU A 6 1.58 11.45 -19.29
CA GLU A 6 2.10 10.60 -18.18
C GLU A 6 1.43 11.15 -16.89
N LYS A 7 0.29 10.54 -16.50
CA LYS A 7 -0.54 11.05 -15.39
C LYS A 7 -1.54 10.04 -14.80
N ASP A 8 -2.35 9.36 -15.63
CA ASP A 8 -3.51 8.53 -15.17
C ASP A 8 -3.13 7.32 -14.27
N THR A 9 -2.26 6.40 -14.74
CA THR A 9 -1.83 5.21 -13.95
C THR A 9 -1.03 5.54 -12.65
N LYS A 10 0.03 6.38 -12.71
CA LYS A 10 0.76 6.87 -11.52
C LYS A 10 -0.06 7.63 -10.45
N GLU A 11 -0.96 8.55 -10.87
CA GLU A 11 -1.95 9.20 -9.97
C GLU A 11 -3.00 8.25 -9.30
N GLU A 12 -3.46 7.18 -10.00
CA GLU A 12 -4.32 6.11 -9.41
C GLU A 12 -3.64 5.28 -8.27
N ILE A 13 -2.44 4.71 -8.52
CA ILE A 13 -1.69 3.94 -7.47
C ILE A 13 -1.19 4.82 -6.27
N LEU A 14 -0.72 6.08 -6.49
CA LEU A 14 -0.47 7.04 -5.37
C LEU A 14 -1.74 7.48 -4.59
N LYS A 15 -2.90 7.65 -5.27
CA LYS A 15 -4.22 7.82 -4.60
C LYS A 15 -4.66 6.63 -3.70
N ALA A 16 -4.29 5.38 -4.03
CA ALA A 16 -4.41 4.19 -3.14
C ALA A 16 -3.48 4.23 -1.88
N PHE A 17 -2.18 4.60 -2.02
CA PHE A 17 -1.31 4.96 -0.86
C PHE A 17 -1.93 6.19 -0.05
N LYS A 18 -2.63 7.15 -0.70
CA LYS A 18 -3.51 8.16 -0.03
C LYS A 18 -4.74 7.53 0.72
N LEU A 19 -5.29 6.37 0.27
CA LEU A 19 -6.26 5.55 1.08
C LEU A 19 -5.58 5.13 2.43
N PHE A 20 -4.29 4.70 2.47
CA PHE A 20 -3.54 4.63 3.77
C PHE A 20 -3.47 6.06 4.47
N ASP A 21 -2.97 7.09 3.76
CA ASP A 21 -2.59 8.41 4.31
C ASP A 21 -3.81 9.37 4.41
N ASP A 22 -4.53 9.27 5.53
CA ASP A 22 -5.86 9.95 5.72
C ASP A 22 -5.74 11.50 5.79
N ASP A 23 -4.89 12.06 6.66
CA ASP A 23 -4.61 13.53 6.68
C ASP A 23 -3.65 14.09 5.56
N GLU A 24 -3.12 13.26 4.64
CA GLU A 24 -2.28 13.70 3.49
C GLU A 24 -0.96 14.40 3.93
N THR A 25 0.03 13.57 4.30
CA THR A 25 1.37 14.02 4.77
C THR A 25 2.49 13.31 3.94
N GLY A 26 2.49 11.97 3.87
CA GLY A 26 3.50 11.19 3.10
C GLY A 26 4.00 9.86 3.72
N LYS A 27 4.05 9.74 5.06
CA LYS A 27 4.46 8.50 5.76
C LYS A 27 3.24 7.89 6.51
N ILE A 28 3.24 6.54 6.66
CA ILE A 28 2.05 5.77 7.14
C ILE A 28 2.39 4.70 8.24
N SER A 29 1.34 4.10 8.83
CA SER A 29 1.43 3.23 10.04
C SER A 29 0.60 1.90 9.94
N PHE A 30 0.94 0.94 10.83
CA PHE A 30 0.22 -0.37 11.08
C PHE A 30 -1.33 -0.41 10.85
N LYS A 31 -2.04 0.48 11.57
CA LYS A 31 -3.53 0.57 11.49
C LYS A 31 -4.09 1.06 10.14
N ASN A 32 -3.42 2.01 9.47
CA ASN A 32 -3.79 2.42 8.07
C ASN A 32 -3.79 1.21 7.06
N LEU A 33 -2.71 0.35 7.09
CA LEU A 33 -2.66 -0.99 6.39
C LEU A 33 -3.97 -1.78 6.66
N LYS A 34 -4.17 -2.22 7.92
CA LYS A 34 -5.40 -2.93 8.35
C LYS A 34 -6.76 -2.20 8.21
N ARG A 35 -6.81 -0.88 8.04
CA ARG A 35 -8.06 -0.07 8.18
C ARG A 35 -8.80 -0.03 6.85
N VAL A 36 -8.14 0.60 5.87
CA VAL A 36 -8.61 0.53 4.47
C VAL A 36 -8.52 -0.91 3.86
N ALA A 37 -7.44 -1.70 4.12
CA ALA A 37 -7.44 -3.16 3.74
C ALA A 37 -8.48 -4.01 4.55
N LYS A 38 -8.73 -3.59 5.79
CA LYS A 38 -9.84 -4.12 6.65
C LYS A 38 -11.30 -3.88 6.16
N GLU A 39 -11.60 -2.78 5.42
CA GLU A 39 -12.91 -2.59 4.71
C GLU A 39 -13.34 -3.81 3.83
N LEU A 40 -12.41 -4.33 3.01
CA LEU A 40 -12.56 -5.64 2.31
C LEU A 40 -12.71 -6.85 3.31
N GLY A 41 -11.74 -7.01 4.22
CA GLY A 41 -11.61 -8.21 5.07
C GLY A 41 -10.75 -9.34 4.43
N GLU A 42 -9.57 -9.02 3.85
CA GLU A 42 -8.59 -10.02 3.35
C GLU A 42 -7.96 -10.83 4.50
N ASN A 43 -7.63 -12.11 4.22
CA ASN A 43 -7.22 -13.10 5.26
C ASN A 43 -5.77 -12.82 5.76
N LEU A 44 -5.78 -12.07 6.85
CA LEU A 44 -4.58 -11.60 7.58
C LEU A 44 -4.81 -11.74 9.10
N THR A 45 -3.74 -12.11 9.83
CA THR A 45 -3.69 -12.02 11.31
C THR A 45 -2.86 -10.73 11.64
N ASP A 46 -3.15 -10.07 12.78
CA ASP A 46 -2.31 -8.92 13.26
C ASP A 46 -0.81 -9.25 13.55
N GLU A 47 -0.43 -10.49 13.90
CA GLU A 47 0.96 -10.98 13.95
C GLU A 47 1.68 -11.03 12.56
N GLU A 48 1.03 -11.55 11.50
CA GLU A 48 1.53 -11.46 10.10
C GLU A 48 1.74 -10.00 9.60
N LEU A 49 0.70 -9.16 9.71
CA LEU A 49 0.76 -7.71 9.39
C LEU A 49 1.80 -6.88 10.28
N GLN A 50 2.12 -7.30 11.53
CA GLN A 50 3.29 -6.79 12.31
C GLN A 50 4.66 -7.23 11.70
N GLU A 51 4.81 -8.49 11.23
CA GLU A 51 5.97 -8.94 10.42
C GLU A 51 6.16 -8.16 9.07
N MET A 52 5.08 -7.69 8.40
CA MET A 52 5.18 -6.74 7.26
C MET A 52 5.79 -5.38 7.70
N ILE A 53 5.22 -4.69 8.71
CA ILE A 53 5.69 -3.34 9.15
C ILE A 53 7.16 -3.26 9.69
N ASP A 54 7.61 -4.30 10.42
CA ASP A 54 9.03 -4.50 10.80
C ASP A 54 9.95 -4.88 9.59
N GLU A 55 9.48 -5.67 8.59
CA GLU A 55 10.16 -5.92 7.31
C GLU A 55 10.55 -4.65 6.49
N ALA A 56 9.57 -3.76 6.18
CA ALA A 56 9.84 -2.48 5.46
C ALA A 56 10.59 -1.41 6.28
N ASP A 57 10.18 -1.15 7.54
CA ASP A 57 10.93 -0.27 8.48
C ASP A 57 11.89 -1.18 9.33
N ARG A 58 13.01 -1.59 8.69
CA ARG A 58 13.95 -2.62 9.19
C ARG A 58 14.52 -2.39 10.59
N ASP A 59 15.27 -1.28 10.71
CA ASP A 59 15.70 -0.73 12.02
C ASP A 59 14.54 -0.29 12.97
N GLY A 60 13.36 0.15 12.45
CA GLY A 60 12.31 0.80 13.28
C GLY A 60 12.54 2.32 13.46
N ASP A 61 12.75 3.08 12.36
CA ASP A 61 13.00 4.55 12.43
C ASP A 61 11.72 5.41 12.62
N GLY A 62 10.59 5.07 11.96
CA GLY A 62 9.35 5.85 12.09
C GLY A 62 8.15 5.35 11.28
N GLU A 63 8.22 5.49 9.94
CA GLU A 63 7.04 5.29 9.06
C GLU A 63 7.40 4.70 7.66
N VAL A 64 6.35 4.22 6.97
CA VAL A 64 6.43 3.61 5.61
C VAL A 64 6.21 4.72 4.52
N SER A 65 6.76 4.43 3.33
CA SER A 65 6.85 5.39 2.20
C SER A 65 6.06 4.86 0.97
N GLU A 66 5.88 5.76 -0.03
CA GLU A 66 5.23 5.46 -1.34
C GLU A 66 5.64 4.13 -2.05
N GLN A 67 6.95 3.84 -2.03
CA GLN A 67 7.54 2.56 -2.47
C GLN A 67 6.98 1.22 -1.87
N GLU A 68 6.26 1.19 -0.73
CA GLU A 68 5.72 -0.07 -0.18
C GLU A 68 4.37 -0.53 -0.79
N PHE A 69 3.27 0.25 -0.75
CA PHE A 69 2.04 -0.15 -1.55
C PHE A 69 2.36 -0.11 -3.07
N LEU A 70 2.98 0.96 -3.61
CA LEU A 70 3.31 1.03 -5.06
C LEU A 70 4.43 0.07 -5.54
N ARG A 71 5.57 0.02 -4.85
CA ARG A 71 6.72 -0.83 -5.24
C ARG A 71 6.62 -2.32 -4.88
N ILE A 72 6.01 -2.72 -3.74
CA ILE A 72 5.70 -4.15 -3.49
C ILE A 72 4.52 -4.64 -4.41
N MET A 73 3.44 -3.86 -4.69
CA MET A 73 2.44 -4.24 -5.74
C MET A 73 3.04 -4.46 -7.17
N LYS A 74 3.78 -3.48 -7.72
CA LYS A 74 4.38 -3.58 -9.09
C LYS A 74 5.74 -4.30 -9.25
N LYS A 75 6.25 -5.05 -8.24
CA LYS A 75 7.56 -5.73 -8.31
C LYS A 75 7.41 -7.16 -8.89
N THR A 76 7.97 -7.37 -10.10
CA THR A 76 8.03 -8.70 -10.75
C THR A 76 9.42 -9.33 -10.41
N SER A 77 9.41 -10.48 -9.70
CA SER A 77 10.64 -11.27 -9.45
C SER A 77 11.12 -12.01 -10.71
N LEU A 78 12.43 -11.87 -10.99
CA LEU A 78 13.08 -12.30 -12.26
C LEU A 78 12.51 -11.50 -13.48
N TYR A 79 13.00 -10.27 -13.62
CA TYR A 79 12.58 -9.33 -14.72
C TYR A 79 13.15 -9.80 -16.08
N ASN B 1 2.97 -11.50 4.04
CA ASN B 1 3.69 -10.83 2.92
C ASN B 1 3.00 -9.49 2.56
N TRP B 2 3.83 -8.46 2.26
CA TRP B 2 3.33 -7.18 1.67
C TRP B 2 2.71 -7.30 0.24
N LYS B 3 3.05 -8.34 -0.57
CA LYS B 3 2.33 -8.64 -1.84
C LYS B 3 0.88 -9.17 -1.63
N LEU B 4 0.67 -10.11 -0.69
CA LEU B 4 -0.69 -10.53 -0.23
C LEU B 4 -1.56 -9.36 0.34
N LEU B 5 -0.99 -8.51 1.23
CA LEU B 5 -1.63 -7.23 1.68
C LEU B 5 -1.73 -6.14 0.56
N ALA B 6 -0.83 -6.11 -0.46
CA ALA B 6 -0.96 -5.27 -1.67
C ALA B 6 -2.18 -5.63 -2.57
N LYS B 7 -2.60 -6.92 -2.68
CA LYS B 7 -3.90 -7.32 -3.27
C LYS B 7 -5.12 -6.87 -2.39
N GLY B 8 -5.02 -7.22 -1.09
CA GLY B 8 -5.89 -6.70 -0.01
C GLY B 8 -6.24 -5.19 -0.09
N LEU B 9 -5.23 -4.30 -0.29
CA LEU B 9 -5.52 -2.89 -0.64
C LEU B 9 -5.52 -2.57 -2.20
N LEU B 10 -5.18 -3.50 -3.11
CA LEU B 10 -5.48 -3.41 -4.60
C LEU B 10 -7.01 -3.16 -4.86
N ILE B 11 -7.88 -3.52 -3.88
CA ILE B 11 -9.29 -3.00 -3.72
C ILE B 11 -9.59 -1.48 -4.10
N ARG B 12 -8.53 -0.66 -4.23
CA ARG B 12 -8.52 0.83 -4.36
C ARG B 12 -9.67 1.52 -5.15
N GLU B 13 -9.95 1.03 -6.37
CA GLU B 13 -11.05 1.52 -7.24
C GLU B 13 -11.73 0.28 -7.90
N ARG B 14 -13.06 0.17 -7.73
CA ARG B 14 -13.83 -0.91 -8.37
C ARG B 14 -15.29 -0.87 -7.86
N LEU B 15 -16.23 -0.55 -8.78
CA LEU B 15 -17.68 -0.57 -8.48
C LEU B 15 -18.33 -1.68 -9.35
N LYS B 16 -18.76 -2.77 -8.71
CA LYS B 16 -19.41 -3.90 -9.41
C LYS B 16 -19.82 -4.97 -8.39
N ARG B 17 -18.99 -6.02 -8.31
CA ARG B 17 -19.14 -7.16 -7.36
C ARG B 17 -20.31 -8.08 -7.77
N THR A 1 0.69 19.63 -19.22
CA THR A 1 1.36 20.48 -18.21
C THR A 1 2.88 20.55 -18.55
N GLN A 2 3.67 19.48 -18.30
CA GLN A 2 5.12 19.43 -18.59
C GLN A 2 5.46 18.10 -19.32
N LYS A 3 5.30 16.93 -18.67
CA LYS A 3 5.61 15.63 -19.30
C LYS A 3 6.54 14.81 -18.38
N MET A 4 5.94 13.99 -17.49
CA MET A 4 6.70 13.17 -16.51
C MET A 4 5.97 11.81 -16.34
N SER A 5 6.75 10.70 -16.39
CA SER A 5 6.27 9.31 -16.15
C SER A 5 5.12 8.82 -17.12
N GLU A 6 4.35 7.80 -16.72
CA GLU A 6 3.17 7.32 -17.51
C GLU A 6 1.93 8.27 -17.34
N LYS A 7 1.32 8.40 -16.15
CA LYS A 7 0.31 9.46 -15.94
C LYS A 7 -0.96 8.96 -15.24
N ASP A 8 -1.83 8.23 -15.98
CA ASP A 8 -3.19 7.85 -15.47
C ASP A 8 -3.13 6.73 -14.39
N THR A 9 -2.65 5.52 -14.74
CA THR A 9 -2.45 4.39 -13.78
C THR A 9 -1.52 4.71 -12.56
N LYS A 10 -0.39 5.43 -12.77
CA LYS A 10 0.47 5.95 -11.67
C LYS A 10 -0.22 6.94 -10.70
N GLU A 11 -1.04 7.89 -11.19
CA GLU A 11 -1.94 8.73 -10.33
C GLU A 11 -2.99 7.93 -9.50
N GLU A 12 -3.60 6.86 -10.06
CA GLU A 12 -4.50 5.94 -9.31
C GLU A 12 -3.83 5.16 -8.12
N ILE A 13 -2.68 4.47 -8.34
CA ILE A 13 -1.92 3.82 -7.21
C ILE A 13 -1.35 4.83 -6.14
N LEU A 14 -0.88 6.04 -6.55
CA LEU A 14 -0.56 7.15 -5.61
C LEU A 14 -1.78 7.64 -4.75
N LYS A 15 -2.97 7.79 -5.36
CA LYS A 15 -4.25 8.00 -4.63
C LYS A 15 -4.65 6.89 -3.61
N ALA A 16 -4.35 5.62 -3.92
CA ALA A 16 -4.46 4.48 -2.97
C ALA A 16 -3.51 4.54 -1.72
N PHE A 17 -2.21 4.87 -1.87
CA PHE A 17 -1.31 5.26 -0.72
C PHE A 17 -1.86 6.55 0.03
N LYS A 18 -2.60 7.47 -0.64
CA LYS A 18 -3.41 8.52 0.04
C LYS A 18 -4.62 7.96 0.86
N LEU A 19 -5.29 6.84 0.43
CA LEU A 19 -6.26 6.08 1.29
C LEU A 19 -5.59 5.56 2.60
N PHE A 20 -4.31 5.08 2.55
CA PHE A 20 -3.51 4.82 3.78
C PHE A 20 -3.46 6.05 4.77
N ASP A 21 -3.09 7.26 4.29
CA ASP A 21 -2.70 8.40 5.17
C ASP A 21 -3.81 9.28 5.79
N ASP A 22 -4.65 8.70 6.68
CA ASP A 22 -5.70 9.42 7.48
C ASP A 22 -5.00 10.36 8.53
N ASP A 23 -4.72 11.55 8.01
CA ASP A 23 -3.84 12.59 8.59
C ASP A 23 -2.42 12.10 9.07
N GLU A 24 -1.80 11.09 8.40
CA GLU A 24 -0.43 10.62 8.80
C GLU A 24 0.80 11.34 8.15
N THR A 25 0.59 12.51 7.51
CA THR A 25 1.63 13.45 7.00
C THR A 25 2.69 12.83 6.01
N GLY A 26 2.25 11.96 5.07
CA GLY A 26 3.12 11.34 4.04
C GLY A 26 3.77 9.96 4.31
N LYS A 27 3.73 9.41 5.54
CA LYS A 27 4.32 8.09 5.86
C LYS A 27 3.46 7.39 6.93
N ILE A 28 3.09 6.10 6.71
CA ILE A 28 2.03 5.43 7.54
C ILE A 28 2.44 4.39 8.64
N SER A 29 1.42 4.10 9.48
CA SER A 29 1.49 3.16 10.63
C SER A 29 0.58 1.90 10.43
N PHE A 30 0.77 0.92 11.34
CA PHE A 30 0.01 -0.36 11.46
C PHE A 30 -1.53 -0.36 11.20
N LYS A 31 -2.24 0.53 11.91
CA LYS A 31 -3.71 0.68 11.78
C LYS A 31 -4.20 1.16 10.40
N ASN A 32 -3.50 2.12 9.77
CA ASN A 32 -3.80 2.57 8.37
C ASN A 32 -3.83 1.40 7.31
N LEU A 33 -2.76 0.53 7.35
CA LEU A 33 -2.68 -0.80 6.62
C LEU A 33 -4.01 -1.57 6.82
N LYS A 34 -4.24 -2.05 8.07
CA LYS A 34 -5.47 -2.77 8.44
C LYS A 34 -6.85 -2.06 8.27
N ARG A 35 -6.88 -0.74 8.14
CA ARG A 35 -8.12 0.07 8.27
C ARG A 35 -8.84 0.15 6.96
N VAL A 36 -8.18 0.81 6.01
CA VAL A 36 -8.64 0.79 4.61
C VAL A 36 -8.50 -0.60 3.93
N ALA A 37 -7.42 -1.39 4.16
CA ALA A 37 -7.37 -2.81 3.70
C ALA A 37 -8.40 -3.75 4.41
N LYS A 38 -8.70 -3.44 5.68
CA LYS A 38 -9.80 -4.07 6.44
C LYS A 38 -11.26 -3.79 5.95
N GLU A 39 -11.55 -2.61 5.36
CA GLU A 39 -12.86 -2.33 4.67
C GLU A 39 -13.34 -3.39 3.63
N LEU A 40 -12.41 -3.95 2.82
CA LEU A 40 -12.72 -5.01 1.81
C LEU A 40 -13.48 -6.26 2.36
N GLY A 41 -13.06 -6.82 3.52
CA GLY A 41 -13.55 -8.13 4.01
C GLY A 41 -12.42 -9.09 4.48
N GLU A 42 -11.31 -9.21 3.74
CA GLU A 42 -10.10 -9.96 4.16
C GLU A 42 -9.34 -9.17 5.25
N ASN A 43 -9.34 -9.77 6.45
CA ASN A 43 -8.51 -9.33 7.58
C ASN A 43 -7.63 -10.54 7.98
N LEU A 44 -6.34 -10.35 7.71
CA LEU A 44 -5.24 -11.25 8.15
C LEU A 44 -5.10 -11.35 9.71
N THR A 45 -4.17 -12.20 10.21
CA THR A 45 -3.79 -12.21 11.65
C THR A 45 -2.82 -11.02 11.89
N ASP A 46 -2.91 -10.38 13.07
CA ASP A 46 -1.98 -9.28 13.43
C ASP A 46 -0.46 -9.66 13.57
N GLU A 47 -0.10 -10.96 13.69
CA GLU A 47 1.27 -11.47 13.55
C GLU A 47 1.80 -11.36 12.08
N GLU A 48 1.00 -11.73 11.04
CA GLU A 48 1.34 -11.43 9.61
C GLU A 48 1.54 -9.91 9.32
N LEU A 49 0.56 -9.09 9.73
CA LEU A 49 0.62 -7.60 9.77
C LEU A 49 1.89 -6.96 10.45
N GLN A 50 2.32 -7.50 11.61
CA GLN A 50 3.63 -7.16 12.26
C GLN A 50 4.88 -7.56 11.41
N GLU A 51 4.85 -8.72 10.71
CA GLU A 51 5.88 -9.09 9.71
C GLU A 51 6.03 -8.12 8.51
N MET A 52 4.92 -7.57 7.95
CA MET A 52 5.02 -6.51 6.91
C MET A 52 5.65 -5.19 7.45
N ILE A 53 5.08 -4.57 8.48
CA ILE A 53 5.53 -3.21 8.96
C ILE A 53 6.95 -3.22 9.64
N ASP A 54 7.29 -4.31 10.37
CA ASP A 54 8.70 -4.55 10.81
C ASP A 54 9.67 -4.86 9.61
N GLU A 55 9.22 -5.66 8.61
CA GLU A 55 9.93 -5.93 7.34
C GLU A 55 10.44 -4.70 6.52
N ALA A 56 9.59 -3.70 6.27
CA ALA A 56 9.96 -2.51 5.46
C ALA A 56 10.93 -1.51 6.15
N ASP A 57 10.71 -1.15 7.44
CA ASP A 57 11.60 -0.19 8.17
C ASP A 57 12.36 -0.85 9.38
N ARG A 58 13.06 -1.98 9.11
CA ARG A 58 13.78 -2.80 10.15
C ARG A 58 14.82 -2.03 10.98
N ASP A 59 15.82 -1.50 10.26
CA ASP A 59 16.80 -0.54 10.82
C ASP A 59 16.20 0.75 11.48
N GLY A 60 15.02 1.26 11.05
CA GLY A 60 14.53 2.57 11.52
C GLY A 60 13.62 2.43 12.76
N ASP A 61 12.30 2.17 12.62
CA ASP A 61 11.32 2.23 13.74
C ASP A 61 9.98 1.54 13.35
N GLY A 62 9.35 1.92 12.22
CA GLY A 62 7.97 1.51 11.89
C GLY A 62 7.25 2.26 10.74
N GLU A 63 7.67 3.49 10.37
CA GLU A 63 6.89 4.35 9.43
C GLU A 63 7.41 4.17 7.98
N VAL A 64 6.44 4.10 7.06
CA VAL A 64 6.64 3.70 5.64
C VAL A 64 6.36 4.83 4.63
N SER A 65 6.86 4.63 3.39
CA SER A 65 6.88 5.63 2.30
C SER A 65 6.11 5.11 1.05
N GLU A 66 5.92 6.02 0.07
CA GLU A 66 5.28 5.76 -1.26
C GLU A 66 5.67 4.42 -1.97
N GLN A 67 6.98 4.16 -1.99
CA GLN A 67 7.61 2.91 -2.50
C GLN A 67 7.09 1.55 -1.95
N GLU A 68 6.39 1.47 -0.80
CA GLU A 68 5.89 0.18 -0.28
C GLU A 68 4.55 -0.30 -0.85
N PHE A 69 3.43 0.44 -0.75
CA PHE A 69 2.18 0.07 -1.53
C PHE A 69 2.43 0.16 -3.05
N LEU A 70 3.01 1.28 -3.57
CA LEU A 70 3.29 1.41 -5.04
C LEU A 70 4.43 0.50 -5.56
N ARG A 71 5.60 0.48 -4.90
CA ARG A 71 6.77 -0.30 -5.35
C ARG A 71 6.72 -1.82 -5.08
N ILE A 72 6.14 -2.29 -3.93
CA ILE A 72 5.91 -3.76 -3.73
C ILE A 72 4.72 -4.25 -4.65
N MET A 73 3.62 -3.49 -4.92
CA MET A 73 2.62 -3.85 -5.97
C MET A 73 3.20 -3.98 -7.43
N LYS A 74 3.98 -2.98 -7.89
CA LYS A 74 4.50 -2.91 -9.28
C LYS A 74 5.48 -4.03 -9.69
N LYS A 75 6.63 -4.14 -8.99
CA LYS A 75 7.62 -5.21 -9.23
C LYS A 75 7.15 -6.55 -8.60
N THR A 76 6.81 -7.51 -9.47
CA THR A 76 6.39 -8.88 -9.07
C THR A 76 7.63 -9.82 -9.13
N SER A 77 7.91 -10.49 -7.99
CA SER A 77 8.90 -11.59 -7.94
C SER A 77 8.36 -12.90 -8.59
N LEU A 78 9.26 -13.71 -9.18
CA LEU A 78 8.90 -14.98 -9.89
C LEU A 78 8.17 -16.11 -9.09
N TYR A 79 8.24 -16.06 -7.76
CA TYR A 79 7.47 -16.92 -6.83
C TYR A 79 6.09 -16.29 -6.51
N ASN B 1 2.75 -11.15 3.98
CA ASN B 1 3.36 -10.71 2.71
C ASN B 1 2.79 -9.31 2.31
N TRP B 2 3.71 -8.38 1.94
CA TRP B 2 3.35 -7.07 1.34
C TRP B 2 2.70 -7.15 -0.08
N LYS B 3 3.02 -8.13 -0.95
CA LYS B 3 2.30 -8.35 -2.23
C LYS B 3 0.81 -8.80 -2.07
N LEU B 4 0.52 -9.74 -1.16
CA LEU B 4 -0.87 -10.10 -0.76
C LEU B 4 -1.69 -8.94 -0.09
N LEU B 5 -1.09 -8.16 0.83
CA LEU B 5 -1.68 -6.90 1.36
C LEU B 5 -1.72 -5.72 0.32
N ALA B 6 -0.80 -5.66 -0.67
CA ALA B 6 -0.86 -4.74 -1.82
C ALA B 6 -2.07 -4.98 -2.75
N LYS B 7 -2.50 -6.24 -3.03
CA LYS B 7 -3.82 -6.54 -3.66
C LYS B 7 -5.04 -6.15 -2.75
N GLY B 8 -4.93 -6.59 -1.47
CA GLY B 8 -5.81 -6.15 -0.36
C GLY B 8 -6.16 -4.66 -0.31
N LEU B 9 -5.16 -3.74 -0.42
CA LEU B 9 -5.47 -2.30 -0.67
C LEU B 9 -5.48 -1.86 -2.19
N LEU B 10 -5.10 -2.71 -3.16
CA LEU B 10 -5.40 -2.51 -4.64
C LEU B 10 -6.94 -2.33 -4.92
N ILE B 11 -7.80 -2.75 -3.96
CA ILE B 11 -9.24 -2.30 -3.80
C ILE B 11 -9.57 -0.77 -4.08
N ARG B 12 -8.54 0.09 -4.20
CA ARG B 12 -8.58 1.58 -4.24
C ARG B 12 -9.78 2.31 -4.92
N GLU B 13 -10.21 1.81 -6.10
CA GLU B 13 -11.30 2.43 -6.89
C GLU B 13 -12.72 2.10 -6.34
N ARG B 14 -13.59 3.13 -6.32
CA ARG B 14 -14.96 3.01 -5.77
C ARG B 14 -15.97 2.70 -6.89
N LEU B 15 -16.33 1.40 -7.01
CA LEU B 15 -17.26 0.91 -8.07
C LEU B 15 -18.65 0.64 -7.43
N LYS B 16 -19.69 1.30 -7.96
CA LYS B 16 -21.06 1.18 -7.42
C LYS B 16 -21.46 2.47 -6.67
N ARG B 17 -22.22 3.35 -7.34
CA ARG B 17 -22.69 4.63 -6.77
C ARG B 17 -24.05 4.43 -6.07
N THR A 1 -8.17 11.17 -27.00
CA THR A 1 -8.27 12.65 -27.01
C THR A 1 -6.94 13.30 -26.52
N GLN A 2 -6.54 13.09 -25.25
CA GLN A 2 -5.33 13.74 -24.66
C GLN A 2 -4.06 12.86 -24.84
N LYS A 3 -3.98 11.69 -24.17
CA LYS A 3 -2.79 10.82 -24.28
C LYS A 3 -2.22 10.51 -22.89
N MET A 4 -2.69 9.43 -22.26
CA MET A 4 -2.27 9.01 -20.89
C MET A 4 -1.76 7.54 -20.99
N SER A 5 -0.42 7.38 -20.92
CA SER A 5 0.24 6.04 -20.92
C SER A 5 0.87 5.75 -19.53
N GLU A 6 1.99 6.41 -19.26
CA GLU A 6 2.64 6.45 -17.93
C GLU A 6 2.18 7.75 -17.20
N LYS A 7 0.90 7.77 -16.76
CA LYS A 7 0.27 9.00 -16.24
C LYS A 7 -0.97 8.67 -15.39
N ASP A 8 -2.07 8.21 -16.03
CA ASP A 8 -3.35 7.90 -15.33
C ASP A 8 -3.26 6.73 -14.31
N THR A 9 -2.75 5.54 -14.71
CA THR A 9 -2.45 4.41 -13.77
C THR A 9 -1.54 4.78 -12.55
N LYS A 10 -0.46 5.58 -12.77
CA LYS A 10 0.35 6.19 -11.68
C LYS A 10 -0.45 7.05 -10.65
N GLU A 11 -1.33 7.95 -11.14
CA GLU A 11 -2.31 8.68 -10.28
C GLU A 11 -3.33 7.80 -9.48
N GLU A 12 -3.81 6.65 -10.04
CA GLU A 12 -4.62 5.66 -9.28
C GLU A 12 -3.88 5.01 -8.08
N ILE A 13 -2.71 4.36 -8.28
CA ILE A 13 -1.92 3.74 -7.16
C ILE A 13 -1.37 4.78 -6.12
N LEU A 14 -0.92 5.99 -6.53
CA LEU A 14 -0.59 7.12 -5.60
C LEU A 14 -1.81 7.60 -4.76
N LYS A 15 -3.01 7.77 -5.38
CA LYS A 15 -4.28 8.00 -4.65
C LYS A 15 -4.71 6.93 -3.61
N ALA A 16 -4.44 5.64 -3.90
CA ALA A 16 -4.57 4.52 -2.93
C ALA A 16 -3.62 4.63 -1.68
N PHE A 17 -2.31 4.95 -1.86
CA PHE A 17 -1.40 5.38 -0.74
C PHE A 17 -1.96 6.69 -0.03
N LYS A 18 -2.71 7.59 -0.71
CA LYS A 18 -3.52 8.65 -0.05
C LYS A 18 -4.71 8.11 0.81
N LEU A 19 -5.37 6.97 0.43
CA LEU A 19 -6.32 6.23 1.32
C LEU A 19 -5.65 5.76 2.64
N PHE A 20 -4.36 5.32 2.62
CA PHE A 20 -3.55 5.14 3.88
C PHE A 20 -3.53 6.41 4.81
N ASP A 21 -3.21 7.60 4.25
CA ASP A 21 -2.86 8.82 5.00
C ASP A 21 -4.09 9.73 5.34
N ASP A 22 -4.76 9.36 6.43
CA ASP A 22 -6.00 10.05 6.92
C ASP A 22 -5.73 11.48 7.47
N ASP A 23 -4.76 11.64 8.41
CA ASP A 23 -4.28 12.99 8.84
C ASP A 23 -3.39 13.80 7.83
N GLU A 24 -3.21 13.33 6.58
CA GLU A 24 -2.57 14.08 5.44
C GLU A 24 -1.21 14.75 5.77
N THR A 25 -0.17 13.90 5.88
CA THR A 25 1.24 14.29 6.13
C THR A 25 2.16 13.61 5.06
N GLY A 26 2.17 12.26 4.96
CA GLY A 26 2.90 11.53 3.89
C GLY A 26 3.44 10.12 4.20
N LYS A 27 3.59 9.70 5.47
CA LYS A 27 4.08 8.34 5.84
C LYS A 27 3.17 7.72 6.93
N ILE A 28 3.06 6.38 6.96
CA ILE A 28 2.02 5.69 7.82
C ILE A 28 2.51 4.56 8.79
N SER A 29 1.57 4.09 9.64
CA SER A 29 1.75 2.98 10.61
C SER A 29 0.83 1.75 10.31
N PHE A 30 1.06 0.66 11.08
CA PHE A 30 0.27 -0.62 11.10
C PHE A 30 -1.26 -0.55 10.83
N LYS A 31 -1.95 0.30 11.61
CA LYS A 31 -3.42 0.48 11.53
C LYS A 31 -3.96 1.06 10.20
N ASN A 32 -3.25 2.02 9.58
CA ASN A 32 -3.65 2.53 8.22
C ASN A 32 -3.72 1.41 7.12
N LEU A 33 -2.67 0.52 7.06
CA LEU A 33 -2.66 -0.75 6.26
C LEU A 33 -3.98 -1.55 6.51
N LYS A 34 -4.15 -2.05 7.75
CA LYS A 34 -5.39 -2.71 8.19
C LYS A 34 -6.75 -1.95 8.13
N ARG A 35 -6.75 -0.61 8.02
CA ARG A 35 -7.97 0.21 8.22
C ARG A 35 -8.75 0.34 6.94
N VAL A 36 -8.11 0.97 5.96
CA VAL A 36 -8.64 0.97 4.57
C VAL A 36 -8.58 -0.43 3.89
N ALA A 37 -7.51 -1.24 4.08
CA ALA A 37 -7.56 -2.69 3.64
C ALA A 37 -8.58 -3.56 4.47
N LYS A 38 -8.82 -3.14 5.72
CA LYS A 38 -9.90 -3.70 6.59
C LYS A 38 -11.37 -3.42 6.14
N GLU A 39 -11.67 -2.28 5.47
CA GLU A 39 -12.99 -2.04 4.80
C GLU A 39 -13.44 -3.20 3.84
N LEU A 40 -12.52 -3.69 2.98
CA LEU A 40 -12.69 -4.95 2.21
C LEU A 40 -12.89 -6.20 3.13
N GLY A 41 -11.93 -6.44 4.05
CA GLY A 41 -11.85 -7.70 4.82
C GLY A 41 -11.00 -8.80 4.15
N GLU A 42 -9.79 -8.48 3.64
CA GLU A 42 -8.82 -9.47 3.10
C GLU A 42 -8.30 -10.43 4.20
N ASN A 43 -8.02 -11.69 3.80
CA ASN A 43 -7.68 -12.79 4.77
C ASN A 43 -6.22 -12.66 5.26
N LEU A 44 -6.14 -11.99 6.41
CA LEU A 44 -4.90 -11.62 7.11
C LEU A 44 -5.03 -11.91 8.63
N THR A 45 -3.92 -12.38 9.23
CA THR A 45 -3.76 -12.45 10.71
C THR A 45 -2.90 -11.22 11.12
N ASP A 46 -3.14 -10.63 12.30
CA ASP A 46 -2.27 -9.52 12.83
C ASP A 46 -0.77 -9.91 13.10
N GLU A 47 -0.40 -11.20 13.22
CA GLU A 47 0.98 -11.71 13.19
C GLU A 47 1.67 -11.54 11.80
N GLU A 48 0.98 -11.89 10.68
CA GLU A 48 1.44 -11.56 9.29
C GLU A 48 1.63 -10.03 9.05
N LEU A 49 0.61 -9.24 9.43
CA LEU A 49 0.63 -7.75 9.49
C LEU A 49 1.86 -7.11 10.27
N GLN A 50 2.21 -7.65 11.46
CA GLN A 50 3.47 -7.31 12.20
C GLN A 50 4.77 -7.69 11.42
N GLU A 51 4.79 -8.86 10.75
CA GLU A 51 5.85 -9.22 9.78
C GLU A 51 6.03 -8.23 8.60
N MET A 52 4.94 -7.70 8.01
CA MET A 52 5.01 -6.58 7.03
C MET A 52 5.79 -5.34 7.57
N ILE A 53 5.30 -4.73 8.67
CA ILE A 53 5.91 -3.48 9.22
C ILE A 53 7.38 -3.59 9.75
N ASP A 54 7.71 -4.77 10.31
CA ASP A 54 9.11 -5.16 10.64
C ASP A 54 10.03 -5.33 9.39
N GLU A 55 9.55 -5.95 8.29
CA GLU A 55 10.27 -6.09 7.01
C GLU A 55 10.69 -4.76 6.33
N ALA A 56 9.71 -3.87 6.02
CA ALA A 56 10.01 -2.55 5.40
C ALA A 56 10.78 -1.53 6.30
N ASP A 57 10.44 -1.44 7.61
CA ASP A 57 11.16 -0.57 8.57
C ASP A 57 12.14 -1.40 9.47
N ARG A 58 13.15 -2.00 8.80
CA ARG A 58 14.13 -2.95 9.40
C ARG A 58 14.99 -2.42 10.56
N ASP A 59 15.58 -1.24 10.34
CA ASP A 59 16.24 -0.45 11.44
C ASP A 59 15.23 0.02 12.55
N GLY A 60 13.98 0.38 12.18
CA GLY A 60 13.01 0.95 13.15
C GLY A 60 13.06 2.49 13.26
N ASP A 61 12.87 3.26 12.14
CA ASP A 61 12.68 4.74 12.21
C ASP A 61 11.31 5.14 12.83
N GLY A 62 10.19 4.61 12.31
CA GLY A 62 8.85 5.04 12.72
C GLY A 62 7.74 4.79 11.68
N GLU A 63 7.89 5.35 10.46
CA GLU A 63 6.79 5.37 9.46
C GLU A 63 7.27 5.08 8.01
N VAL A 64 6.30 4.58 7.22
CA VAL A 64 6.51 4.03 5.85
C VAL A 64 6.22 5.11 4.75
N SER A 65 6.73 4.82 3.54
CA SER A 65 6.79 5.76 2.39
C SER A 65 6.07 5.17 1.14
N GLU A 66 5.89 6.05 0.13
CA GLU A 66 5.27 5.72 -1.21
C GLU A 66 5.69 4.40 -1.89
N GLN A 67 7.01 4.13 -1.86
CA GLN A 67 7.64 2.85 -2.25
C GLN A 67 7.06 1.52 -1.67
N GLU A 68 6.36 1.49 -0.52
CA GLU A 68 5.81 0.23 0.03
C GLU A 68 4.50 -0.26 -0.62
N PHE A 69 3.38 0.50 -0.56
CA PHE A 69 2.15 0.10 -1.36
C PHE A 69 2.43 0.14 -2.89
N LEU A 70 3.02 1.24 -3.42
CA LEU A 70 3.32 1.34 -4.88
C LEU A 70 4.47 0.41 -5.37
N ARG A 71 5.63 0.42 -4.69
CA ARG A 71 6.81 -0.38 -5.11
C ARG A 71 6.74 -1.89 -4.82
N ILE A 72 6.12 -2.36 -3.71
CA ILE A 72 5.88 -3.81 -3.50
C ILE A 72 4.72 -4.30 -4.45
N MET A 73 3.63 -3.52 -4.76
CA MET A 73 2.67 -3.87 -5.86
C MET A 73 3.32 -4.04 -7.28
N LYS A 74 4.21 -3.12 -7.71
CA LYS A 74 4.90 -3.20 -9.02
C LYS A 74 5.85 -4.42 -9.19
N LYS A 75 6.91 -4.50 -8.36
CA LYS A 75 7.89 -5.61 -8.42
C LYS A 75 7.31 -6.91 -7.77
N THR A 76 7.09 -7.93 -8.62
CA THR A 76 6.66 -9.28 -8.17
C THR A 76 7.92 -10.15 -7.89
N SER A 77 8.01 -10.68 -6.67
CA SER A 77 9.01 -11.72 -6.32
C SER A 77 8.37 -13.12 -6.57
N LEU A 78 8.58 -13.66 -7.79
CA LEU A 78 7.93 -14.95 -8.23
C LEU A 78 8.21 -16.26 -7.43
N TYR A 79 9.30 -16.27 -6.68
CA TYR A 79 9.68 -17.33 -5.72
C TYR A 79 8.95 -17.14 -4.36
N ASN B 1 3.88 -11.10 2.40
CA ASN B 1 3.54 -10.13 3.46
C ASN B 1 2.91 -8.86 2.81
N TRP B 2 3.72 -7.89 2.35
CA TRP B 2 3.21 -6.65 1.68
C TRP B 2 2.59 -6.86 0.26
N LYS B 3 2.90 -7.94 -0.48
CA LYS B 3 2.18 -8.30 -1.73
C LYS B 3 0.70 -8.76 -1.47
N LEU B 4 0.47 -9.58 -0.42
CA LEU B 4 -0.91 -9.89 0.09
C LEU B 4 -1.72 -8.61 0.52
N LEU B 5 -1.08 -7.70 1.29
CA LEU B 5 -1.63 -6.33 1.57
C LEU B 5 -1.74 -5.42 0.31
N ALA B 6 -0.86 -5.56 -0.72
CA ALA B 6 -1.00 -4.89 -2.03
C ALA B 6 -2.30 -5.24 -2.79
N LYS B 7 -2.78 -6.52 -2.81
CA LYS B 7 -4.15 -6.87 -3.27
C LYS B 7 -5.29 -6.23 -2.38
N GLY B 8 -5.15 -6.56 -1.07
CA GLY B 8 -5.93 -5.95 0.04
C GLY B 8 -6.27 -4.46 -0.06
N LEU B 9 -5.27 -3.58 -0.28
CA LEU B 9 -5.55 -2.17 -0.64
C LEU B 9 -5.54 -1.83 -2.18
N LEU B 10 -5.18 -2.74 -3.10
CA LEU B 10 -5.48 -2.62 -4.59
C LEU B 10 -7.02 -2.40 -4.87
N ILE B 11 -7.88 -2.74 -3.88
CA ILE B 11 -9.29 -2.23 -3.75
C ILE B 11 -9.57 -0.70 -4.11
N ARG B 12 -8.50 0.13 -4.26
CA ARG B 12 -8.50 1.61 -4.38
C ARG B 12 -9.68 2.34 -5.09
N GLU B 13 -10.10 1.81 -6.25
CA GLU B 13 -11.32 2.28 -6.96
C GLU B 13 -11.83 1.10 -7.83
N ARG B 14 -12.77 0.31 -7.28
CA ARG B 14 -13.38 -0.83 -8.00
C ARG B 14 -14.70 -1.19 -7.30
N LEU B 15 -14.62 -2.11 -6.32
CA LEU B 15 -15.80 -2.53 -5.50
C LEU B 15 -15.76 -1.73 -4.17
N LYS B 16 -16.69 -0.78 -4.01
CA LYS B 16 -16.67 0.12 -2.84
C LYS B 16 -17.29 1.48 -3.19
N ARG B 17 -18.56 1.68 -2.81
CA ARG B 17 -19.31 2.93 -3.10
C ARG B 17 -19.19 3.88 -1.88
N THR A 1 -7.03 9.53 -20.98
CA THR A 1 -8.40 9.46 -20.39
C THR A 1 -9.39 8.99 -21.49
N GLN A 2 -9.71 9.83 -22.49
CA GLN A 2 -10.59 9.46 -23.63
C GLN A 2 -9.76 8.96 -24.87
N LYS A 3 -8.91 7.93 -24.72
CA LYS A 3 -8.09 7.44 -25.85
C LYS A 3 -6.59 7.51 -25.47
N MET A 4 -6.06 6.39 -24.91
CA MET A 4 -4.63 6.24 -24.49
C MET A 4 -4.29 7.17 -23.28
N SER A 5 -4.23 6.61 -22.06
CA SER A 5 -3.96 7.37 -20.82
C SER A 5 -2.45 7.35 -20.44
N GLU A 6 -1.88 8.56 -20.25
CA GLU A 6 -0.52 8.74 -19.68
C GLU A 6 -0.67 9.74 -18.51
N LYS A 7 -0.76 9.22 -17.29
CA LYS A 7 -1.14 10.06 -16.13
C LYS A 7 -2.17 9.39 -15.19
N ASP A 8 -3.30 8.90 -15.74
CA ASP A 8 -4.41 8.30 -14.95
C ASP A 8 -4.01 7.06 -14.06
N THR A 9 -3.31 6.05 -14.62
CA THR A 9 -2.77 4.89 -13.84
C THR A 9 -1.86 5.28 -12.63
N LYS A 10 -0.91 6.24 -12.80
CA LYS A 10 -0.16 6.85 -11.67
C LYS A 10 -1.03 7.53 -10.58
N GLU A 11 -2.07 8.29 -10.96
CA GLU A 11 -3.13 8.79 -10.02
C GLU A 11 -3.90 7.68 -9.22
N GLU A 12 -4.20 6.50 -9.82
CA GLU A 12 -4.76 5.34 -9.08
C GLU A 12 -3.82 4.76 -7.98
N ILE A 13 -2.58 4.34 -8.32
CA ILE A 13 -1.63 3.75 -7.31
C ILE A 13 -1.11 4.77 -6.23
N LEU A 14 -0.67 5.99 -6.64
CA LEU A 14 -0.30 7.09 -5.69
C LEU A 14 -1.49 7.62 -4.83
N LYS A 15 -2.69 7.80 -5.43
CA LYS A 15 -3.94 8.07 -4.69
C LYS A 15 -4.44 7.01 -3.68
N ALA A 16 -4.20 5.71 -3.93
CA ALA A 16 -4.41 4.61 -2.95
C ALA A 16 -3.38 4.58 -1.76
N PHE A 17 -2.08 4.90 -2.00
CA PHE A 17 -1.12 5.21 -0.89
C PHE A 17 -1.65 6.46 -0.03
N LYS A 18 -2.30 7.46 -0.67
CA LYS A 18 -3.13 8.49 0.04
C LYS A 18 -4.38 7.91 0.77
N LEU A 19 -5.03 6.81 0.28
CA LEU A 19 -6.03 6.01 1.08
C LEU A 19 -5.43 5.51 2.41
N PHE A 20 -4.12 5.11 2.49
CA PHE A 20 -3.46 4.92 3.80
C PHE A 20 -3.50 6.25 4.65
N ASP A 21 -2.93 7.38 4.17
CA ASP A 21 -2.77 8.60 4.99
C ASP A 21 -4.07 9.46 4.96
N ASP A 22 -4.89 9.29 6.01
CA ASP A 22 -6.24 9.93 6.14
C ASP A 22 -6.17 11.48 6.31
N ASP A 23 -5.34 12.02 7.22
CA ASP A 23 -5.08 13.51 7.29
C ASP A 23 -4.18 14.13 6.17
N GLU A 24 -3.65 13.34 5.21
CA GLU A 24 -2.87 13.84 4.03
C GLU A 24 -1.56 14.56 4.45
N THR A 25 -0.53 13.76 4.72
CA THR A 25 0.85 14.23 5.05
C THR A 25 1.85 13.41 4.20
N GLY A 26 1.90 12.07 4.36
CA GLY A 26 2.65 11.18 3.45
C GLY A 26 2.89 9.77 4.04
N LYS A 27 3.67 9.62 5.13
CA LYS A 27 4.12 8.28 5.61
C LYS A 27 3.19 7.69 6.69
N ILE A 28 3.09 6.34 6.74
CA ILE A 28 2.04 5.66 7.58
C ILE A 28 2.51 4.56 8.58
N SER A 29 1.55 4.13 9.43
CA SER A 29 1.71 3.05 10.43
C SER A 29 0.79 1.82 10.14
N PHE A 30 1.00 0.76 10.96
CA PHE A 30 0.20 -0.51 11.01
C PHE A 30 -1.34 -0.46 10.74
N LYS A 31 -2.02 0.44 11.45
CA LYS A 31 -3.49 0.62 11.36
C LYS A 31 -4.02 1.16 10.02
N ASN A 32 -3.28 2.06 9.36
CA ASN A 32 -3.65 2.55 7.99
C ASN A 32 -3.72 1.40 6.91
N LEU A 33 -2.69 0.50 6.90
CA LEU A 33 -2.68 -0.81 6.15
C LEU A 33 -4.01 -1.57 6.42
N LYS A 34 -4.22 -2.02 7.69
CA LYS A 34 -5.48 -2.66 8.11
C LYS A 34 -6.81 -1.90 7.96
N ARG A 35 -6.79 -0.57 7.82
CA ARG A 35 -7.96 0.28 7.98
C ARG A 35 -8.74 0.40 6.67
N VAL A 36 -8.07 0.95 5.66
CA VAL A 36 -8.62 0.90 4.28
C VAL A 36 -8.56 -0.52 3.64
N ALA A 37 -7.51 -1.36 3.88
CA ALA A 37 -7.58 -2.82 3.50
C ALA A 37 -8.65 -3.62 4.31
N LYS A 38 -8.88 -3.17 5.56
CA LYS A 38 -10.00 -3.65 6.42
C LYS A 38 -11.44 -3.38 5.92
N GLU A 39 -11.68 -2.23 5.22
CA GLU A 39 -12.95 -1.96 4.48
C GLU A 39 -13.41 -3.14 3.54
N LEU A 40 -12.46 -3.71 2.76
CA LEU A 40 -12.66 -4.98 2.01
C LEU A 40 -12.95 -6.21 2.93
N GLY A 41 -12.06 -6.48 3.90
CA GLY A 41 -12.11 -7.69 4.75
C GLY A 41 -11.27 -8.91 4.25
N GLU A 42 -10.03 -8.70 3.76
CA GLU A 42 -9.13 -9.80 3.33
C GLU A 42 -8.74 -10.83 4.44
N ASN A 43 -8.21 -11.99 4.00
CA ASN A 43 -7.81 -13.09 4.94
C ASN A 43 -6.33 -12.86 5.38
N LEU A 44 -6.27 -12.18 6.53
CA LEU A 44 -5.01 -11.89 7.27
C LEU A 44 -5.19 -12.13 8.80
N THR A 45 -4.05 -12.33 9.48
CA THR A 45 -3.96 -12.33 10.96
C THR A 45 -3.05 -11.12 11.37
N ASP A 46 -3.26 -10.56 12.58
CA ASP A 46 -2.35 -9.49 13.12
C ASP A 46 -0.85 -9.91 13.34
N GLU A 47 -0.52 -11.20 13.56
CA GLU A 47 0.86 -11.72 13.53
C GLU A 47 1.56 -11.59 12.14
N GLU A 48 0.85 -11.92 11.03
CA GLU A 48 1.31 -11.60 9.64
C GLU A 48 1.52 -10.08 9.37
N LEU A 49 0.47 -9.27 9.66
CA LEU A 49 0.51 -7.78 9.66
C LEU A 49 1.71 -7.08 10.41
N GLN A 50 2.01 -7.56 11.64
CA GLN A 50 3.24 -7.18 12.41
C GLN A 50 4.57 -7.59 11.70
N GLU A 51 4.64 -8.80 11.12
CA GLU A 51 5.74 -9.24 10.24
C GLU A 51 6.00 -8.36 8.98
N MET A 52 4.95 -7.88 8.29
CA MET A 52 5.08 -6.85 7.21
C MET A 52 5.74 -5.55 7.71
N ILE A 53 5.20 -4.89 8.76
CA ILE A 53 5.78 -3.59 9.24
C ILE A 53 7.24 -3.65 9.81
N ASP A 54 7.58 -4.75 10.50
CA ASP A 54 8.99 -5.08 10.89
C ASP A 54 9.96 -5.29 9.67
N GLU A 55 9.51 -6.00 8.61
CA GLU A 55 10.21 -6.11 7.31
C GLU A 55 10.60 -4.76 6.63
N ALA A 56 9.61 -3.88 6.37
CA ALA A 56 9.83 -2.55 5.73
C ALA A 56 10.83 -1.60 6.43
N ASP A 57 10.68 -1.41 7.75
CA ASP A 57 11.60 -0.57 8.55
C ASP A 57 12.31 -1.50 9.58
N ARG A 58 13.40 -2.13 9.10
CA ARG A 58 14.16 -3.19 9.84
C ARG A 58 14.59 -2.84 11.26
N ASP A 59 15.42 -1.80 11.34
CA ASP A 59 15.75 -1.13 12.63
C ASP A 59 14.55 -0.55 13.44
N GLY A 60 13.55 0.01 12.74
CA GLY A 60 12.40 0.67 13.36
C GLY A 60 12.59 2.20 13.53
N ASP A 61 12.71 3.01 12.46
CA ASP A 61 12.78 4.50 12.55
C ASP A 61 11.40 5.16 12.88
N GLY A 62 10.28 4.72 12.28
CA GLY A 62 8.97 5.34 12.54
C GLY A 62 7.84 4.97 11.56
N GLU A 63 7.97 5.36 10.27
CA GLU A 63 6.86 5.28 9.29
C GLU A 63 7.33 4.93 7.85
N VAL A 64 6.36 4.42 7.06
CA VAL A 64 6.59 3.86 5.69
C VAL A 64 6.33 4.94 4.59
N SER A 65 6.92 4.67 3.42
CA SER A 65 7.06 5.63 2.29
C SER A 65 6.29 5.09 1.04
N GLU A 66 6.14 5.96 0.01
CA GLU A 66 5.52 5.63 -1.32
C GLU A 66 5.93 4.28 -1.98
N GLN A 67 7.24 3.99 -1.91
CA GLN A 67 7.87 2.70 -2.26
C GLN A 67 7.28 1.39 -1.67
N GLU A 68 6.53 1.36 -0.55
CA GLU A 68 5.95 0.09 -0.02
C GLU A 68 4.63 -0.35 -0.71
N PHE A 69 3.54 0.46 -0.70
CA PHE A 69 2.32 0.09 -1.53
C PHE A 69 2.69 0.08 -3.05
N LEU A 70 3.34 1.15 -3.59
CA LEU A 70 3.70 1.20 -5.04
C LEU A 70 4.87 0.25 -5.43
N ARG A 71 6.00 0.28 -4.70
CA ARG A 71 7.19 -0.54 -5.04
C ARG A 71 7.07 -2.05 -4.73
N ILE A 72 6.40 -2.48 -3.63
CA ILE A 72 6.11 -3.92 -3.41
C ILE A 72 4.97 -4.42 -4.40
N MET A 73 3.92 -3.63 -4.77
CA MET A 73 2.97 -4.00 -5.87
C MET A 73 3.66 -4.30 -7.25
N LYS A 74 4.59 -3.42 -7.72
CA LYS A 74 5.34 -3.63 -8.99
C LYS A 74 6.31 -4.83 -8.96
N LYS A 75 7.41 -4.70 -8.21
CA LYS A 75 8.45 -5.76 -8.09
C LYS A 75 8.10 -6.82 -7.03
N THR A 76 8.10 -8.10 -7.46
CA THR A 76 7.95 -9.27 -6.56
C THR A 76 9.36 -9.63 -5.98
N SER A 77 9.49 -9.64 -4.65
CA SER A 77 10.74 -9.99 -3.95
C SER A 77 10.96 -11.53 -3.91
N LEU A 78 11.91 -12.01 -4.74
CA LEU A 78 12.13 -13.45 -4.99
C LEU A 78 13.13 -14.04 -3.97
N TYR A 79 12.51 -14.48 -2.87
CA TYR A 79 13.08 -15.29 -1.79
C TYR A 79 14.21 -14.55 -1.02
N ASN B 1 2.51 -11.07 4.11
CA ASN B 1 3.18 -10.56 2.89
C ASN B 1 2.60 -9.18 2.51
N TRP B 2 3.50 -8.22 2.20
CA TRP B 2 3.11 -6.91 1.59
C TRP B 2 2.57 -7.00 0.13
N LYS B 3 2.92 -8.03 -0.69
CA LYS B 3 2.26 -8.27 -2.01
C LYS B 3 0.77 -8.69 -1.89
N LEU B 4 0.42 -9.61 -0.97
CA LEU B 4 -1.00 -9.92 -0.61
C LEU B 4 -1.79 -8.69 -0.05
N LEU B 5 -1.20 -7.92 0.89
CA LEU B 5 -1.73 -6.59 1.33
C LEU B 5 -1.76 -5.50 0.20
N ALA B 6 -0.84 -5.53 -0.78
CA ALA B 6 -0.84 -4.62 -1.95
C ALA B 6 -1.97 -4.86 -2.96
N LYS B 7 -2.39 -6.11 -3.26
CA LYS B 7 -3.66 -6.38 -4.02
C LYS B 7 -4.94 -6.00 -3.21
N GLY B 8 -5.00 -6.55 -1.97
CA GLY B 8 -5.98 -6.13 -0.94
C GLY B 8 -6.20 -4.61 -0.75
N LEU B 9 -5.13 -3.77 -0.82
CA LEU B 9 -5.27 -2.30 -0.93
C LEU B 9 -5.25 -1.72 -2.39
N LEU B 10 -4.88 -2.47 -3.44
CA LEU B 10 -5.16 -2.14 -4.89
C LEU B 10 -6.70 -1.97 -5.17
N ILE B 11 -7.56 -2.47 -4.26
CA ILE B 11 -9.01 -2.07 -4.10
C ILE B 11 -9.41 -0.55 -4.30
N ARG B 12 -8.41 0.37 -4.39
CA ARG B 12 -8.57 1.86 -4.33
C ARG B 12 -9.85 2.53 -4.93
N GLU B 13 -10.21 2.11 -6.15
CA GLU B 13 -11.43 2.59 -6.84
C GLU B 13 -11.59 1.71 -8.10
N ARG B 14 -12.42 0.66 -8.00
CA ARG B 14 -12.54 -0.34 -9.08
C ARG B 14 -12.27 -1.76 -8.49
N LEU B 15 -13.22 -2.67 -8.71
CA LEU B 15 -13.07 -4.12 -8.38
C LEU B 15 -13.03 -4.92 -9.72
N LYS B 16 -11.94 -5.66 -9.94
CA LYS B 16 -11.79 -6.54 -11.11
C LYS B 16 -10.53 -7.41 -10.90
N ARG B 17 -10.76 -8.66 -10.45
CA ARG B 17 -9.68 -9.56 -9.97
C ARG B 17 -9.82 -10.92 -10.70
N THR A 1 -8.37 17.13 -13.79
CA THR A 1 -6.89 17.10 -13.78
C THR A 1 -6.35 18.36 -14.52
N GLN A 2 -5.41 19.08 -13.87
CA GLN A 2 -4.71 20.24 -14.49
C GLN A 2 -3.38 19.85 -15.25
N LYS A 3 -3.40 18.79 -16.10
CA LYS A 3 -2.20 18.35 -16.81
C LYS A 3 -2.26 16.82 -16.99
N MET A 4 -2.68 16.36 -18.17
CA MET A 4 -2.83 14.90 -18.48
C MET A 4 -1.51 14.39 -19.12
N SER A 5 -0.76 13.56 -18.38
CA SER A 5 0.53 13.00 -18.84
C SER A 5 0.57 11.47 -18.57
N GLU A 6 0.80 11.10 -17.31
CA GLU A 6 0.64 9.71 -16.81
C GLU A 6 -0.59 9.71 -15.86
N LYS A 7 -1.79 9.72 -16.47
CA LYS A 7 -3.06 9.92 -15.73
C LYS A 7 -3.56 8.70 -14.95
N ASP A 8 -4.05 7.67 -15.67
CA ASP A 8 -4.76 6.51 -15.07
C ASP A 8 -3.89 5.63 -14.13
N THR A 9 -2.73 5.13 -14.61
CA THR A 9 -1.85 4.21 -13.81
C THR A 9 -1.19 4.90 -12.58
N LYS A 10 -0.33 5.94 -12.79
CA LYS A 10 0.29 6.70 -11.68
C LYS A 10 -0.68 7.47 -10.74
N GLU A 11 -1.75 8.10 -11.28
CA GLU A 11 -2.81 8.72 -10.44
C GLU A 11 -3.58 7.71 -9.52
N GLU A 12 -3.96 6.51 -10.01
CA GLU A 12 -4.61 5.46 -9.17
C GLU A 12 -3.71 4.84 -8.06
N ILE A 13 -2.44 4.45 -8.37
CA ILE A 13 -1.51 3.89 -7.32
C ILE A 13 -1.10 4.94 -6.22
N LEU A 14 -0.71 6.17 -6.60
CA LEU A 14 -0.41 7.28 -5.63
C LEU A 14 -1.65 7.74 -4.80
N LYS A 15 -2.84 7.86 -5.41
CA LYS A 15 -4.14 8.07 -4.69
C LYS A 15 -4.52 6.97 -3.64
N ALA A 16 -4.28 5.68 -3.92
CA ALA A 16 -4.45 4.58 -2.94
C ALA A 16 -3.44 4.59 -1.74
N PHE A 17 -2.14 4.92 -1.97
CA PHE A 17 -1.18 5.28 -0.87
C PHE A 17 -1.71 6.52 -0.05
N LYS A 18 -2.35 7.52 -0.70
CA LYS A 18 -3.15 8.59 -0.02
C LYS A 18 -4.37 8.05 0.79
N LEU A 19 -5.03 6.93 0.38
CA LEU A 19 -6.00 6.19 1.25
C LEU A 19 -5.33 5.73 2.57
N PHE A 20 -4.04 5.24 2.58
CA PHE A 20 -3.30 5.09 3.87
C PHE A 20 -3.18 6.47 4.63
N ASP A 21 -2.67 7.54 3.96
CA ASP A 21 -2.27 8.81 4.59
C ASP A 21 -3.49 9.77 4.82
N ASP A 22 -4.15 9.58 5.98
CA ASP A 22 -5.46 10.24 6.30
C ASP A 22 -5.30 11.77 6.57
N ASP A 23 -4.38 12.20 7.46
CA ASP A 23 -4.05 13.65 7.62
C ASP A 23 -3.19 14.33 6.51
N GLU A 24 -2.74 13.60 5.46
CA GLU A 24 -1.97 14.16 4.31
C GLU A 24 -0.60 14.79 4.75
N THR A 25 0.37 13.91 5.04
CA THR A 25 1.74 14.28 5.47
C THR A 25 2.77 13.52 4.60
N GLY A 26 2.76 12.16 4.61
CA GLY A 26 3.58 11.34 3.69
C GLY A 26 4.06 9.94 4.15
N LYS A 27 3.91 9.56 5.43
CA LYS A 27 4.53 8.32 5.99
C LYS A 27 3.57 7.65 6.99
N ILE A 28 3.31 6.31 6.87
CA ILE A 28 2.20 5.65 7.64
C ILE A 28 2.58 4.47 8.59
N SER A 29 1.59 4.08 9.43
CA SER A 29 1.72 3.05 10.50
C SER A 29 0.80 1.80 10.24
N PHE A 30 0.97 0.76 11.09
CA PHE A 30 0.18 -0.52 11.10
C PHE A 30 -1.36 -0.44 10.80
N LYS A 31 -2.04 0.48 11.52
CA LYS A 31 -3.52 0.65 11.40
C LYS A 31 -4.00 1.21 10.04
N ASN A 32 -3.26 2.14 9.41
CA ASN A 32 -3.62 2.62 8.03
C ASN A 32 -3.67 1.46 6.97
N LEU A 33 -2.64 0.56 6.96
CA LEU A 33 -2.61 -0.74 6.21
C LEU A 33 -3.95 -1.50 6.44
N LYS A 34 -4.18 -1.98 7.69
CA LYS A 34 -5.44 -2.64 8.07
C LYS A 34 -6.77 -1.86 7.97
N ARG A 35 -6.76 -0.53 7.85
CA ARG A 35 -7.97 0.31 8.01
C ARG A 35 -8.72 0.45 6.71
N VAL A 36 -8.03 1.08 5.75
CA VAL A 36 -8.53 1.09 4.35
C VAL A 36 -8.46 -0.30 3.66
N ALA A 37 -7.41 -1.13 3.87
CA ALA A 37 -7.46 -2.56 3.41
C ALA A 37 -8.52 -3.42 4.19
N LYS A 38 -8.78 -3.03 5.46
CA LYS A 38 -9.90 -3.58 6.28
C LYS A 38 -11.35 -3.25 5.80
N GLU A 39 -11.59 -2.10 5.14
CA GLU A 39 -12.88 -1.80 4.43
C GLU A 39 -13.36 -2.94 3.47
N LEU A 40 -12.45 -3.45 2.61
CA LEU A 40 -12.66 -4.72 1.84
C LEU A 40 -12.88 -5.96 2.77
N GLY A 41 -11.92 -6.21 3.67
CA GLY A 41 -11.85 -7.46 4.45
C GLY A 41 -10.98 -8.57 3.82
N GLU A 42 -9.76 -8.24 3.31
CA GLU A 42 -8.79 -9.24 2.78
C GLU A 42 -8.27 -10.18 3.90
N ASN A 43 -8.11 -11.47 3.54
CA ASN A 43 -7.82 -12.58 4.51
C ASN A 43 -6.38 -12.50 5.08
N LEU A 44 -6.32 -11.84 6.22
CA LEU A 44 -5.06 -11.48 6.94
C LEU A 44 -5.21 -11.82 8.46
N THR A 45 -4.09 -12.25 9.06
CA THR A 45 -3.94 -12.35 10.53
C THR A 45 -3.07 -11.13 10.97
N ASP A 46 -3.34 -10.56 12.17
CA ASP A 46 -2.47 -9.48 12.73
C ASP A 46 -0.98 -9.87 13.03
N GLU A 47 -0.65 -11.18 13.16
CA GLU A 47 0.73 -11.69 13.18
C GLU A 47 1.48 -11.52 11.81
N GLU A 48 0.82 -11.83 10.66
CA GLU A 48 1.34 -11.48 9.30
C GLU A 48 1.51 -9.95 9.07
N LEU A 49 0.48 -9.16 9.43
CA LEU A 49 0.51 -7.66 9.52
C LEU A 49 1.69 -7.04 10.35
N GLN A 50 2.03 -7.63 11.53
CA GLN A 50 3.26 -7.28 12.31
C GLN A 50 4.59 -7.64 11.58
N GLU A 51 4.69 -8.82 10.94
CA GLU A 51 5.80 -9.18 10.02
C GLU A 51 5.99 -8.26 8.79
N MET A 52 4.90 -7.69 8.21
CA MET A 52 4.99 -6.62 7.19
C MET A 52 5.68 -5.35 7.74
N ILE A 53 5.15 -4.77 8.83
CA ILE A 53 5.65 -3.46 9.35
C ILE A 53 7.13 -3.49 9.90
N ASP A 54 7.52 -4.60 10.55
CA ASP A 54 8.95 -4.88 10.88
C ASP A 54 9.85 -5.12 9.62
N GLU A 55 9.34 -5.77 8.54
CA GLU A 55 10.00 -5.85 7.21
C GLU A 55 10.36 -4.47 6.56
N ALA A 56 9.38 -3.55 6.46
CA ALA A 56 9.58 -2.20 5.86
C ALA A 56 10.62 -1.28 6.56
N ASP A 57 10.56 -1.15 7.90
CA ASP A 57 11.48 -0.26 8.66
C ASP A 57 12.25 -1.02 9.81
N ARG A 58 13.01 -2.05 9.40
CA ARG A 58 13.73 -2.97 10.32
C ARG A 58 14.71 -2.33 11.31
N ASP A 59 15.68 -1.60 10.75
CA ASP A 59 16.56 -0.71 11.51
C ASP A 59 15.85 0.43 12.31
N GLY A 60 14.70 0.99 11.84
CA GLY A 60 14.13 2.21 12.47
C GLY A 60 13.08 1.86 13.55
N ASP A 61 11.79 1.65 13.21
CA ASP A 61 10.70 1.52 14.21
C ASP A 61 9.41 0.93 13.56
N GLY A 62 8.91 1.51 12.44
CA GLY A 62 7.58 1.18 11.89
C GLY A 62 6.99 2.07 10.77
N GLU A 63 7.64 3.19 10.39
CA GLU A 63 7.05 4.21 9.49
C GLU A 63 7.46 3.94 8.02
N VAL A 64 6.44 4.04 7.16
CA VAL A 64 6.45 3.60 5.74
C VAL A 64 6.45 4.81 4.76
N SER A 65 6.99 4.54 3.57
CA SER A 65 7.12 5.53 2.47
C SER A 65 6.29 5.09 1.22
N GLU A 66 6.17 6.01 0.24
CA GLU A 66 5.59 5.75 -1.13
C GLU A 66 5.95 4.39 -1.81
N GLN A 67 7.25 4.05 -1.73
CA GLN A 67 7.83 2.76 -2.14
C GLN A 67 7.25 1.43 -1.56
N GLU A 68 6.47 1.40 -0.47
CA GLU A 68 5.89 0.11 0.04
C GLU A 68 4.59 -0.33 -0.65
N PHE A 69 3.50 0.47 -0.66
CA PHE A 69 2.30 0.13 -1.53
C PHE A 69 2.69 0.19 -3.03
N LEU A 70 3.34 1.27 -3.52
CA LEU A 70 3.75 1.36 -4.95
C LEU A 70 4.90 0.40 -5.35
N ARG A 71 6.02 0.38 -4.60
CA ARG A 71 7.20 -0.46 -4.94
C ARG A 71 7.05 -1.97 -4.66
N ILE A 72 6.38 -2.40 -3.56
CA ILE A 72 6.09 -3.85 -3.34
C ILE A 72 4.96 -4.33 -4.33
N MET A 73 3.90 -3.54 -4.71
CA MET A 73 2.96 -3.91 -5.82
C MET A 73 3.66 -4.16 -7.21
N LYS A 74 4.55 -3.25 -7.67
CA LYS A 74 5.22 -3.37 -8.99
C LYS A 74 6.23 -4.54 -9.10
N LYS A 75 7.39 -4.41 -8.44
CA LYS A 75 8.49 -5.41 -8.52
C LYS A 75 8.31 -6.51 -7.43
N THR A 76 8.07 -7.76 -7.88
CA THR A 76 8.00 -8.94 -6.98
C THR A 76 9.42 -9.56 -6.86
N SER A 77 9.91 -9.68 -5.61
CA SER A 77 11.19 -10.38 -5.31
C SER A 77 10.90 -11.87 -4.99
N LEU A 78 11.33 -12.76 -5.90
CA LEU A 78 11.12 -14.22 -5.77
C LEU A 78 12.28 -14.82 -4.95
N TYR A 79 11.96 -14.99 -3.66
CA TYR A 79 12.92 -15.48 -2.63
C TYR A 79 13.00 -17.01 -2.64
N ASN B 1 4.55 -10.04 4.32
CA ASN B 1 3.32 -10.32 3.51
C ASN B 1 2.72 -9.02 2.85
N TRP B 2 3.55 -8.14 2.27
CA TRP B 2 3.11 -6.85 1.67
C TRP B 2 2.53 -6.97 0.22
N LYS B 3 2.83 -8.00 -0.60
CA LYS B 3 2.15 -8.23 -1.90
C LYS B 3 0.65 -8.62 -1.77
N LEU B 4 0.29 -9.55 -0.86
CA LEU B 4 -1.16 -9.82 -0.52
C LEU B 4 -1.90 -8.59 0.12
N LEU B 5 -1.23 -7.79 0.98
CA LEU B 5 -1.74 -6.46 1.44
C LEU B 5 -1.81 -5.41 0.27
N ALA B 6 -0.88 -5.42 -0.70
CA ALA B 6 -0.92 -4.57 -1.92
C ALA B 6 -2.13 -4.85 -2.87
N LYS B 7 -2.60 -6.11 -3.05
CA LYS B 7 -3.91 -6.40 -3.71
C LYS B 7 -5.15 -5.93 -2.87
N GLY B 8 -5.12 -6.37 -1.58
CA GLY B 8 -6.01 -5.88 -0.51
C GLY B 8 -6.29 -4.36 -0.51
N LEU B 9 -5.23 -3.50 -0.63
CA LEU B 9 -5.44 -2.07 -0.92
C LEU B 9 -5.36 -1.65 -2.45
N LEU B 10 -5.03 -2.53 -3.40
CA LEU B 10 -5.28 -2.35 -4.89
C LEU B 10 -6.79 -2.03 -5.19
N ILE B 11 -7.70 -2.37 -4.23
CA ILE B 11 -9.09 -1.77 -4.10
C ILE B 11 -9.28 -0.21 -4.38
N ARG B 12 -8.16 0.54 -4.52
CA ARG B 12 -8.03 2.02 -4.64
C ARG B 12 -9.16 2.88 -5.27
N GLU B 13 -9.72 2.40 -6.39
CA GLU B 13 -10.78 3.11 -7.17
C GLU B 13 -12.18 2.51 -6.85
N ARG B 14 -13.19 3.40 -6.81
CA ARG B 14 -14.61 3.01 -6.56
C ARG B 14 -15.26 2.22 -7.72
N LEU B 15 -15.53 2.92 -8.84
CA LEU B 15 -16.37 2.37 -9.95
C LEU B 15 -15.53 1.48 -10.93
N LYS B 16 -14.52 2.04 -11.61
CA LYS B 16 -13.74 1.28 -12.61
C LYS B 16 -13.68 2.06 -13.93
N ARG B 17 -12.70 2.98 -14.03
CA ARG B 17 -12.57 3.90 -15.20
C ARG B 17 -11.05 3.99 -15.53
N THR A 1 7.42 8.33 -29.61
CA THR A 1 7.56 7.17 -28.70
C THR A 1 6.81 5.94 -29.30
N GLN A 2 7.44 4.75 -29.17
CA GLN A 2 6.84 3.47 -29.65
C GLN A 2 5.69 2.95 -28.73
N LYS A 3 5.97 2.66 -27.44
CA LYS A 3 4.94 2.25 -26.46
C LYS A 3 5.33 2.77 -25.07
N MET A 4 4.81 3.96 -24.69
CA MET A 4 5.10 4.60 -23.38
C MET A 4 3.77 5.17 -22.81
N SER A 5 3.41 4.72 -21.60
CA SER A 5 2.20 5.18 -20.88
C SER A 5 2.58 5.60 -19.44
N GLU A 6 2.16 6.81 -19.04
CA GLU A 6 2.31 7.29 -17.63
C GLU A 6 1.41 8.54 -17.42
N LYS A 7 0.48 8.41 -16.46
CA LYS A 7 -0.46 9.52 -16.13
C LYS A 7 -1.64 9.02 -15.29
N ASP A 8 -2.57 8.29 -15.92
CA ASP A 8 -3.80 7.76 -15.25
C ASP A 8 -3.53 6.58 -14.28
N THR A 9 -2.74 5.56 -14.70
CA THR A 9 -2.29 4.45 -13.79
C THR A 9 -1.44 4.92 -12.57
N LYS A 10 -0.39 5.76 -12.77
CA LYS A 10 0.36 6.41 -11.67
C LYS A 10 -0.47 7.30 -10.69
N GLU A 11 -1.41 8.11 -11.19
CA GLU A 11 -2.40 8.85 -10.35
C GLU A 11 -3.32 7.93 -9.47
N GLU A 12 -3.83 6.80 -10.00
CA GLU A 12 -4.61 5.79 -9.23
C GLU A 12 -3.84 5.11 -8.07
N ILE A 13 -2.63 4.55 -8.31
CA ILE A 13 -1.78 3.97 -7.23
C ILE A 13 -1.29 5.01 -6.16
N LEU A 14 -0.86 6.24 -6.56
CA LEU A 14 -0.51 7.35 -5.62
C LEU A 14 -1.70 7.79 -4.70
N LYS A 15 -2.91 7.98 -5.26
CA LYS A 15 -4.15 8.18 -4.48
C LYS A 15 -4.57 7.02 -3.53
N ALA A 16 -4.25 5.76 -3.85
CA ALA A 16 -4.40 4.60 -2.93
C ALA A 16 -3.38 4.57 -1.73
N PHE A 17 -2.09 4.92 -1.90
CA PHE A 17 -1.18 5.23 -0.75
C PHE A 17 -1.75 6.45 0.10
N LYS A 18 -2.44 7.44 -0.53
CA LYS A 18 -3.29 8.44 0.18
C LYS A 18 -4.54 7.84 0.90
N LEU A 19 -5.14 6.72 0.41
CA LEU A 19 -6.13 5.89 1.18
C LEU A 19 -5.49 5.40 2.52
N PHE A 20 -4.19 4.94 2.55
CA PHE A 20 -3.47 4.78 3.84
C PHE A 20 -3.40 6.15 4.63
N ASP A 21 -2.90 7.24 4.00
CA ASP A 21 -2.54 8.51 4.68
C ASP A 21 -3.69 9.47 5.15
N ASP A 22 -4.62 8.94 5.99
CA ASP A 22 -5.67 9.71 6.72
C ASP A 22 -4.97 10.58 7.81
N ASP A 23 -4.68 11.81 7.34
CA ASP A 23 -3.78 12.81 7.98
C ASP A 23 -2.39 12.30 8.48
N GLU A 24 -1.74 11.36 7.75
CA GLU A 24 -0.36 10.91 8.09
C GLU A 24 0.84 11.70 7.48
N THR A 25 0.58 12.74 6.66
CA THR A 25 1.57 13.72 6.11
C THR A 25 2.75 13.07 5.29
N GLY A 26 2.45 12.08 4.42
CA GLY A 26 3.46 11.39 3.57
C GLY A 26 4.02 10.04 4.05
N LYS A 27 4.13 9.79 5.36
CA LYS A 27 4.53 8.47 5.93
C LYS A 27 3.35 7.88 6.75
N ILE A 28 3.31 6.53 6.87
CA ILE A 28 2.09 5.79 7.38
C ILE A 28 2.35 4.69 8.47
N SER A 29 1.25 4.25 9.12
CA SER A 29 1.27 3.36 10.32
C SER A 29 0.53 2.01 10.10
N PHE A 30 0.83 1.02 10.98
CA PHE A 30 0.12 -0.31 11.12
C PHE A 30 -1.42 -0.34 10.85
N LYS A 31 -2.15 0.50 11.61
CA LYS A 31 -3.61 0.65 11.48
C LYS A 31 -4.11 1.11 10.09
N ASN A 32 -3.46 2.13 9.48
CA ASN A 32 -3.78 2.56 8.08
C ASN A 32 -3.77 1.40 7.03
N LEU A 33 -2.70 0.53 7.03
CA LEU A 33 -2.65 -0.77 6.28
C LEU A 33 -3.96 -1.58 6.51
N LYS A 34 -4.18 -2.06 7.75
CA LYS A 34 -5.41 -2.78 8.14
C LYS A 34 -6.79 -2.09 7.96
N ARG A 35 -6.85 -0.76 7.88
CA ARG A 35 -8.11 0.01 8.02
C ARG A 35 -8.81 0.17 6.69
N VAL A 36 -8.11 0.80 5.73
CA VAL A 36 -8.59 0.79 4.33
C VAL A 36 -8.48 -0.62 3.66
N ALA A 37 -7.38 -1.40 3.87
CA ALA A 37 -7.38 -2.84 3.43
C ALA A 37 -8.40 -3.73 4.20
N LYS A 38 -8.70 -3.34 5.46
CA LYS A 38 -9.82 -3.93 6.25
C LYS A 38 -11.27 -3.59 5.80
N GLU A 39 -11.51 -2.47 5.08
CA GLU A 39 -12.81 -2.18 4.36
C GLU A 39 -13.27 -3.39 3.49
N LEU A 40 -12.37 -3.94 2.65
CA LEU A 40 -12.57 -5.27 2.00
C LEU A 40 -12.53 -6.39 3.10
N GLY A 41 -11.40 -6.52 3.84
CA GLY A 41 -11.24 -7.47 4.95
C GLY A 41 -10.02 -8.40 4.74
N GLU A 42 -9.97 -9.13 3.60
CA GLU A 42 -8.88 -10.07 3.20
C GLU A 42 -8.54 -11.22 4.22
N ASN A 43 -7.75 -12.19 3.73
CA ASN A 43 -7.19 -13.28 4.57
C ASN A 43 -5.82 -12.85 5.17
N LEU A 44 -5.88 -12.16 6.33
CA LEU A 44 -4.70 -11.82 7.15
C LEU A 44 -4.91 -12.14 8.67
N THR A 45 -3.76 -12.25 9.37
CA THR A 45 -3.69 -12.30 10.86
C THR A 45 -2.82 -11.07 11.30
N ASP A 46 -3.05 -10.53 12.51
CA ASP A 46 -2.18 -9.44 13.07
C ASP A 46 -0.67 -9.81 13.30
N GLU A 47 -0.32 -11.11 13.49
CA GLU A 47 1.08 -11.60 13.47
C GLU A 47 1.78 -11.38 12.09
N GLU A 48 1.12 -11.77 10.96
CA GLU A 48 1.57 -11.40 9.59
C GLU A 48 1.68 -9.87 9.33
N LEU A 49 0.67 -9.10 9.75
CA LEU A 49 0.66 -7.60 9.72
C LEU A 49 1.86 -6.89 10.47
N GLN A 50 2.19 -7.33 11.71
CA GLN A 50 3.42 -6.90 12.43
C GLN A 50 4.75 -7.34 11.74
N GLU A 51 4.83 -8.57 11.18
CA GLU A 51 5.95 -9.00 10.30
C GLU A 51 6.16 -8.14 9.03
N MET A 52 5.08 -7.73 8.35
CA MET A 52 5.14 -6.73 7.24
C MET A 52 5.81 -5.40 7.67
N ILE A 53 5.30 -4.71 8.70
CA ILE A 53 5.85 -3.39 9.13
C ILE A 53 7.34 -3.41 9.63
N ASP A 54 7.75 -4.48 10.33
CA ASP A 54 9.18 -4.75 10.67
C ASP A 54 10.11 -5.06 9.45
N GLU A 55 9.66 -5.82 8.42
CA GLU A 55 10.39 -6.03 7.15
C GLU A 55 10.70 -4.75 6.34
N ALA A 56 9.67 -3.93 6.05
CA ALA A 56 9.87 -2.62 5.35
C ALA A 56 10.69 -1.56 6.11
N ASP A 57 10.49 -1.41 7.43
CA ASP A 57 11.19 -0.38 8.24
C ASP A 57 12.50 -1.02 8.80
N ARG A 58 13.62 -0.77 8.08
CA ARG A 58 14.95 -1.42 8.30
C ARG A 58 15.49 -1.41 9.75
N ASP A 59 15.73 -0.19 10.22
CA ASP A 59 16.02 0.07 11.68
C ASP A 59 14.83 -0.31 12.63
N GLY A 60 13.58 -0.10 12.17
CA GLY A 60 12.37 -0.32 12.98
C GLY A 60 11.93 0.88 13.86
N ASP A 61 11.86 2.11 13.30
CA ASP A 61 11.35 3.30 14.03
C ASP A 61 9.80 3.39 14.06
N GLY A 62 9.08 3.10 12.95
CA GLY A 62 7.61 3.10 12.93
C GLY A 62 6.92 3.29 11.56
N GLU A 63 7.25 4.37 10.84
CA GLU A 63 6.47 4.81 9.64
C GLU A 63 7.06 4.39 8.25
N VAL A 64 6.12 4.13 7.31
CA VAL A 64 6.40 3.63 5.93
C VAL A 64 6.41 4.79 4.88
N SER A 65 6.92 4.47 3.68
CA SER A 65 7.15 5.43 2.56
C SER A 65 6.33 4.95 1.31
N GLU A 66 6.21 5.84 0.31
CA GLU A 66 5.55 5.57 -1.02
C GLU A 66 5.93 4.23 -1.73
N GLN A 67 7.23 3.91 -1.71
CA GLN A 67 7.79 2.60 -2.12
C GLN A 67 7.14 1.29 -1.59
N GLU A 68 6.39 1.27 -0.47
CA GLU A 68 5.75 0.03 0.03
C GLU A 68 4.43 -0.38 -0.66
N PHE A 69 3.34 0.43 -0.65
CA PHE A 69 2.15 0.11 -1.52
C PHE A 69 2.51 0.22 -3.02
N LEU A 70 3.20 1.31 -3.47
CA LEU A 70 3.60 1.44 -4.89
C LEU A 70 4.65 0.41 -5.39
N ARG A 71 5.77 0.28 -4.67
CA ARG A 71 6.89 -0.61 -5.06
C ARG A 71 6.68 -2.11 -4.79
N ILE A 72 6.05 -2.51 -3.66
CA ILE A 72 5.69 -3.94 -3.43
C ILE A 72 4.47 -4.37 -4.35
N MET A 73 3.44 -3.54 -4.66
CA MET A 73 2.44 -3.89 -5.71
C MET A 73 3.01 -4.02 -7.16
N LYS A 74 3.90 -3.11 -7.61
CA LYS A 74 4.41 -3.06 -9.01
C LYS A 74 5.23 -4.28 -9.47
N LYS A 75 6.45 -4.43 -8.94
CA LYS A 75 7.39 -5.48 -9.39
C LYS A 75 7.14 -6.87 -8.76
N THR A 76 6.92 -7.88 -9.62
CA THR A 76 6.92 -9.31 -9.23
C THR A 76 8.34 -9.85 -9.55
N SER A 77 9.15 -10.08 -8.50
CA SER A 77 10.55 -10.55 -8.66
C SER A 77 10.59 -12.10 -8.84
N LEU A 78 11.06 -12.53 -10.03
CA LEU A 78 11.01 -13.93 -10.47
C LEU A 78 12.18 -14.75 -9.86
N TYR A 79 11.79 -15.43 -8.79
CA TYR A 79 12.74 -16.12 -7.87
C TYR A 79 13.15 -17.49 -8.43
N ASN B 1 3.24 -11.53 1.80
CA ASN B 1 2.85 -10.82 3.03
C ASN B 1 2.44 -9.37 2.67
N TRP B 2 3.38 -8.45 2.34
CA TRP B 2 3.03 -7.11 1.76
C TRP B 2 2.45 -7.16 0.32
N LYS B 3 2.81 -8.13 -0.56
CA LYS B 3 2.10 -8.34 -1.86
C LYS B 3 0.63 -8.84 -1.70
N LEU B 4 0.36 -9.79 -0.76
CA LEU B 4 -1.02 -10.18 -0.34
C LEU B 4 -1.87 -8.99 0.23
N LEU B 5 -1.29 -8.16 1.13
CA LEU B 5 -1.89 -6.86 1.57
C LEU B 5 -1.94 -5.77 0.45
N ALA B 6 -1.03 -5.79 -0.56
CA ALA B 6 -1.11 -4.95 -1.78
C ALA B 6 -2.30 -5.29 -2.71
N LYS B 7 -2.78 -6.56 -2.80
CA LYS B 7 -4.09 -6.92 -3.43
C LYS B 7 -5.32 -6.43 -2.59
N GLY B 8 -5.26 -6.79 -1.28
CA GLY B 8 -6.14 -6.23 -0.24
C GLY B 8 -6.40 -4.71 -0.31
N LEU B 9 -5.35 -3.88 -0.52
CA LEU B 9 -5.54 -2.46 -0.88
C LEU B 9 -5.50 -2.13 -2.44
N LEU B 10 -5.22 -3.09 -3.34
CA LEU B 10 -5.51 -3.01 -4.83
C LEU B 10 -7.03 -2.66 -5.10
N ILE B 11 -7.91 -2.94 -4.11
CA ILE B 11 -9.27 -2.29 -3.95
C ILE B 11 -9.43 -0.74 -4.33
N ARG B 12 -8.30 -0.04 -4.56
CA ARG B 12 -8.09 1.42 -4.78
C ARG B 12 -9.27 2.28 -5.32
N GLU B 13 -9.84 1.82 -6.44
CA GLU B 13 -10.91 2.55 -7.15
C GLU B 13 -11.65 1.51 -8.05
N ARG B 14 -12.94 1.29 -7.77
CA ARG B 14 -13.81 0.38 -8.56
C ARG B 14 -15.15 1.01 -8.97
N LEU B 15 -16.01 0.16 -9.55
CA LEU B 15 -17.34 0.57 -10.08
C LEU B 15 -18.41 0.58 -8.94
N LYS B 16 -19.01 1.74 -8.70
CA LYS B 16 -20.04 1.88 -7.66
C LYS B 16 -20.20 3.36 -7.26
N ARG B 17 -21.24 4.02 -7.80
CA ARG B 17 -21.55 5.44 -7.51
C ARG B 17 -23.09 5.59 -7.52
N THR A 1 -6.40 20.98 -28.42
CA THR A 1 -7.72 20.93 -29.08
C THR A 1 -8.63 19.93 -28.29
N GLN A 2 -8.42 18.60 -28.45
CA GLN A 2 -9.23 17.56 -27.76
C GLN A 2 -8.67 17.26 -26.33
N LYS A 3 -7.47 16.65 -26.21
CA LYS A 3 -6.86 16.39 -24.90
C LYS A 3 -6.40 14.92 -24.79
N MET A 4 -5.11 14.66 -25.10
CA MET A 4 -4.50 13.31 -24.99
C MET A 4 -3.87 13.15 -23.59
N SER A 5 -4.34 12.15 -22.83
CA SER A 5 -3.90 11.92 -21.42
C SER A 5 -2.60 11.08 -21.33
N GLU A 6 -1.76 11.47 -20.35
CA GLU A 6 -0.57 10.67 -19.94
C GLU A 6 -0.36 10.97 -18.43
N LYS A 7 -0.98 10.16 -17.57
CA LYS A 7 -1.05 10.47 -16.12
C LYS A 7 -1.99 9.56 -15.26
N ASP A 8 -3.09 9.02 -15.83
CA ASP A 8 -4.16 8.32 -15.05
C ASP A 8 -3.75 7.02 -14.29
N THR A 9 -2.84 6.17 -14.82
CA THR A 9 -2.24 5.03 -14.06
C THR A 9 -1.49 5.46 -12.75
N LYS A 10 -0.60 6.47 -12.82
CA LYS A 10 0.02 7.12 -11.62
C LYS A 10 -0.97 7.76 -10.61
N GLU A 11 -2.05 8.43 -11.09
CA GLU A 11 -3.18 8.89 -10.23
C GLU A 11 -3.92 7.79 -9.42
N GLU A 12 -4.20 6.61 -10.02
CA GLU A 12 -4.80 5.44 -9.32
C GLU A 12 -3.87 4.80 -8.25
N ILE A 13 -2.65 4.37 -8.61
CA ILE A 13 -1.69 3.74 -7.63
C ILE A 13 -1.20 4.70 -6.50
N LEU A 14 -0.76 5.95 -6.80
CA LEU A 14 -0.51 6.96 -5.72
C LEU A 14 -1.78 7.36 -4.91
N LYS A 15 -2.95 7.56 -5.55
CA LYS A 15 -4.25 7.70 -4.83
C LYS A 15 -4.63 6.55 -3.85
N ALA A 16 -4.18 5.31 -4.14
CA ALA A 16 -4.26 4.16 -3.21
C ALA A 16 -3.30 4.27 -1.97
N PHE A 17 -2.01 4.66 -2.14
CA PHE A 17 -1.14 5.07 -1.00
C PHE A 17 -1.76 6.34 -0.26
N LYS A 18 -2.40 7.32 -0.95
CA LYS A 18 -3.27 8.34 -0.28
C LYS A 18 -4.47 7.74 0.53
N LEU A 19 -5.09 6.61 0.11
CA LEU A 19 -6.05 5.81 0.96
C LEU A 19 -5.39 5.34 2.30
N PHE A 20 -4.11 4.88 2.32
CA PHE A 20 -3.34 4.71 3.59
C PHE A 20 -3.40 5.99 4.52
N ASP A 21 -3.07 7.18 3.98
CA ASP A 21 -2.83 8.42 4.76
C ASP A 21 -4.11 9.29 4.87
N ASP A 22 -4.95 8.91 5.84
CA ASP A 22 -6.32 9.46 6.03
C ASP A 22 -6.33 10.91 6.59
N ASP A 23 -5.54 11.23 7.65
CA ASP A 23 -5.32 12.64 8.10
C ASP A 23 -4.33 13.52 7.25
N GLU A 24 -3.72 13.01 6.15
CA GLU A 24 -2.90 13.81 5.19
C GLU A 24 -1.61 14.41 5.82
N THR A 25 -0.56 13.57 5.88
CA THR A 25 0.83 13.98 6.25
C THR A 25 1.81 13.36 5.21
N GLY A 26 1.86 12.01 5.08
CA GLY A 26 2.58 11.32 3.99
C GLY A 26 2.86 9.84 4.32
N LYS A 27 3.67 9.54 5.36
CA LYS A 27 4.16 8.17 5.68
C LYS A 27 3.30 7.51 6.78
N ILE A 28 3.15 6.17 6.77
CA ILE A 28 2.14 5.46 7.62
C ILE A 28 2.62 4.35 8.61
N SER A 29 1.69 3.96 9.51
CA SER A 29 1.83 2.88 10.51
C SER A 29 0.87 1.66 10.25
N PHE A 30 1.05 0.63 11.11
CA PHE A 30 0.19 -0.60 11.24
C PHE A 30 -1.35 -0.45 10.98
N LYS A 31 -1.97 0.50 11.69
CA LYS A 31 -3.43 0.71 11.62
C LYS A 31 -3.96 1.23 10.27
N ASN A 32 -3.23 2.16 9.62
CA ASN A 32 -3.58 2.61 8.24
C ASN A 32 -3.63 1.43 7.19
N LEU A 33 -2.59 0.54 7.21
CA LEU A 33 -2.54 -0.77 6.49
C LEU A 33 -3.88 -1.54 6.66
N LYS A 34 -4.13 -2.03 7.89
CA LYS A 34 -5.39 -2.66 8.31
C LYS A 34 -6.73 -1.90 8.19
N ARG A 35 -6.70 -0.57 8.06
CA ARG A 35 -7.91 0.28 8.19
C ARG A 35 -8.68 0.33 6.89
N VAL A 36 -8.00 0.88 5.87
CA VAL A 36 -8.51 0.79 4.48
C VAL A 36 -8.40 -0.65 3.88
N ALA A 37 -7.31 -1.42 4.12
CA ALA A 37 -7.30 -2.88 3.74
C ALA A 37 -8.28 -3.77 4.56
N LYS A 38 -8.67 -3.29 5.76
CA LYS A 38 -9.78 -3.88 6.56
C LYS A 38 -11.22 -3.55 6.06
N GLU A 39 -11.45 -2.37 5.43
CA GLU A 39 -12.72 -2.04 4.69
C GLU A 39 -13.21 -3.11 3.67
N LEU A 40 -12.28 -3.86 3.02
CA LEU A 40 -12.56 -5.09 2.22
C LEU A 40 -13.57 -6.10 2.89
N GLY A 41 -13.29 -6.51 4.14
CA GLY A 41 -14.08 -7.53 4.86
C GLY A 41 -13.22 -8.53 5.65
N GLU A 42 -12.22 -9.18 5.01
CA GLU A 42 -11.29 -10.11 5.70
C GLU A 42 -10.23 -10.64 4.67
N ASN A 43 -8.96 -10.48 5.05
CA ASN A 43 -7.80 -11.10 4.34
C ASN A 43 -6.75 -11.68 5.34
N LEU A 44 -5.95 -10.89 6.11
CA LEU A 44 -4.80 -11.42 6.91
C LEU A 44 -5.07 -11.36 8.44
N THR A 45 -4.25 -12.10 9.22
CA THR A 45 -4.23 -11.99 10.71
C THR A 45 -3.31 -10.82 11.13
N ASP A 46 -3.57 -10.24 12.32
CA ASP A 46 -2.69 -9.18 12.91
C ASP A 46 -1.22 -9.61 13.27
N GLU A 47 -0.93 -10.92 13.48
CA GLU A 47 0.43 -11.48 13.56
C GLU A 47 1.23 -11.37 12.21
N GLU A 48 0.62 -11.78 11.07
CA GLU A 48 1.19 -11.51 9.71
C GLU A 48 1.45 -10.00 9.41
N LEU A 49 0.44 -9.16 9.69
CA LEU A 49 0.51 -7.67 9.72
C LEU A 49 1.71 -7.03 10.50
N GLN A 50 1.97 -7.50 11.74
CA GLN A 50 3.20 -7.15 12.52
C GLN A 50 4.52 -7.59 11.82
N GLU A 51 4.55 -8.80 11.23
CA GLU A 51 5.65 -9.25 10.34
C GLU A 51 5.96 -8.33 9.14
N MET A 52 4.95 -7.83 8.40
CA MET A 52 5.17 -6.81 7.34
C MET A 52 5.85 -5.50 7.84
N ILE A 53 5.23 -4.82 8.83
CA ILE A 53 5.73 -3.50 9.30
C ILE A 53 7.18 -3.53 9.93
N ASP A 54 7.47 -4.57 10.72
CA ASP A 54 8.83 -4.87 11.24
C ASP A 54 9.88 -5.30 10.17
N GLU A 55 9.54 -6.13 9.16
CA GLU A 55 10.40 -6.45 8.00
C GLU A 55 10.97 -5.23 7.23
N ALA A 56 10.08 -4.33 6.76
CA ALA A 56 10.49 -3.28 5.80
C ALA A 56 11.48 -2.20 6.31
N ASP A 57 11.27 -1.65 7.53
CA ASP A 57 12.09 -0.51 8.04
C ASP A 57 12.71 -0.76 9.46
N ARG A 58 13.33 -1.93 9.66
CA ARG A 58 13.81 -2.45 10.98
C ARG A 58 14.67 -1.48 11.81
N ASP A 59 15.85 -1.23 11.24
CA ASP A 59 16.78 -0.18 11.72
C ASP A 59 16.39 1.31 11.42
N GLY A 60 15.46 1.61 10.48
CA GLY A 60 15.27 3.01 10.01
C GLY A 60 14.50 3.93 10.99
N ASP A 61 13.19 3.74 11.22
CA ASP A 61 12.35 4.72 11.95
C ASP A 61 11.02 4.08 12.47
N GLY A 62 10.23 3.47 11.58
CA GLY A 62 8.85 3.04 11.89
C GLY A 62 7.91 3.20 10.68
N GLU A 63 7.72 4.45 10.20
CA GLU A 63 6.67 4.76 9.19
C GLU A 63 7.23 4.77 7.74
N VAL A 64 6.40 4.25 6.82
CA VAL A 64 6.77 3.90 5.44
C VAL A 64 6.40 5.00 4.40
N SER A 65 6.96 4.86 3.16
CA SER A 65 6.94 5.90 2.10
C SER A 65 6.17 5.33 0.86
N GLU A 66 5.93 6.19 -0.15
CA GLU A 66 5.25 5.84 -1.45
C GLU A 66 5.67 4.49 -2.12
N GLN A 67 6.99 4.24 -2.11
CA GLN A 67 7.63 2.96 -2.50
C GLN A 67 7.16 1.62 -1.85
N GLU A 68 6.40 1.58 -0.73
CA GLU A 68 5.89 0.28 -0.19
C GLU A 68 4.56 -0.21 -0.79
N PHE A 69 3.45 0.56 -0.77
CA PHE A 69 2.23 0.14 -1.57
C PHE A 69 2.58 0.11 -3.10
N LEU A 70 3.21 1.18 -3.65
CA LEU A 70 3.56 1.23 -5.10
C LEU A 70 4.74 0.31 -5.52
N ARG A 71 5.87 0.31 -4.77
CA ARG A 71 7.05 -0.51 -5.10
C ARG A 71 6.97 -2.00 -4.73
N ILE A 72 6.33 -2.40 -3.60
CA ILE A 72 6.05 -3.84 -3.35
C ILE A 72 4.93 -4.36 -4.34
N MET A 73 3.83 -3.61 -4.65
CA MET A 73 2.90 -4.00 -5.76
C MET A 73 3.57 -4.18 -7.17
N LYS A 74 4.38 -3.20 -7.63
CA LYS A 74 5.06 -3.25 -8.94
C LYS A 74 6.43 -3.99 -9.02
N LYS A 75 6.81 -4.83 -8.03
CA LYS A 75 8.13 -5.50 -7.98
C LYS A 75 8.35 -6.57 -9.09
N THR A 76 9.45 -6.39 -9.85
CA THR A 76 9.93 -7.40 -10.83
C THR A 76 10.97 -8.29 -10.09
N SER A 77 10.51 -9.46 -9.60
CA SER A 77 11.31 -10.31 -8.68
C SER A 77 12.08 -11.42 -9.44
N LEU A 78 13.42 -11.33 -9.38
CA LEU A 78 14.37 -12.32 -9.97
C LEU A 78 14.11 -12.68 -11.46
N TYR A 79 14.53 -11.71 -12.26
CA TYR A 79 14.48 -11.74 -13.73
C TYR A 79 15.81 -11.18 -14.26
N ASN B 1 3.21 -11.46 3.87
CA ASN B 1 3.88 -10.77 2.74
C ASN B 1 3.20 -9.41 2.44
N TRP B 2 4.04 -8.38 2.16
CA TRP B 2 3.56 -7.07 1.62
C TRP B 2 3.00 -7.15 0.16
N LYS B 3 3.33 -8.16 -0.66
CA LYS B 3 2.66 -8.42 -1.98
C LYS B 3 1.19 -8.90 -1.85
N LEU B 4 0.91 -9.88 -0.96
CA LEU B 4 -0.49 -10.27 -0.59
C LEU B 4 -1.31 -9.13 0.10
N LEU B 5 -0.70 -8.32 0.99
CA LEU B 5 -1.29 -7.05 1.53
C LEU B 5 -1.42 -5.93 0.43
N ALA B 6 -0.51 -5.84 -0.56
CA ALA B 6 -0.65 -4.97 -1.76
C ALA B 6 -1.89 -5.28 -2.63
N LYS B 7 -2.29 -6.56 -2.85
CA LYS B 7 -3.62 -6.92 -3.44
C LYS B 7 -4.83 -6.54 -2.53
N GLY B 8 -4.69 -6.94 -1.24
CA GLY B 8 -5.55 -6.51 -0.12
C GLY B 8 -5.96 -5.02 -0.12
N LEU B 9 -4.98 -4.08 -0.27
CA LEU B 9 -5.33 -2.65 -0.55
C LEU B 9 -5.38 -2.27 -2.09
N LEU B 10 -5.00 -3.13 -3.05
CA LEU B 10 -5.33 -2.98 -4.53
C LEU B 10 -6.88 -2.83 -4.78
N ILE B 11 -7.71 -3.26 -3.79
CA ILE B 11 -9.15 -2.82 -3.61
C ILE B 11 -9.52 -1.30 -3.92
N ARG B 12 -8.49 -0.43 -4.02
CA ARG B 12 -8.58 1.06 -4.08
C ARG B 12 -9.66 1.73 -4.97
N GLU B 13 -9.89 1.20 -6.19
CA GLU B 13 -10.93 1.71 -7.12
C GLU B 13 -11.76 0.50 -7.62
N ARG B 14 -13.10 0.63 -7.49
CA ARG B 14 -14.07 -0.39 -7.97
C ARG B 14 -14.30 -0.30 -9.49
N LEU B 15 -15.07 0.72 -9.92
CA LEU B 15 -15.39 0.97 -11.35
C LEU B 15 -14.18 1.64 -12.07
N LYS B 16 -13.71 1.00 -13.14
CA LYS B 16 -12.54 1.49 -13.92
C LYS B 16 -11.36 0.53 -13.74
N ARG B 17 -10.28 1.08 -13.17
CA ARG B 17 -9.03 0.33 -12.89
C ARG B 17 -8.56 0.73 -11.47
N THR A 1 12.92 13.45 -27.10
CA THR A 1 11.47 13.20 -27.16
C THR A 1 10.75 14.33 -26.34
N GLN A 2 9.80 15.03 -27.00
CA GLN A 2 8.97 16.06 -26.35
C GLN A 2 7.62 15.43 -25.83
N LYS A 3 7.66 14.50 -24.83
CA LYS A 3 6.42 13.89 -24.32
C LYS A 3 6.70 12.46 -23.82
N MET A 4 6.99 12.33 -22.51
CA MET A 4 7.16 11.01 -21.84
C MET A 4 6.56 11.16 -20.41
N SER A 5 5.37 10.58 -20.19
CA SER A 5 4.63 10.70 -18.90
C SER A 5 3.71 9.47 -18.68
N GLU A 6 3.59 9.09 -17.40
CA GLU A 6 2.59 8.09 -16.93
C GLU A 6 1.57 8.83 -16.02
N LYS A 7 0.50 9.38 -16.64
CA LYS A 7 -0.49 10.21 -15.91
C LYS A 7 -1.54 9.38 -15.12
N ASP A 8 -2.47 8.72 -15.85
CA ASP A 8 -3.60 7.96 -15.23
C ASP A 8 -3.20 6.80 -14.26
N THR A 9 -2.23 5.94 -14.65
CA THR A 9 -1.70 4.84 -13.77
C THR A 9 -1.06 5.34 -12.44
N LYS A 10 -0.09 6.29 -12.50
CA LYS A 10 0.51 6.94 -11.30
C LYS A 10 -0.48 7.66 -10.35
N GLU A 11 -1.46 8.42 -10.89
CA GLU A 11 -2.61 8.98 -10.10
C GLU A 11 -3.48 7.93 -9.35
N GLU A 12 -3.81 6.79 -9.98
CA GLU A 12 -4.54 5.66 -9.34
C GLU A 12 -3.81 5.00 -8.13
N ILE A 13 -2.59 4.44 -8.35
CA ILE A 13 -1.81 3.77 -7.26
C ILE A 13 -1.31 4.73 -6.12
N LEU A 14 -0.89 5.98 -6.42
CA LEU A 14 -0.64 6.99 -5.34
C LEU A 14 -1.93 7.40 -4.57
N LYS A 15 -3.08 7.63 -5.23
CA LYS A 15 -4.39 7.81 -4.53
C LYS A 15 -4.78 6.68 -3.53
N ALA A 16 -4.46 5.41 -3.85
CA ALA A 16 -4.55 4.27 -2.91
C ALA A 16 -3.57 4.31 -1.68
N PHE A 17 -2.27 4.67 -1.89
CA PHE A 17 -1.34 5.02 -0.77
C PHE A 17 -1.93 6.21 0.08
N LYS A 18 -2.51 7.26 -0.57
CA LYS A 18 -3.36 8.27 0.11
C LYS A 18 -4.61 7.70 0.86
N LEU A 19 -5.22 6.56 0.44
CA LEU A 19 -6.23 5.81 1.27
C LEU A 19 -5.61 5.33 2.61
N PHE A 20 -4.33 4.84 2.65
CA PHE A 20 -3.61 4.67 3.95
C PHE A 20 -3.62 6.01 4.80
N ASP A 21 -3.06 7.12 4.27
CA ASP A 21 -2.84 8.36 5.06
C ASP A 21 -4.16 9.18 5.13
N ASP A 22 -4.81 9.11 6.31
CA ASP A 22 -6.13 9.76 6.58
C ASP A 22 -6.06 11.32 6.50
N ASP A 23 -5.14 11.97 7.25
CA ASP A 23 -4.85 13.43 7.08
C ASP A 23 -4.01 13.85 5.82
N GLU A 24 -3.61 12.90 4.94
CA GLU A 24 -2.88 13.14 3.65
C GLU A 24 -1.60 14.02 3.81
N THR A 25 -0.50 13.35 4.17
CA THR A 25 0.84 13.98 4.42
C THR A 25 1.96 13.22 3.67
N GLY A 26 2.00 11.87 3.75
CA GLY A 26 2.97 11.02 2.99
C GLY A 26 3.92 10.12 3.83
N LYS A 27 3.47 9.57 4.96
CA LYS A 27 4.20 8.53 5.73
C LYS A 27 3.16 7.82 6.65
N ILE A 28 3.24 6.48 6.77
CA ILE A 28 2.13 5.66 7.37
C ILE A 28 2.57 4.54 8.38
N SER A 29 1.56 3.98 9.09
CA SER A 29 1.73 2.99 10.19
C SER A 29 0.82 1.72 10.03
N PHE A 30 1.07 0.72 10.90
CA PHE A 30 0.28 -0.55 11.07
C PHE A 30 -1.28 -0.49 10.87
N LYS A 31 -1.92 0.44 11.59
CA LYS A 31 -3.40 0.62 11.52
C LYS A 31 -3.92 1.07 10.15
N ASN A 32 -3.21 1.98 9.45
CA ASN A 32 -3.60 2.41 8.07
C ASN A 32 -3.73 1.22 7.03
N LEU A 33 -2.70 0.31 7.01
CA LEU A 33 -2.72 -1.01 6.31
C LEU A 33 -4.05 -1.75 6.64
N LYS A 34 -4.24 -2.11 7.94
CA LYS A 34 -5.51 -2.68 8.44
C LYS A 34 -6.84 -1.91 8.24
N ARG A 35 -6.81 -0.58 8.05
CA ARG A 35 -8.02 0.28 8.12
C ARG A 35 -8.80 0.23 6.84
N VAL A 36 -8.15 0.76 5.81
CA VAL A 36 -8.70 0.67 4.43
C VAL A 36 -8.59 -0.77 3.83
N ALA A 37 -7.52 -1.56 4.10
CA ALA A 37 -7.55 -3.03 3.75
C ALA A 37 -8.58 -3.84 4.59
N LYS A 38 -8.80 -3.37 5.84
CA LYS A 38 -9.91 -3.87 6.70
C LYS A 38 -11.36 -3.63 6.21
N GLU A 39 -11.63 -2.52 5.49
CA GLU A 39 -12.92 -2.28 4.77
C GLU A 39 -13.38 -3.46 3.85
N LEU A 40 -12.45 -4.03 3.05
CA LEU A 40 -12.66 -5.32 2.30
C LEU A 40 -12.95 -6.52 3.25
N GLY A 41 -12.06 -6.79 4.22
CA GLY A 41 -12.10 -8.02 5.04
C GLY A 41 -11.34 -9.24 4.49
N GLU A 42 -10.11 -9.05 3.94
CA GLU A 42 -9.19 -10.16 3.57
C GLU A 42 -8.60 -10.81 4.87
N ASN A 43 -8.64 -12.16 4.91
CA ASN A 43 -8.35 -12.95 6.14
C ASN A 43 -6.83 -13.07 6.47
N LEU A 44 -6.42 -12.08 7.26
CA LEU A 44 -5.08 -12.00 7.89
C LEU A 44 -5.22 -11.74 9.42
N THR A 45 -4.24 -12.25 10.17
CA THR A 45 -4.07 -11.90 11.61
C THR A 45 -3.21 -10.59 11.72
N ASP A 46 -3.34 -9.88 12.85
CA ASP A 46 -2.44 -8.75 13.21
C ASP A 46 -0.92 -9.15 13.40
N GLU A 47 -0.60 -10.42 13.71
CA GLU A 47 0.77 -10.98 13.70
C GLU A 47 1.45 -11.03 12.29
N GLU A 48 0.73 -11.48 11.23
CA GLU A 48 1.19 -11.39 9.81
C GLU A 48 1.46 -9.94 9.32
N LEU A 49 0.49 -9.03 9.56
CA LEU A 49 0.61 -7.58 9.22
C LEU A 49 1.68 -6.81 10.11
N GLN A 50 1.98 -7.23 11.37
CA GLN A 50 3.17 -6.75 12.15
C GLN A 50 4.52 -7.26 11.53
N GLU A 51 4.60 -8.53 11.09
CA GLU A 51 5.75 -9.04 10.27
C GLU A 51 6.03 -8.26 8.97
N MET A 52 4.96 -7.77 8.29
CA MET A 52 5.09 -6.80 7.17
C MET A 52 5.75 -5.47 7.60
N ILE A 53 5.23 -4.75 8.64
CA ILE A 53 5.79 -3.43 9.05
C ILE A 53 7.29 -3.43 9.49
N ASP A 54 7.71 -4.44 10.27
CA ASP A 54 9.16 -4.69 10.55
C ASP A 54 10.02 -5.11 9.31
N GLU A 55 9.45 -5.94 8.41
CA GLU A 55 10.01 -6.27 7.07
C GLU A 55 10.45 -5.06 6.18
N ALA A 56 9.56 -4.06 6.00
CA ALA A 56 9.91 -2.80 5.28
C ALA A 56 10.85 -1.85 6.06
N ASP A 57 10.53 -1.54 7.34
CA ASP A 57 11.35 -0.64 8.20
C ASP A 57 12.22 -1.50 9.14
N ARG A 58 13.33 -2.01 8.58
CA ARG A 58 14.21 -3.05 9.20
C ARG A 58 14.65 -2.81 10.65
N ASP A 59 15.42 -1.73 10.80
CA ASP A 59 15.75 -1.17 12.14
C ASP A 59 14.53 -0.64 12.98
N GLY A 60 13.54 -0.05 12.30
CA GLY A 60 12.44 0.68 12.98
C GLY A 60 12.73 2.19 13.15
N ASP A 61 12.91 2.98 12.05
CA ASP A 61 13.04 4.47 12.13
C ASP A 61 11.73 5.20 12.55
N GLY A 62 10.55 4.82 12.00
CA GLY A 62 9.29 5.52 12.29
C GLY A 62 8.10 5.08 11.43
N GLU A 63 8.16 5.31 10.10
CA GLU A 63 7.00 5.16 9.19
C GLU A 63 7.38 4.64 7.78
N VAL A 64 6.35 4.17 7.05
CA VAL A 64 6.45 3.63 5.67
C VAL A 64 6.20 4.77 4.63
N SER A 65 6.75 4.54 3.42
CA SER A 65 6.86 5.54 2.34
C SER A 65 6.08 5.03 1.08
N GLU A 66 5.88 5.91 0.08
CA GLU A 66 5.21 5.58 -1.23
C GLU A 66 5.65 4.27 -1.95
N GLN A 67 6.96 4.03 -1.94
CA GLN A 67 7.62 2.77 -2.37
C GLN A 67 7.10 1.42 -1.80
N GLU A 68 6.39 1.34 -0.67
CA GLU A 68 5.87 0.05 -0.15
C GLU A 68 4.55 -0.44 -0.79
N PHE A 69 3.42 0.31 -0.73
CA PHE A 69 2.20 -0.09 -1.53
C PHE A 69 2.52 -0.03 -3.06
N LEU A 70 3.10 1.09 -3.57
CA LEU A 70 3.42 1.20 -5.03
C LEU A 70 4.57 0.27 -5.51
N ARG A 71 5.72 0.30 -4.83
CA ARG A 71 6.91 -0.49 -5.22
C ARG A 71 6.85 -2.00 -4.94
N ILE A 72 6.24 -2.46 -3.81
CA ILE A 72 6.01 -3.91 -3.58
C ILE A 72 4.85 -4.44 -4.54
N MET A 73 3.77 -3.68 -4.87
CA MET A 73 2.80 -4.07 -5.95
C MET A 73 3.45 -4.30 -7.35
N LYS A 74 4.28 -3.37 -7.85
CA LYS A 74 4.91 -3.48 -9.20
C LYS A 74 5.96 -4.59 -9.32
N LYS A 75 7.15 -4.37 -8.73
CA LYS A 75 8.27 -5.34 -8.76
C LYS A 75 8.28 -6.19 -7.47
N THR A 76 8.09 -7.52 -7.63
CA THR A 76 8.20 -8.50 -6.51
C THR A 76 9.68 -8.94 -6.37
N SER A 77 10.27 -8.68 -5.18
CA SER A 77 11.59 -9.24 -4.79
C SER A 77 11.35 -10.58 -4.03
N LEU A 78 11.23 -11.68 -4.79
CA LEU A 78 10.79 -12.99 -4.27
C LEU A 78 11.86 -13.74 -3.45
N TYR A 79 12.90 -14.18 -4.15
CA TYR A 79 13.98 -15.04 -3.60
C TYR A 79 15.20 -14.16 -3.23
N ASN B 1 3.26 -11.10 4.21
CA ASN B 1 3.54 -10.77 2.79
C ASN B 1 2.89 -9.40 2.45
N TRP B 2 3.73 -8.40 2.10
CA TRP B 2 3.26 -7.11 1.52
C TRP B 2 2.68 -7.21 0.07
N LYS B 3 3.01 -8.22 -0.76
CA LYS B 3 2.32 -8.46 -2.06
C LYS B 3 0.83 -8.89 -1.91
N LEU B 4 0.52 -9.82 -0.98
CA LEU B 4 -0.89 -10.15 -0.57
C LEU B 4 -1.66 -8.93 0.05
N LEU B 5 -1.02 -8.13 0.94
CA LEU B 5 -1.55 -6.82 1.41
C LEU B 5 -1.67 -5.74 0.27
N ALA B 6 -0.78 -5.75 -0.74
CA ALA B 6 -0.84 -4.86 -1.92
C ALA B 6 -2.03 -5.11 -2.86
N LYS B 7 -2.45 -6.37 -3.14
CA LYS B 7 -3.76 -6.65 -3.81
C LYS B 7 -5.00 -6.29 -2.93
N GLY B 8 -4.96 -6.80 -1.68
CA GLY B 8 -5.89 -6.41 -0.59
C GLY B 8 -6.17 -4.89 -0.46
N LEU B 9 -5.14 -4.02 -0.57
CA LEU B 9 -5.35 -2.55 -0.71
C LEU B 9 -5.39 -2.02 -2.19
N LEU B 10 -5.05 -2.81 -3.23
CA LEU B 10 -5.37 -2.52 -4.69
C LEU B 10 -6.92 -2.40 -4.94
N ILE B 11 -7.74 -2.86 -3.96
CA ILE B 11 -9.19 -2.48 -3.77
C ILE B 11 -9.61 -0.97 -4.06
N ARG B 12 -8.62 -0.04 -4.21
CA ARG B 12 -8.77 1.44 -4.28
C ARG B 12 -10.08 2.04 -4.87
N GLU B 13 -10.42 1.59 -6.08
CA GLU B 13 -11.73 1.89 -6.71
C GLU B 13 -11.84 1.03 -7.99
N ARG B 14 -12.68 -0.02 -7.96
CA ARG B 14 -12.93 -0.90 -9.12
C ARG B 14 -14.14 -0.39 -9.93
N LEU B 15 -15.34 -0.85 -9.54
CA LEU B 15 -16.63 -0.41 -10.16
C LEU B 15 -17.43 0.37 -9.08
N LYS B 16 -17.72 1.66 -9.37
CA LYS B 16 -18.35 2.54 -8.37
C LYS B 16 -18.25 4.01 -8.81
N ARG B 17 -19.38 4.58 -9.26
CA ARG B 17 -19.46 6.00 -9.70
C ARG B 17 -19.66 6.97 -8.52
N THR A 1 12.12 14.86 -18.90
CA THR A 1 13.30 15.01 -19.79
C THR A 1 12.86 14.90 -21.28
N GLN A 2 12.43 13.70 -21.74
CA GLN A 2 12.00 13.48 -23.16
C GLN A 2 10.50 13.86 -23.36
N LYS A 3 9.55 13.12 -22.76
CA LYS A 3 8.12 13.45 -22.89
C LYS A 3 7.28 12.18 -23.15
N MET A 4 6.80 11.54 -22.06
CA MET A 4 5.94 10.33 -22.15
C MET A 4 5.00 10.36 -20.91
N SER A 5 3.71 10.68 -21.14
CA SER A 5 2.69 10.80 -20.06
C SER A 5 1.95 9.45 -19.79
N GLU A 6 1.60 9.25 -18.50
CA GLU A 6 0.70 8.15 -18.08
C GLU A 6 -0.13 8.65 -16.87
N LYS A 7 -1.29 9.27 -17.16
CA LYS A 7 -2.11 9.99 -16.14
C LYS A 7 -2.89 9.09 -15.16
N ASP A 8 -3.89 8.34 -15.69
CA ASP A 8 -4.78 7.49 -14.85
C ASP A 8 -4.07 6.37 -14.02
N THR A 9 -3.07 5.65 -14.59
CA THR A 9 -2.28 4.62 -13.84
C THR A 9 -1.50 5.20 -12.62
N LYS A 10 -0.64 6.22 -12.83
CA LYS A 10 0.05 6.95 -11.73
C LYS A 10 -0.81 7.58 -10.62
N GLU A 11 -1.90 8.28 -11.01
CA GLU A 11 -2.93 8.82 -10.08
C GLU A 11 -3.71 7.74 -9.25
N GLU A 12 -4.00 6.55 -9.81
CA GLU A 12 -4.62 5.42 -9.06
C GLU A 12 -3.69 4.71 -8.04
N ILE A 13 -2.42 4.40 -8.37
CA ILE A 13 -1.45 3.81 -7.38
C ILE A 13 -1.08 4.83 -6.24
N LEU A 14 -0.60 6.04 -6.56
CA LEU A 14 -0.36 7.14 -5.57
C LEU A 14 -1.63 7.52 -4.73
N LYS A 15 -2.81 7.63 -5.36
CA LYS A 15 -4.13 7.75 -4.68
C LYS A 15 -4.49 6.66 -3.65
N ALA A 16 -4.18 5.38 -3.92
CA ALA A 16 -4.32 4.27 -2.94
C ALA A 16 -3.33 4.32 -1.71
N PHE A 17 -2.04 4.69 -1.92
CA PHE A 17 -1.12 5.07 -0.79
C PHE A 17 -1.70 6.30 0.02
N LYS A 18 -2.37 7.28 -0.64
CA LYS A 18 -3.21 8.30 0.04
C LYS A 18 -4.44 7.73 0.81
N LEU A 19 -5.04 6.58 0.37
CA LEU A 19 -6.02 5.81 1.20
C LEU A 19 -5.38 5.35 2.55
N PHE A 20 -4.09 4.90 2.59
CA PHE A 20 -3.37 4.76 3.89
C PHE A 20 -3.34 6.14 4.67
N ASP A 21 -2.79 7.21 4.05
CA ASP A 21 -2.47 8.49 4.73
C ASP A 21 -3.72 9.38 4.99
N ASP A 22 -4.33 9.16 6.17
CA ASP A 22 -5.65 9.75 6.55
C ASP A 22 -5.57 11.27 6.86
N ASP A 23 -4.67 11.71 7.78
CA ASP A 23 -4.38 13.16 7.98
C ASP A 23 -3.38 13.82 6.95
N GLU A 24 -3.16 13.21 5.76
CA GLU A 24 -2.41 13.82 4.60
C GLU A 24 -1.01 14.48 4.90
N THR A 25 -0.18 13.79 5.70
CA THR A 25 1.24 14.16 5.96
C THR A 25 2.19 13.44 4.95
N GLY A 26 2.26 12.09 4.99
CA GLY A 26 2.95 11.30 3.96
C GLY A 26 3.12 9.81 4.36
N LYS A 27 3.90 9.50 5.42
CA LYS A 27 4.29 8.10 5.76
C LYS A 27 3.37 7.48 6.83
N ILE A 28 3.19 6.13 6.83
CA ILE A 28 2.14 5.46 7.65
C ILE A 28 2.60 4.35 8.65
N SER A 29 1.65 3.99 9.55
CA SER A 29 1.78 2.90 10.55
C SER A 29 0.79 1.71 10.30
N PHE A 30 0.99 0.62 11.10
CA PHE A 30 0.13 -0.61 11.22
C PHE A 30 -1.39 -0.48 10.93
N LYS A 31 -2.04 0.46 11.65
CA LYS A 31 -3.51 0.67 11.54
C LYS A 31 -3.97 1.13 10.14
N ASN A 32 -3.26 2.07 9.49
CA ASN A 32 -3.63 2.54 8.11
C ASN A 32 -3.71 1.37 7.05
N LEU A 33 -2.66 0.50 7.04
CA LEU A 33 -2.62 -0.82 6.30
C LEU A 33 -3.96 -1.60 6.53
N LYS A 34 -4.17 -2.05 7.79
CA LYS A 34 -5.41 -2.69 8.24
C LYS A 34 -6.76 -1.95 8.07
N ARG A 35 -6.78 -0.62 7.92
CA ARG A 35 -8.01 0.21 8.03
C ARG A 35 -8.76 0.28 6.72
N VAL A 36 -8.09 0.87 5.73
CA VAL A 36 -8.57 0.81 4.34
C VAL A 36 -8.51 -0.63 3.73
N ALA A 37 -7.50 -1.49 4.05
CA ALA A 37 -7.59 -2.95 3.72
C ALA A 37 -8.71 -3.71 4.51
N LYS A 38 -9.05 -3.19 5.69
CA LYS A 38 -10.25 -3.64 6.47
C LYS A 38 -11.65 -3.33 5.85
N GLU A 39 -11.84 -2.18 5.17
CA GLU A 39 -13.06 -1.87 4.37
C GLU A 39 -13.61 -2.98 3.44
N LEU A 40 -12.70 -3.72 2.77
CA LEU A 40 -13.02 -4.98 2.03
C LEU A 40 -13.94 -5.99 2.82
N GLY A 41 -13.49 -6.39 4.03
CA GLY A 41 -14.21 -7.38 4.86
C GLY A 41 -13.21 -8.25 5.67
N GLU A 42 -12.23 -8.89 5.02
CA GLU A 42 -11.12 -9.56 5.75
C GLU A 42 -10.02 -10.02 4.75
N ASN A 43 -8.83 -9.38 4.83
CA ASN A 43 -7.61 -9.84 4.08
C ASN A 43 -6.51 -10.55 4.96
N LEU A 44 -6.09 -10.01 6.13
CA LEU A 44 -4.87 -10.50 6.87
C LEU A 44 -5.18 -10.73 8.37
N THR A 45 -4.29 -11.49 9.05
CA THR A 45 -4.29 -11.58 10.54
C THR A 45 -3.34 -10.46 11.07
N ASP A 46 -3.60 -9.96 12.30
CA ASP A 46 -2.72 -8.95 12.96
C ASP A 46 -1.23 -9.37 13.19
N GLU A 47 -0.93 -10.66 13.47
CA GLU A 47 0.43 -11.21 13.51
C GLU A 47 1.19 -11.18 12.14
N GLU A 48 0.57 -11.60 11.03
CA GLU A 48 1.18 -11.46 9.66
C GLU A 48 1.40 -9.99 9.22
N LEU A 49 0.40 -9.11 9.39
CA LEU A 49 0.51 -7.64 9.10
C LEU A 49 1.57 -6.89 10.00
N GLN A 50 1.75 -7.28 11.28
CA GLN A 50 2.91 -6.84 12.13
C GLN A 50 4.29 -7.35 11.59
N GLU A 51 4.38 -8.59 11.08
CA GLU A 51 5.55 -9.09 10.32
C GLU A 51 5.93 -8.24 9.08
N MET A 52 4.94 -7.80 8.26
CA MET A 52 5.16 -6.79 7.18
C MET A 52 5.80 -5.46 7.66
N ILE A 53 5.20 -4.78 8.67
CA ILE A 53 5.74 -3.48 9.17
C ILE A 53 7.20 -3.53 9.77
N ASP A 54 7.52 -4.59 10.53
CA ASP A 54 8.91 -4.90 10.98
C ASP A 54 9.92 -5.26 9.84
N GLU A 55 9.49 -5.96 8.77
CA GLU A 55 10.28 -6.22 7.56
C GLU A 55 10.78 -4.98 6.77
N ALA A 56 9.85 -4.11 6.33
CA ALA A 56 10.19 -3.02 5.36
C ALA A 56 11.15 -1.91 5.85
N ASP A 57 10.99 -1.39 7.08
CA ASP A 57 11.72 -0.16 7.53
C ASP A 57 12.24 -0.17 9.02
N ARG A 58 12.58 -1.34 9.62
CA ARG A 58 12.87 -1.47 11.07
C ARG A 58 13.95 -0.54 11.66
N ASP A 59 15.15 -0.67 11.10
CA ASP A 59 16.26 0.29 11.34
C ASP A 59 16.12 1.71 10.67
N GLY A 60 15.32 1.87 9.60
CA GLY A 60 15.32 3.12 8.79
C GLY A 60 14.61 4.33 9.39
N ASP A 61 13.31 4.23 9.77
CA ASP A 61 12.50 5.38 10.25
C ASP A 61 11.41 4.94 11.27
N GLY A 62 10.62 3.90 10.95
CA GLY A 62 9.40 3.54 11.72
C GLY A 62 8.17 3.49 10.81
N GLU A 63 7.82 4.67 10.24
CA GLU A 63 6.69 4.80 9.27
C GLU A 63 7.23 4.75 7.81
N VAL A 64 6.40 4.18 6.92
CA VAL A 64 6.78 3.78 5.56
C VAL A 64 6.45 4.88 4.49
N SER A 65 7.12 4.78 3.33
CA SER A 65 7.14 5.80 2.26
C SER A 65 6.41 5.19 1.01
N GLU A 66 6.18 6.03 -0.02
CA GLU A 66 5.57 5.64 -1.34
C GLU A 66 6.09 4.31 -1.99
N GLN A 67 7.41 4.08 -1.89
CA GLN A 67 8.10 2.81 -2.22
C GLN A 67 7.49 1.48 -1.66
N GLU A 68 6.75 1.44 -0.54
CA GLU A 68 6.21 0.16 0.00
C GLU A 68 4.89 -0.31 -0.65
N PHE A 69 3.76 0.44 -0.58
CA PHE A 69 2.54 0.05 -1.40
C PHE A 69 2.87 0.10 -2.93
N LEU A 70 3.47 1.21 -3.43
CA LEU A 70 3.75 1.35 -4.89
C LEU A 70 4.94 0.48 -5.41
N ARG A 71 6.08 0.46 -4.69
CA ARG A 71 7.26 -0.34 -5.08
C ARG A 71 7.18 -1.87 -4.82
N ILE A 72 6.56 -2.34 -3.71
CA ILE A 72 6.28 -3.80 -3.55
C ILE A 72 5.15 -4.27 -4.55
N MET A 73 4.06 -3.49 -4.81
CA MET A 73 3.10 -3.80 -5.92
C MET A 73 3.75 -3.99 -7.34
N LYS A 74 4.58 -3.03 -7.80
CA LYS A 74 5.27 -3.09 -9.11
C LYS A 74 6.31 -4.23 -9.28
N LYS A 75 7.30 -4.29 -8.35
CA LYS A 75 8.41 -5.27 -8.41
C LYS A 75 7.96 -6.67 -7.90
N THR A 76 8.08 -7.68 -8.78
CA THR A 76 7.74 -9.10 -8.45
C THR A 76 8.97 -9.76 -7.75
N SER A 77 8.74 -10.26 -6.52
CA SER A 77 9.72 -11.08 -5.77
C SER A 77 9.57 -12.57 -6.15
N LEU A 78 10.66 -13.15 -6.69
CA LEU A 78 10.69 -14.57 -7.13
C LEU A 78 11.16 -15.46 -5.95
N TYR A 79 10.17 -15.96 -5.21
CA TYR A 79 10.38 -16.71 -3.94
C TYR A 79 10.83 -18.15 -4.21
N ASN B 1 3.22 -11.48 3.34
CA ASN B 1 4.04 -10.61 2.47
C ASN B 1 3.31 -9.28 2.13
N TRP B 2 4.10 -8.22 1.88
CA TRP B 2 3.59 -6.94 1.32
C TRP B 2 3.04 -7.03 -0.14
N LYS B 3 3.38 -8.06 -0.96
CA LYS B 3 2.69 -8.31 -2.26
C LYS B 3 1.21 -8.79 -2.10
N LEU B 4 0.96 -9.75 -1.19
CA LEU B 4 -0.43 -10.12 -0.76
C LEU B 4 -1.23 -8.92 -0.14
N LEU B 5 -0.59 -8.14 0.77
CA LEU B 5 -1.11 -6.83 1.27
C LEU B 5 -1.27 -5.72 0.18
N ALA B 6 -0.43 -5.70 -0.87
CA ALA B 6 -0.53 -4.79 -2.02
C ALA B 6 -1.73 -5.07 -2.94
N LYS B 7 -2.13 -6.33 -3.21
CA LYS B 7 -3.45 -6.63 -3.87
C LYS B 7 -4.68 -6.28 -2.97
N GLY B 8 -4.63 -6.80 -1.72
CA GLY B 8 -5.53 -6.41 -0.63
C GLY B 8 -5.85 -4.91 -0.47
N LEU B 9 -4.82 -4.02 -0.55
CA LEU B 9 -5.05 -2.56 -0.69
C LEU B 9 -5.06 -1.99 -2.17
N LEU B 10 -4.72 -2.76 -3.22
CA LEU B 10 -5.01 -2.44 -4.67
C LEU B 10 -6.55 -2.30 -4.95
N ILE B 11 -7.39 -2.80 -4.02
CA ILE B 11 -8.84 -2.43 -3.84
C ILE B 11 -9.26 -0.92 -4.09
N ARG B 12 -8.28 0.01 -4.21
CA ARG B 12 -8.45 1.49 -4.20
C ARG B 12 -9.70 2.13 -4.90
N GLU B 13 -10.11 1.59 -6.06
CA GLU B 13 -11.36 1.98 -6.78
C GLU B 13 -11.13 3.21 -7.70
N ARG B 14 -11.56 3.08 -8.97
CA ARG B 14 -11.56 4.20 -9.95
C ARG B 14 -12.83 5.05 -9.81
N LEU B 15 -12.68 6.26 -9.25
CA LEU B 15 -13.82 7.16 -8.91
C LEU B 15 -14.16 8.11 -10.10
N LYS B 16 -13.27 9.07 -10.44
CA LYS B 16 -13.54 10.07 -11.50
C LYS B 16 -14.31 11.28 -10.90
N ARG B 17 -13.58 12.18 -10.22
CA ARG B 17 -14.21 13.27 -9.40
C ARG B 17 -13.37 14.55 -9.61
N THR A 1 13.44 5.41 -18.23
CA THR A 1 14.82 5.71 -18.70
C THR A 1 14.80 6.93 -19.67
N GLN A 2 14.19 6.80 -20.88
CA GLN A 2 14.17 7.88 -21.90
C GLN A 2 12.96 8.85 -21.69
N LYS A 3 11.71 8.38 -21.83
CA LYS A 3 10.52 9.24 -21.69
C LYS A 3 9.25 8.37 -21.74
N MET A 4 8.71 8.00 -20.56
CA MET A 4 7.50 7.15 -20.45
C MET A 4 6.66 7.69 -19.25
N SER A 5 5.49 8.27 -19.54
CA SER A 5 4.58 8.85 -18.52
C SER A 5 3.11 8.60 -18.94
N GLU A 6 2.35 7.97 -18.01
CA GLU A 6 0.90 7.67 -18.23
C GLU A 6 -0.02 8.82 -17.69
N LYS A 7 -0.14 9.05 -16.36
CA LYS A 7 -1.03 10.11 -15.85
C LYS A 7 -2.16 9.56 -14.96
N ASP A 8 -3.15 8.89 -15.58
CA ASP A 8 -4.32 8.29 -14.86
C ASP A 8 -3.94 7.09 -13.95
N THR A 9 -3.22 6.07 -14.48
CA THR A 9 -2.64 4.96 -13.66
C THR A 9 -1.65 5.40 -12.53
N LYS A 10 -0.74 6.38 -12.78
CA LYS A 10 0.07 7.03 -11.71
C LYS A 10 -0.71 7.67 -10.54
N GLU A 11 -1.73 8.49 -10.86
CA GLU A 11 -2.74 8.99 -9.87
C GLU A 11 -3.54 7.91 -9.08
N GLU A 12 -3.87 6.76 -9.69
CA GLU A 12 -4.51 5.61 -9.00
C GLU A 12 -3.62 4.87 -7.95
N ILE A 13 -2.38 4.47 -8.31
CA ILE A 13 -1.42 3.81 -7.37
C ILE A 13 -0.94 4.75 -6.21
N LEU A 14 -0.45 5.97 -6.53
CA LEU A 14 -0.11 7.00 -5.49
C LEU A 14 -1.34 7.46 -4.64
N LYS A 15 -2.52 7.70 -5.26
CA LYS A 15 -3.81 7.92 -4.56
C LYS A 15 -4.25 6.80 -3.56
N ALA A 16 -4.06 5.52 -3.91
CA ALA A 16 -4.27 4.36 -2.98
C ALA A 16 -3.30 4.32 -1.76
N PHE A 17 -1.99 4.62 -1.94
CA PHE A 17 -1.07 4.91 -0.79
C PHE A 17 -1.60 6.14 0.06
N LYS A 18 -2.21 7.18 -0.56
CA LYS A 18 -2.99 8.23 0.15
C LYS A 18 -4.28 7.70 0.87
N LEU A 19 -4.91 6.58 0.42
CA LEU A 19 -5.95 5.85 1.22
C LEU A 19 -5.33 5.33 2.55
N PHE A 20 -4.08 4.77 2.58
CA PHE A 20 -3.37 4.59 3.89
C PHE A 20 -3.13 6.00 4.56
N ASP A 21 -2.58 7.00 3.84
CA ASP A 21 -2.17 8.31 4.41
C ASP A 21 -3.33 9.33 4.74
N ASP A 22 -4.33 8.90 5.55
CA ASP A 22 -5.41 9.75 6.13
C ASP A 22 -4.77 10.66 7.21
N ASP A 23 -4.40 11.85 6.71
CA ASP A 23 -3.53 12.86 7.34
C ASP A 23 -2.18 12.33 7.96
N GLU A 24 -1.54 11.34 7.31
CA GLU A 24 -0.18 10.85 7.74
C GLU A 24 1.06 11.60 7.13
N THR A 25 0.85 12.65 6.31
CA THR A 25 1.90 13.59 5.79
C THR A 25 3.09 12.91 5.01
N GLY A 26 2.79 11.92 4.14
CA GLY A 26 3.81 11.17 3.37
C GLY A 26 4.30 9.81 3.93
N LYS A 27 4.35 9.64 5.26
CA LYS A 27 4.66 8.33 5.91
C LYS A 27 3.39 7.71 6.53
N ILE A 28 3.36 6.38 6.67
CA ILE A 28 2.11 5.61 7.03
C ILE A 28 2.31 4.59 8.20
N SER A 29 1.18 4.24 8.86
CA SER A 29 1.15 3.48 10.14
C SER A 29 0.35 2.13 10.04
N PHE A 30 0.72 1.19 10.96
CA PHE A 30 0.06 -0.13 11.20
C PHE A 30 -1.50 -0.24 11.06
N LYS A 31 -2.21 0.67 11.75
CA LYS A 31 -3.69 0.76 11.69
C LYS A 31 -4.24 1.19 10.32
N ASN A 32 -3.70 2.26 9.68
CA ASN A 32 -4.15 2.70 8.31
C ASN A 32 -4.08 1.54 7.26
N LEU A 33 -2.94 0.78 7.23
CA LEU A 33 -2.77 -0.52 6.54
C LEU A 33 -3.99 -1.46 6.76
N LYS A 34 -4.19 -1.93 8.02
CA LYS A 34 -5.37 -2.70 8.42
C LYS A 34 -6.79 -2.10 8.20
N ARG A 35 -6.94 -0.76 8.06
CA ARG A 35 -8.25 -0.08 8.14
C ARG A 35 -8.94 -0.01 6.81
N VAL A 36 -8.30 0.70 5.87
CA VAL A 36 -8.71 0.64 4.45
C VAL A 36 -8.51 -0.76 3.79
N ALA A 37 -7.40 -1.51 4.07
CA ALA A 37 -7.33 -2.95 3.65
C ALA A 37 -8.31 -3.88 4.41
N LYS A 38 -8.61 -3.51 5.66
CA LYS A 38 -9.71 -4.12 6.48
C LYS A 38 -11.17 -3.93 5.98
N GLU A 39 -11.51 -2.85 5.24
CA GLU A 39 -12.82 -2.71 4.53
C GLU A 39 -13.18 -3.94 3.62
N LEU A 40 -12.19 -4.42 2.84
CA LEU A 40 -12.27 -5.73 2.13
C LEU A 40 -12.49 -6.95 3.10
N GLY A 41 -11.58 -7.12 4.07
CA GLY A 41 -11.57 -8.31 4.96
C GLY A 41 -10.74 -9.52 4.47
N GLU A 42 -9.51 -9.29 3.94
CA GLU A 42 -8.63 -10.35 3.38
C GLU A 42 -8.13 -11.43 4.39
N ASN A 43 -7.44 -12.46 3.84
CA ASN A 43 -6.79 -13.56 4.63
C ASN A 43 -5.79 -13.16 5.77
N LEU A 44 -5.04 -12.05 5.65
CA LEU A 44 -4.04 -11.59 6.65
C LEU A 44 -4.65 -11.28 8.06
N THR A 45 -3.95 -11.76 9.09
CA THR A 45 -4.21 -11.41 10.51
C THR A 45 -3.31 -10.20 10.95
N ASP A 46 -3.55 -9.68 12.17
CA ASP A 46 -2.65 -8.69 12.83
C ASP A 46 -1.20 -9.19 13.13
N GLU A 47 -0.98 -10.48 13.45
CA GLU A 47 0.36 -11.10 13.57
C GLU A 47 1.24 -11.04 12.29
N GLU A 48 0.69 -11.48 11.13
CA GLU A 48 1.40 -11.39 9.83
C GLU A 48 1.57 -9.93 9.27
N LEU A 49 0.58 -9.03 9.46
CA LEU A 49 0.73 -7.57 9.15
C LEU A 49 1.75 -6.84 10.10
N GLN A 50 1.91 -7.23 11.40
CA GLN A 50 3.03 -6.78 12.28
C GLN A 50 4.44 -7.24 11.76
N GLU A 51 4.58 -8.52 11.34
CA GLU A 51 5.78 -9.00 10.60
C GLU A 51 6.16 -8.18 9.35
N MET A 52 5.18 -7.86 8.48
CA MET A 52 5.42 -7.00 7.30
C MET A 52 5.90 -5.55 7.63
N ILE A 53 5.25 -4.86 8.59
CA ILE A 53 5.64 -3.47 8.98
C ILE A 53 7.06 -3.34 9.62
N ASP A 54 7.49 -4.32 10.46
CA ASP A 54 8.91 -4.41 10.94
C ASP A 54 9.95 -4.71 9.81
N GLU A 55 9.62 -5.62 8.88
CA GLU A 55 10.38 -5.89 7.65
C GLU A 55 10.73 -4.68 6.73
N ALA A 56 9.73 -3.84 6.38
CA ALA A 56 9.95 -2.66 5.51
C ALA A 56 10.93 -1.57 6.06
N ASP A 57 10.84 -1.22 7.36
CA ASP A 57 11.72 -0.19 7.99
C ASP A 57 12.53 -0.70 9.23
N ARG A 58 13.20 -1.86 9.08
CA ARG A 58 13.98 -2.54 10.18
C ARG A 58 15.05 -1.71 10.90
N ASP A 59 15.98 -1.22 10.07
CA ASP A 59 16.99 -0.22 10.50
C ASP A 59 16.40 1.11 11.07
N GLY A 60 15.27 1.62 10.53
CA GLY A 60 14.81 2.97 10.88
C GLY A 60 13.90 2.99 12.13
N ASP A 61 12.58 2.67 12.02
CA ASP A 61 11.61 2.88 13.12
C ASP A 61 10.31 2.04 13.00
N GLY A 62 9.66 2.06 11.82
CA GLY A 62 8.29 1.52 11.62
C GLY A 62 7.42 2.22 10.54
N GLU A 63 7.73 3.47 10.14
CA GLU A 63 6.86 4.29 9.24
C GLU A 63 7.34 4.10 7.78
N VAL A 64 6.34 3.93 6.90
CA VAL A 64 6.53 3.48 5.49
C VAL A 64 6.34 4.64 4.47
N SER A 65 6.92 4.42 3.27
CA SER A 65 7.03 5.42 2.18
C SER A 65 6.22 4.89 0.96
N GLU A 66 5.98 5.78 -0.02
CA GLU A 66 5.29 5.49 -1.33
C GLU A 66 5.73 4.17 -2.06
N GLN A 67 7.05 3.96 -2.07
CA GLN A 67 7.73 2.71 -2.50
C GLN A 67 7.17 1.35 -1.98
N GLU A 68 6.46 1.25 -0.85
CA GLU A 68 5.94 -0.06 -0.35
C GLU A 68 4.60 -0.53 -0.93
N PHE A 69 3.47 0.22 -0.85
CA PHE A 69 2.23 -0.18 -1.62
C PHE A 69 2.50 -0.11 -3.15
N LEU A 70 3.03 1.02 -3.66
CA LEU A 70 3.31 1.17 -5.12
C LEU A 70 4.53 0.36 -5.65
N ARG A 71 5.67 0.36 -4.94
CA ARG A 71 6.87 -0.39 -5.37
C ARG A 71 6.91 -1.90 -5.01
N ILE A 72 6.33 -2.38 -3.87
CA ILE A 72 6.16 -3.85 -3.63
C ILE A 72 5.05 -4.41 -4.61
N MET A 73 3.93 -3.71 -4.93
CA MET A 73 3.00 -4.14 -6.04
C MET A 73 3.68 -4.24 -7.45
N LYS A 74 4.46 -3.23 -7.89
CA LYS A 74 5.16 -3.24 -9.19
C LYS A 74 6.19 -4.39 -9.40
N LYS A 75 7.22 -4.47 -8.53
CA LYS A 75 8.24 -5.55 -8.60
C LYS A 75 7.69 -6.85 -7.92
N THR A 76 7.40 -7.86 -8.76
CA THR A 76 6.90 -9.18 -8.29
C THR A 76 8.13 -10.09 -7.97
N SER A 77 8.18 -10.61 -6.73
CA SER A 77 9.23 -11.58 -6.30
C SER A 77 8.83 -13.01 -6.72
N LEU A 78 9.66 -13.65 -7.57
CA LEU A 78 9.38 -14.98 -8.16
C LEU A 78 10.02 -16.08 -7.29
N TYR A 79 9.20 -16.55 -6.36
CA TYR A 79 9.55 -17.60 -5.36
C TYR A 79 8.56 -18.78 -5.45
N ASN B 1 2.70 -11.34 4.06
CA ASN B 1 3.22 -11.00 2.72
C ASN B 1 2.75 -9.56 2.34
N TRP B 2 3.72 -8.68 2.01
CA TRP B 2 3.43 -7.34 1.43
C TRP B 2 2.83 -7.35 -0.01
N LYS B 3 3.14 -8.33 -0.88
CA LYS B 3 2.46 -8.50 -2.20
C LYS B 3 0.95 -8.90 -2.09
N LEU B 4 0.59 -9.86 -1.21
CA LEU B 4 -0.84 -10.16 -0.87
C LEU B 4 -1.60 -8.96 -0.20
N LEU B 5 -0.99 -8.29 0.78
CA LEU B 5 -1.48 -7.00 1.37
C LEU B 5 -1.51 -5.78 0.39
N ALA B 6 -0.63 -5.75 -0.64
CA ALA B 6 -0.67 -4.77 -1.77
C ALA B 6 -1.88 -5.00 -2.71
N LYS B 7 -2.25 -6.24 -3.10
CA LYS B 7 -3.55 -6.54 -3.78
C LYS B 7 -4.81 -6.21 -2.92
N GLY B 8 -4.74 -6.68 -1.65
CA GLY B 8 -5.64 -6.30 -0.55
C GLY B 8 -6.01 -4.82 -0.46
N LEU B 9 -5.03 -3.88 -0.51
CA LEU B 9 -5.36 -2.43 -0.72
C LEU B 9 -5.37 -1.96 -2.24
N LEU B 10 -4.95 -2.76 -3.23
CA LEU B 10 -5.24 -2.54 -4.71
C LEU B 10 -6.79 -2.41 -5.00
N ILE B 11 -7.64 -2.88 -4.05
CA ILE B 11 -9.09 -2.48 -3.89
C ILE B 11 -9.48 -0.95 -4.12
N ARG B 12 -8.47 -0.06 -4.23
CA ARG B 12 -8.53 1.43 -4.23
C ARG B 12 -9.80 2.16 -4.79
N GLU B 13 -10.24 1.75 -5.97
CA GLU B 13 -11.40 2.32 -6.70
C GLU B 13 -11.87 1.35 -7.83
N ARG B 14 -13.15 1.47 -8.24
CA ARG B 14 -13.71 0.66 -9.34
C ARG B 14 -13.31 1.23 -10.73
N LEU B 15 -12.62 0.38 -11.52
CA LEU B 15 -12.32 0.66 -12.95
C LEU B 15 -12.30 -0.72 -13.67
N LYS B 16 -13.33 -0.98 -14.50
CA LYS B 16 -13.43 -2.24 -15.27
C LYS B 16 -14.27 -1.99 -16.53
N ARG B 17 -15.45 -2.63 -16.55
CA ARG B 17 -16.38 -2.58 -17.70
C ARG B 17 -17.80 -2.30 -17.13
N THR A 1 5.06 -6.70 -18.15
CA THR A 1 3.90 -6.37 -19.01
C THR A 1 4.32 -5.34 -20.10
N GLN A 2 3.90 -5.60 -21.35
CA GLN A 2 4.10 -4.65 -22.49
C GLN A 2 2.86 -3.69 -22.65
N LYS A 3 2.49 -2.91 -21.61
CA LYS A 3 1.33 -1.99 -21.67
C LYS A 3 1.20 -1.29 -20.30
N MET A 4 1.74 -0.06 -20.19
CA MET A 4 1.69 0.74 -18.94
C MET A 4 1.40 2.21 -19.34
N SER A 5 0.30 2.76 -18.78
CA SER A 5 -0.10 4.18 -19.01
C SER A 5 0.61 5.15 -18.03
N GLU A 6 1.00 6.33 -18.53
CA GLU A 6 1.71 7.37 -17.70
C GLU A 6 0.78 8.10 -16.68
N LYS A 7 -0.34 8.72 -17.10
CA LYS A 7 -1.19 9.53 -16.19
C LYS A 7 -2.11 8.72 -15.24
N ASP A 8 -3.13 8.05 -15.80
CA ASP A 8 -4.22 7.43 -15.01
C ASP A 8 -3.82 6.32 -13.98
N THR A 9 -2.99 5.33 -14.36
CA THR A 9 -2.54 4.25 -13.42
C THR A 9 -1.57 4.74 -12.29
N LYS A 10 -0.60 5.65 -12.58
CA LYS A 10 0.20 6.33 -11.52
C LYS A 10 -0.62 7.14 -10.48
N GLU A 11 -1.59 7.94 -10.94
CA GLU A 11 -2.61 8.60 -10.05
C GLU A 11 -3.47 7.63 -9.17
N GLU A 12 -3.90 6.47 -9.73
CA GLU A 12 -4.61 5.39 -8.98
C GLU A 12 -3.80 4.74 -7.82
N ILE A 13 -2.57 4.26 -8.07
CA ILE A 13 -1.73 3.57 -7.05
C ILE A 13 -1.04 4.53 -6.02
N LEU A 14 -0.51 5.71 -6.44
CA LEU A 14 -0.06 6.79 -5.50
C LEU A 14 -1.22 7.40 -4.65
N LYS A 15 -2.39 7.69 -5.26
CA LYS A 15 -3.63 8.07 -4.53
C LYS A 15 -4.21 7.02 -3.55
N ALA A 16 -4.13 5.71 -3.85
CA ALA A 16 -4.44 4.61 -2.88
C ALA A 16 -3.48 4.59 -1.63
N PHE A 17 -2.14 4.77 -1.81
CA PHE A 17 -1.20 5.09 -0.69
C PHE A 17 -1.66 6.38 0.10
N LYS A 18 -2.27 7.40 -0.57
CA LYS A 18 -3.01 8.52 0.08
C LYS A 18 -4.22 8.08 0.96
N LEU A 19 -5.04 7.08 0.56
CA LEU A 19 -6.06 6.45 1.47
C LEU A 19 -5.46 5.76 2.72
N PHE A 20 -4.22 5.20 2.68
CA PHE A 20 -3.49 4.83 3.94
C PHE A 20 -3.42 6.07 4.92
N ASP A 21 -2.90 7.25 4.49
CA ASP A 21 -2.69 8.42 5.38
C ASP A 21 -3.98 9.29 5.39
N ASP A 22 -4.79 9.09 6.45
CA ASP A 22 -6.14 9.72 6.59
C ASP A 22 -6.11 11.27 6.69
N ASP A 23 -5.32 11.85 7.62
CA ASP A 23 -5.10 13.34 7.66
C ASP A 23 -4.19 13.96 6.56
N GLU A 24 -3.52 13.16 5.71
CA GLU A 24 -2.78 13.63 4.50
C GLU A 24 -1.48 14.39 4.89
N THR A 25 -0.40 13.61 5.06
CA THR A 25 0.97 14.14 5.38
C THR A 25 2.02 13.39 4.50
N GLY A 26 2.09 12.05 4.58
CA GLY A 26 2.94 11.23 3.71
C GLY A 26 3.19 9.82 4.28
N LYS A 27 3.86 9.65 5.44
CA LYS A 27 4.32 8.31 5.90
C LYS A 27 3.23 7.63 6.77
N ILE A 28 3.31 6.29 6.82
CA ILE A 28 2.19 5.43 7.32
C ILE A 28 2.55 4.38 8.41
N SER A 29 1.50 3.89 9.09
CA SER A 29 1.59 2.98 10.27
C SER A 29 0.69 1.71 10.11
N PHE A 30 0.92 0.74 11.03
CA PHE A 30 0.10 -0.51 11.22
C PHE A 30 -1.44 -0.44 10.95
N LYS A 31 -2.10 0.49 11.65
CA LYS A 31 -3.57 0.69 11.53
C LYS A 31 -4.08 1.23 10.18
N ASN A 32 -3.33 2.16 9.54
CA ASN A 32 -3.61 2.63 8.15
C ASN A 32 -3.77 1.45 7.11
N LEU A 33 -2.74 0.53 7.07
CA LEU A 33 -2.77 -0.80 6.37
C LEU A 33 -4.09 -1.54 6.66
N LYS A 34 -4.27 -2.01 7.90
CA LYS A 34 -5.52 -2.69 8.34
C LYS A 34 -6.87 -1.94 8.17
N ARG A 35 -6.87 -0.60 8.04
CA ARG A 35 -8.12 0.20 8.17
C ARG A 35 -8.87 0.27 6.86
N VAL A 36 -8.22 0.94 5.91
CA VAL A 36 -8.71 0.91 4.51
C VAL A 36 -8.57 -0.48 3.82
N ALA A 37 -7.48 -1.26 4.06
CA ALA A 37 -7.44 -2.69 3.60
C ALA A 37 -8.45 -3.61 4.36
N LYS A 38 -8.72 -3.26 5.63
CA LYS A 38 -9.82 -3.86 6.44
C LYS A 38 -11.27 -3.65 5.93
N GLU A 39 -11.60 -2.52 5.25
CA GLU A 39 -12.90 -2.34 4.51
C GLU A 39 -13.27 -3.54 3.57
N LEU A 40 -12.29 -4.01 2.77
CA LEU A 40 -12.38 -5.30 2.02
C LEU A 40 -12.53 -6.54 2.95
N GLY A 41 -11.56 -6.75 3.85
CA GLY A 41 -11.43 -8.00 4.63
C GLY A 41 -10.60 -9.11 3.93
N GLU A 42 -9.41 -8.79 3.37
CA GLU A 42 -8.44 -9.79 2.86
C GLU A 42 -7.84 -10.57 4.06
N ASN A 43 -8.10 -11.90 4.07
CA ASN A 43 -7.87 -12.79 5.23
C ASN A 43 -6.38 -12.97 5.67
N LEU A 44 -6.04 -12.08 6.60
CA LEU A 44 -4.76 -12.07 7.34
C LEU A 44 -5.02 -11.82 8.85
N THR A 45 -4.16 -12.41 9.69
CA THR A 45 -4.12 -12.11 11.15
C THR A 45 -3.26 -10.81 11.39
N ASP A 46 -3.46 -10.17 12.56
CA ASP A 46 -2.56 -9.08 13.05
C ASP A 46 -1.05 -9.47 13.20
N GLU A 47 -0.71 -10.72 13.58
CA GLU A 47 0.66 -11.27 13.54
C GLU A 47 1.35 -11.28 12.15
N GLU A 48 0.63 -11.67 11.08
CA GLU A 48 1.11 -11.52 9.67
C GLU A 48 1.36 -10.05 9.23
N LEU A 49 0.36 -9.17 9.42
CA LEU A 49 0.47 -7.71 9.09
C LEU A 49 1.56 -6.94 9.95
N GLN A 50 1.78 -7.30 11.24
CA GLN A 50 2.95 -6.83 12.05
C GLN A 50 4.32 -7.33 11.47
N GLU A 51 4.41 -8.59 11.00
CA GLU A 51 5.56 -9.12 10.22
C GLU A 51 5.91 -8.33 8.93
N MET A 52 4.90 -7.87 8.16
CA MET A 52 5.12 -6.92 7.03
C MET A 52 5.76 -5.59 7.50
N ILE A 53 5.18 -4.87 8.48
CA ILE A 53 5.74 -3.55 8.93
C ILE A 53 7.18 -3.58 9.57
N ASP A 54 7.50 -4.63 10.32
CA ASP A 54 8.89 -4.93 10.77
C ASP A 54 9.88 -5.25 9.59
N GLU A 55 9.45 -6.03 8.57
CA GLU A 55 10.19 -6.28 7.32
C GLU A 55 10.64 -5.02 6.51
N ALA A 56 9.72 -4.07 6.22
CA ALA A 56 10.05 -2.80 5.51
C ALA A 56 10.77 -1.73 6.38
N ASP A 57 10.31 -1.47 7.62
CA ASP A 57 10.86 -0.37 8.47
C ASP A 57 12.04 -0.80 9.43
N ARG A 58 12.89 -1.78 9.05
CA ARG A 58 14.04 -2.28 9.87
C ARG A 58 14.95 -1.14 10.36
N ASP A 59 15.54 -0.41 9.39
CA ASP A 59 16.16 0.91 9.67
C ASP A 59 15.34 2.06 9.03
N GLY A 60 14.08 2.07 9.47
CA GLY A 60 13.04 3.01 9.00
C GLY A 60 12.49 4.07 10.01
N ASP A 61 12.77 3.94 11.32
CA ASP A 61 12.48 4.93 12.42
C ASP A 61 11.07 4.84 13.06
N GLY A 62 10.06 4.51 12.25
CA GLY A 62 8.63 4.56 12.68
C GLY A 62 7.58 4.42 11.56
N GLU A 63 7.85 4.94 10.35
CA GLU A 63 6.83 5.07 9.27
C GLU A 63 7.40 4.69 7.87
N VAL A 64 6.47 4.24 7.02
CA VAL A 64 6.75 3.74 5.63
C VAL A 64 6.50 4.87 4.58
N SER A 65 7.03 4.64 3.37
CA SER A 65 6.99 5.58 2.23
C SER A 65 6.04 5.08 1.10
N GLU A 66 5.84 5.98 0.13
CA GLU A 66 5.19 5.66 -1.18
C GLU A 66 5.72 4.37 -1.91
N GLN A 67 7.04 4.15 -1.80
CA GLN A 67 7.73 2.94 -2.30
C GLN A 67 7.18 1.56 -1.82
N GLU A 68 6.47 1.43 -0.69
CA GLU A 68 5.95 0.12 -0.23
C GLU A 68 4.61 -0.35 -0.84
N PHE A 69 3.50 0.41 -0.73
CA PHE A 69 2.26 0.04 -1.51
C PHE A 69 2.52 0.11 -3.04
N LEU A 70 3.07 1.22 -3.57
CA LEU A 70 3.35 1.35 -5.03
C LEU A 70 4.57 0.53 -5.54
N ARG A 71 5.71 0.58 -4.85
CA ARG A 71 6.92 -0.16 -5.28
C ARG A 71 6.93 -1.69 -5.01
N ILE A 72 6.37 -2.19 -3.88
CA ILE A 72 6.17 -3.66 -3.69
C ILE A 72 5.02 -4.17 -4.67
N MET A 73 3.92 -3.44 -4.96
CA MET A 73 2.95 -3.81 -6.05
C MET A 73 3.61 -4.01 -7.45
N LYS A 74 4.44 -3.04 -7.94
CA LYS A 74 5.03 -3.10 -9.30
C LYS A 74 6.11 -4.18 -9.50
N LYS A 75 7.29 -3.96 -8.90
CA LYS A 75 8.44 -4.89 -9.01
C LYS A 75 9.04 -5.12 -7.60
N THR A 76 8.90 -6.37 -7.11
CA THR A 76 9.52 -6.80 -5.82
C THR A 76 10.94 -7.34 -6.12
N SER A 77 11.97 -6.61 -5.67
CA SER A 77 13.39 -6.98 -5.86
C SER A 77 13.90 -7.81 -4.65
N LEU A 78 14.21 -9.10 -4.89
CA LEU A 78 14.48 -10.09 -3.84
C LEU A 78 15.94 -10.01 -3.32
N TYR A 79 16.02 -9.25 -2.24
CA TYR A 79 17.27 -8.94 -1.51
C TYR A 79 16.94 -8.90 -0.01
N ASN B 1 2.97 -11.43 3.63
CA ASN B 1 3.80 -10.76 2.59
C ASN B 1 3.12 -9.44 2.09
N TRP B 2 3.97 -8.44 1.78
CA TRP B 2 3.53 -7.12 1.24
C TRP B 2 2.91 -7.14 -0.20
N LYS B 3 3.20 -8.11 -1.09
CA LYS B 3 2.45 -8.29 -2.37
C LYS B 3 0.97 -8.72 -2.18
N LEU B 4 0.69 -9.66 -1.24
CA LEU B 4 -0.71 -10.00 -0.81
C LEU B 4 -1.48 -8.81 -0.12
N LEU B 5 -0.81 -8.00 0.74
CA LEU B 5 -1.35 -6.71 1.25
C LEU B 5 -1.43 -5.59 0.14
N ALA B 6 -0.53 -5.57 -0.88
CA ALA B 6 -0.62 -4.68 -2.06
C ALA B 6 -1.91 -4.89 -2.88
N LYS B 7 -2.35 -6.13 -3.16
CA LYS B 7 -3.72 -6.41 -3.70
C LYS B 7 -4.88 -6.02 -2.72
N GLY B 8 -4.70 -6.45 -1.45
CA GLY B 8 -5.50 -6.02 -0.27
C GLY B 8 -5.92 -4.54 -0.23
N LEU B 9 -4.96 -3.58 -0.35
CA LEU B 9 -5.34 -2.16 -0.59
C LEU B 9 -5.38 -1.73 -2.12
N LEU B 10 -4.95 -2.53 -3.11
CA LEU B 10 -5.24 -2.31 -4.59
C LEU B 10 -6.78 -2.08 -4.88
N ILE B 11 -7.65 -2.63 -3.99
CA ILE B 11 -9.08 -2.23 -3.82
C ILE B 11 -9.46 -0.69 -4.00
N ARG B 12 -8.48 0.24 -3.89
CA ARG B 12 -8.76 1.69 -3.75
C ARG B 12 -9.17 2.38 -5.06
N GLU B 13 -8.19 2.59 -5.97
CA GLU B 13 -8.43 3.30 -7.26
C GLU B 13 -8.25 2.29 -8.42
N ARG B 14 -9.32 2.10 -9.20
CA ARG B 14 -9.39 1.02 -10.21
C ARG B 14 -10.13 1.55 -11.46
N LEU B 15 -11.45 1.32 -11.54
CA LEU B 15 -12.31 1.83 -12.64
C LEU B 15 -13.66 2.29 -12.01
N LYS B 16 -13.86 3.62 -11.95
CA LYS B 16 -15.07 4.22 -11.37
C LYS B 16 -16.08 4.60 -12.47
N ARG B 17 -16.04 5.88 -12.85
CA ARG B 17 -17.00 6.49 -13.80
C ARG B 17 -16.25 7.17 -14.98
N THR A 1 14.87 8.05 -16.25
CA THR A 1 15.92 9.00 -16.69
C THR A 1 15.45 9.91 -17.86
N GLN A 2 15.01 9.34 -19.01
CA GLN A 2 14.52 10.12 -20.18
C GLN A 2 13.05 10.66 -20.09
N LYS A 3 12.13 9.98 -19.40
CA LYS A 3 10.73 10.43 -19.30
C LYS A 3 9.76 9.35 -19.82
N MET A 4 9.34 8.44 -18.93
CA MET A 4 8.36 7.36 -19.25
C MET A 4 6.96 7.82 -18.76
N SER A 5 6.03 8.05 -19.72
CA SER A 5 4.68 8.60 -19.41
C SER A 5 3.67 7.47 -19.05
N GLU A 6 3.30 7.40 -17.76
CA GLU A 6 2.26 6.47 -17.25
C GLU A 6 1.28 7.31 -16.39
N LYS A 7 0.20 7.82 -17.01
CA LYS A 7 -0.75 8.75 -16.34
C LYS A 7 -1.73 8.05 -15.38
N ASP A 8 -2.70 7.30 -15.94
CA ASP A 8 -3.77 6.59 -15.16
C ASP A 8 -3.26 5.56 -14.10
N THR A 9 -2.27 4.71 -14.43
CA THR A 9 -1.64 3.75 -13.47
C THR A 9 -0.93 4.44 -12.26
N LYS A 10 -0.01 5.41 -12.48
CA LYS A 10 0.60 6.23 -11.39
C LYS A 10 -0.37 7.02 -10.48
N GLU A 11 -1.41 7.66 -11.05
CA GLU A 11 -2.54 8.26 -10.28
C GLU A 11 -3.31 7.27 -9.35
N GLU A 12 -3.63 6.06 -9.86
CA GLU A 12 -4.23 4.95 -9.06
C GLU A 12 -3.40 4.49 -7.82
N ILE A 13 -2.14 4.08 -7.99
CA ILE A 13 -1.30 3.55 -6.86
C ILE A 13 -0.75 4.63 -5.88
N LEU A 14 -0.37 5.85 -6.33
CA LEU A 14 -0.05 7.00 -5.43
C LEU A 14 -1.29 7.54 -4.65
N LYS A 15 -2.45 7.75 -5.32
CA LYS A 15 -3.74 8.07 -4.64
C LYS A 15 -4.28 7.05 -3.60
N ALA A 16 -4.12 5.74 -3.86
CA ALA A 16 -4.41 4.66 -2.87
C ALA A 16 -3.41 4.62 -1.65
N PHE A 17 -2.10 4.91 -1.85
CA PHE A 17 -1.17 5.22 -0.71
C PHE A 17 -1.69 6.47 0.12
N LYS A 18 -2.29 7.50 -0.53
CA LYS A 18 -3.07 8.57 0.17
C LYS A 18 -4.38 8.06 0.86
N LEU A 19 -5.01 6.94 0.40
CA LEU A 19 -6.06 6.20 1.20
C LEU A 19 -5.44 5.73 2.55
N PHE A 20 -4.17 5.23 2.62
CA PHE A 20 -3.47 5.10 3.93
C PHE A 20 -3.31 6.49 4.66
N ASP A 21 -2.82 7.53 3.95
CA ASP A 21 -2.37 8.82 4.54
C ASP A 21 -3.49 9.62 5.29
N ASP A 22 -3.42 9.49 6.62
CA ASP A 22 -4.41 10.00 7.60
C ASP A 22 -4.21 11.54 7.72
N ASP A 23 -5.17 12.19 7.06
CA ASP A 23 -5.23 13.66 6.86
C ASP A 23 -4.04 14.33 6.09
N GLU A 24 -3.25 13.58 5.30
CA GLU A 24 -2.25 14.14 4.36
C GLU A 24 -0.99 14.67 5.11
N THR A 25 0.02 13.79 5.19
CA THR A 25 1.31 14.04 5.90
C THR A 25 2.49 13.43 5.07
N GLY A 26 2.43 12.14 4.68
CA GLY A 26 3.47 11.49 3.84
C GLY A 26 3.89 10.05 4.21
N LYS A 27 3.84 9.63 5.49
CA LYS A 27 4.24 8.27 5.92
C LYS A 27 3.27 7.67 6.96
N ILE A 28 3.11 6.32 6.97
CA ILE A 28 2.02 5.66 7.78
C ILE A 28 2.46 4.52 8.76
N SER A 29 1.49 4.09 9.60
CA SER A 29 1.63 3.01 10.60
C SER A 29 0.75 1.76 10.26
N PHE A 30 0.96 0.67 11.05
CA PHE A 30 0.12 -0.59 11.11
C PHE A 30 -1.41 -0.48 10.81
N LYS A 31 -2.08 0.41 11.56
CA LYS A 31 -3.56 0.57 11.46
C LYS A 31 -4.08 1.14 10.13
N ASN A 32 -3.35 2.07 9.48
CA ASN A 32 -3.75 2.54 8.12
C ASN A 32 -3.78 1.40 7.04
N LEU A 33 -2.74 0.51 7.00
CA LEU A 33 -2.73 -0.78 6.23
C LEU A 33 -4.06 -1.56 6.48
N LYS A 34 -4.25 -2.04 7.73
CA LYS A 34 -5.48 -2.72 8.17
C LYS A 34 -6.84 -1.96 8.09
N ARG A 35 -6.85 -0.61 7.98
CA ARG A 35 -8.06 0.22 8.18
C ARG A 35 -8.81 0.41 6.88
N VAL A 36 -8.14 1.04 5.90
CA VAL A 36 -8.66 1.06 4.51
C VAL A 36 -8.62 -0.34 3.83
N ALA A 37 -7.58 -1.19 4.03
CA ALA A 37 -7.66 -2.63 3.57
C ALA A 37 -8.73 -3.46 4.35
N LYS A 38 -8.91 -3.13 5.64
CA LYS A 38 -10.04 -3.64 6.47
C LYS A 38 -11.49 -3.24 6.06
N GLU A 39 -11.69 -2.09 5.37
CA GLU A 39 -12.99 -1.72 4.72
C GLU A 39 -13.55 -2.84 3.78
N LEU A 40 -12.70 -3.42 2.90
CA LEU A 40 -13.02 -4.68 2.16
C LEU A 40 -13.29 -5.87 3.14
N GLY A 41 -12.32 -6.15 4.03
CA GLY A 41 -12.37 -7.27 4.97
C GLY A 41 -10.94 -7.76 5.25
N GLU A 42 -10.18 -8.20 4.22
CA GLU A 42 -8.75 -8.61 4.36
C GLU A 42 -8.57 -9.86 5.29
N ASN A 43 -8.47 -11.07 4.72
CA ASN A 43 -8.42 -12.34 5.52
C ASN A 43 -6.96 -12.75 5.91
N LEU A 44 -6.43 -12.04 6.93
CA LEU A 44 -5.04 -12.19 7.44
C LEU A 44 -5.04 -12.19 8.99
N THR A 45 -4.00 -12.82 9.59
CA THR A 45 -3.73 -12.71 11.04
C THR A 45 -2.92 -11.39 11.31
N ASP A 46 -3.02 -10.85 12.54
CA ASP A 46 -2.13 -9.75 12.99
C ASP A 46 -0.60 -10.12 13.10
N GLU A 47 -0.23 -11.42 13.21
CA GLU A 47 1.15 -11.92 13.08
C GLU A 47 1.79 -11.64 11.70
N GLU A 48 1.09 -11.93 10.56
CA GLU A 48 1.54 -11.49 9.22
C GLU A 48 1.62 -9.94 9.07
N LEU A 49 0.57 -9.20 9.47
CA LEU A 49 0.52 -7.71 9.52
C LEU A 49 1.73 -6.99 10.27
N GLN A 50 2.07 -7.48 11.48
CA GLN A 50 3.31 -7.09 12.22
C GLN A 50 4.63 -7.50 11.49
N GLU A 51 4.69 -8.69 10.85
CA GLU A 51 5.80 -9.07 9.93
C GLU A 51 6.00 -8.15 8.70
N MET A 52 4.91 -7.65 8.06
CA MET A 52 5.00 -6.58 7.02
C MET A 52 5.69 -5.29 7.55
N ILE A 53 5.16 -4.67 8.62
CA ILE A 53 5.71 -3.37 9.13
C ILE A 53 7.18 -3.41 9.66
N ASP A 54 7.55 -4.49 10.36
CA ASP A 54 8.97 -4.79 10.73
C ASP A 54 9.89 -5.06 9.49
N GLU A 55 9.41 -5.72 8.41
CA GLU A 55 10.12 -5.84 7.11
C GLU A 55 10.51 -4.49 6.43
N ALA A 56 9.54 -3.56 6.26
CA ALA A 56 9.77 -2.29 5.53
C ALA A 56 10.76 -1.30 6.18
N ASP A 57 10.64 -1.03 7.51
CA ASP A 57 11.55 -0.11 8.23
C ASP A 57 12.32 -0.79 9.43
N ARG A 58 12.97 -1.94 9.13
CA ARG A 58 13.69 -2.78 10.12
C ARG A 58 14.82 -2.13 10.94
N ASP A 59 15.71 -1.46 10.19
CA ASP A 59 16.74 -0.56 10.80
C ASP A 59 16.14 0.67 11.56
N GLY A 60 15.03 1.26 11.08
CA GLY A 60 14.56 2.56 11.62
C GLY A 60 13.67 2.38 12.87
N ASP A 61 12.35 2.05 12.73
CA ASP A 61 11.37 2.07 13.84
C ASP A 61 10.04 1.39 13.42
N GLY A 62 9.41 1.82 12.30
CA GLY A 62 8.04 1.42 11.94
C GLY A 62 7.30 2.25 10.85
N GLU A 63 7.77 3.47 10.50
CA GLU A 63 7.01 4.41 9.63
C GLU A 63 7.45 4.24 8.15
N VAL A 64 6.42 4.22 7.29
CA VAL A 64 6.50 3.81 5.86
C VAL A 64 6.30 5.00 4.88
N SER A 65 6.75 4.76 3.64
CA SER A 65 6.81 5.76 2.55
C SER A 65 6.08 5.23 1.27
N GLU A 66 5.94 6.12 0.27
CA GLU A 66 5.32 5.82 -1.07
C GLU A 66 5.74 4.49 -1.76
N GLN A 67 7.05 4.20 -1.72
CA GLN A 67 7.68 2.91 -2.10
C GLN A 67 7.00 1.59 -1.62
N GLU A 68 6.27 1.55 -0.49
CA GLU A 68 5.67 0.29 0.01
C GLU A 68 4.35 -0.14 -0.67
N PHE A 69 3.24 0.64 -0.61
CA PHE A 69 2.03 0.27 -1.44
C PHE A 69 2.33 0.38 -2.96
N LEU A 70 2.94 1.48 -3.45
CA LEU A 70 3.25 1.64 -4.89
C LEU A 70 4.43 0.79 -5.42
N ARG A 71 5.54 0.68 -4.68
CA ARG A 71 6.70 -0.13 -5.10
C ARG A 71 6.60 -1.66 -4.86
N ILE A 72 5.99 -2.13 -3.75
CA ILE A 72 5.68 -3.59 -3.60
C ILE A 72 4.52 -4.03 -4.58
N MET A 73 3.44 -3.24 -4.82
CA MET A 73 2.45 -3.54 -5.90
C MET A 73 3.01 -3.55 -7.35
N LYS A 74 3.88 -2.58 -7.74
CA LYS A 74 4.29 -2.35 -9.14
C LYS A 74 5.18 -3.46 -9.78
N LYS A 75 6.45 -3.54 -9.33
CA LYS A 75 7.42 -4.51 -9.90
C LYS A 75 7.22 -5.93 -9.33
N THR A 76 6.96 -6.89 -10.24
CA THR A 76 6.89 -8.34 -9.91
C THR A 76 8.18 -9.03 -10.43
N SER A 77 8.87 -9.74 -9.54
CA SER A 77 9.97 -10.66 -9.91
C SER A 77 9.33 -12.06 -10.18
N LEU A 78 9.10 -12.38 -11.46
CA LEU A 78 8.39 -13.63 -11.89
C LEU A 78 9.01 -15.02 -11.57
N TYR A 79 10.32 -15.03 -11.25
CA TYR A 79 11.07 -16.21 -10.82
C TYR A 79 11.82 -15.83 -9.54
N ASN B 1 3.62 -10.62 4.15
CA ASN B 1 3.41 -10.47 2.69
C ASN B 1 2.76 -9.07 2.42
N TRP B 2 3.60 -8.09 2.02
CA TRP B 2 3.11 -6.77 1.52
C TRP B 2 2.43 -6.82 0.13
N LYS B 3 2.77 -7.76 -0.79
CA LYS B 3 2.04 -7.94 -2.08
C LYS B 3 0.60 -8.49 -1.95
N LEU B 4 0.35 -9.45 -1.05
CA LEU B 4 -1.02 -9.91 -0.67
C LEU B 4 -1.92 -8.78 -0.05
N LEU B 5 -1.42 -8.00 0.94
CA LEU B 5 -2.09 -6.76 1.43
C LEU B 5 -2.10 -5.59 0.39
N ALA B 6 -1.14 -5.50 -0.56
CA ALA B 6 -1.19 -4.56 -1.71
C ALA B 6 -2.35 -4.82 -2.71
N LYS B 7 -2.78 -6.09 -2.98
CA LYS B 7 -4.06 -6.38 -3.70
C LYS B 7 -5.32 -6.00 -2.84
N GLY B 8 -5.30 -6.46 -1.57
CA GLY B 8 -6.22 -6.02 -0.51
C GLY B 8 -6.51 -4.50 -0.44
N LEU B 9 -5.46 -3.63 -0.53
CA LEU B 9 -5.69 -2.17 -0.77
C LEU B 9 -5.66 -1.71 -2.28
N LEU B 10 -5.28 -2.55 -3.27
CA LEU B 10 -5.56 -2.32 -4.75
C LEU B 10 -7.09 -2.05 -5.03
N ILE B 11 -7.97 -2.48 -4.09
CA ILE B 11 -9.38 -1.97 -3.92
C ILE B 11 -9.66 -0.42 -4.14
N ARG B 12 -8.59 0.41 -4.22
CA ARG B 12 -8.63 1.92 -4.18
C ARG B 12 -9.82 2.67 -4.87
N GLU B 13 -10.28 2.18 -6.02
CA GLU B 13 -11.50 2.67 -6.71
C GLU B 13 -12.41 1.45 -7.01
N ARG B 14 -12.07 0.62 -8.01
CA ARG B 14 -12.87 -0.56 -8.39
C ARG B 14 -13.89 -0.19 -9.49
N LEU B 15 -13.60 -0.63 -10.73
CA LEU B 15 -14.55 -0.51 -11.88
C LEU B 15 -15.62 -1.64 -11.90
N LYS B 16 -15.24 -2.92 -11.82
CA LYS B 16 -16.19 -4.05 -11.84
C LYS B 16 -15.42 -5.38 -11.77
N ARG B 17 -15.36 -5.99 -10.57
CA ARG B 17 -14.69 -7.30 -10.36
C ARG B 17 -15.72 -8.44 -10.54
N THR A 1 15.71 12.19 -19.36
CA THR A 1 15.93 13.66 -19.43
C THR A 1 15.86 14.26 -17.98
N GLN A 2 14.66 14.32 -17.36
CA GLN A 2 14.45 14.90 -16.01
C GLN A 2 13.36 14.14 -15.18
N LYS A 3 12.17 13.86 -15.76
CA LYS A 3 11.11 13.12 -15.04
C LYS A 3 10.02 12.69 -16.05
N MET A 4 10.19 11.52 -16.68
CA MET A 4 9.25 10.99 -17.71
C MET A 4 8.36 9.89 -17.03
N SER A 5 7.11 10.27 -16.71
CA SER A 5 6.14 9.40 -15.98
C SER A 5 4.86 9.11 -16.83
N GLU A 6 4.07 8.11 -16.41
CA GLU A 6 2.81 7.72 -17.10
C GLU A 6 1.65 8.73 -16.89
N LYS A 7 1.17 8.99 -15.65
CA LYS A 7 0.15 10.03 -15.42
C LYS A 7 -1.15 9.47 -14.81
N ASP A 8 -1.95 8.75 -15.62
CA ASP A 8 -3.23 8.16 -15.16
C ASP A 8 -3.04 6.96 -14.18
N THR A 9 -2.35 5.87 -14.58
CA THR A 9 -1.98 4.75 -13.68
C THR A 9 -1.06 5.14 -12.47
N LYS A 10 -0.05 6.01 -12.68
CA LYS A 10 0.75 6.63 -11.58
C LYS A 10 -0.08 7.32 -10.46
N GLU A 11 -0.97 8.26 -10.83
CA GLU A 11 -1.95 8.86 -9.89
C GLU A 11 -3.02 7.90 -9.26
N GLU A 12 -3.39 6.78 -9.92
CA GLU A 12 -4.29 5.74 -9.33
C GLU A 12 -3.67 4.96 -8.14
N ILE A 13 -2.52 4.28 -8.33
CA ILE A 13 -1.80 3.57 -7.21
C ILE A 13 -1.15 4.52 -6.14
N LEU A 14 -0.62 5.71 -6.51
CA LEU A 14 -0.21 6.78 -5.53
C LEU A 14 -1.41 7.33 -4.70
N LYS A 15 -2.57 7.63 -5.33
CA LYS A 15 -3.84 7.92 -4.63
C LYS A 15 -4.35 6.83 -3.64
N ALA A 16 -4.14 5.54 -3.96
CA ALA A 16 -4.36 4.40 -3.04
C ALA A 16 -3.41 4.36 -1.79
N PHE A 17 -2.10 4.68 -1.94
CA PHE A 17 -1.21 4.97 -0.77
C PHE A 17 -1.79 6.20 0.06
N LYS A 18 -2.42 7.22 -0.57
CA LYS A 18 -3.25 8.24 0.12
C LYS A 18 -4.50 7.66 0.85
N LEU A 19 -5.13 6.56 0.35
CA LEU A 19 -6.15 5.76 1.13
C LEU A 19 -5.52 5.25 2.46
N PHE A 20 -4.25 4.74 2.52
CA PHE A 20 -3.58 4.57 3.84
C PHE A 20 -3.41 5.98 4.53
N ASP A 21 -2.80 6.99 3.86
CA ASP A 21 -2.39 8.28 4.46
C ASP A 21 -3.55 9.30 4.80
N ASP A 22 -4.50 8.88 5.67
CA ASP A 22 -5.62 9.70 6.23
C ASP A 22 -5.02 10.69 7.27
N ASP A 23 -4.66 11.83 6.69
CA ASP A 23 -3.83 12.91 7.29
C ASP A 23 -2.44 12.44 7.88
N GLU A 24 -1.76 11.44 7.27
CA GLU A 24 -0.41 10.97 7.74
C GLU A 24 0.83 11.72 7.16
N THR A 25 0.64 12.80 6.39
CA THR A 25 1.70 13.76 5.92
C THR A 25 2.86 13.09 5.08
N GLY A 26 2.51 12.13 4.17
CA GLY A 26 3.51 11.39 3.36
C GLY A 26 4.08 10.06 3.92
N LYS A 27 4.01 9.79 5.23
CA LYS A 27 4.40 8.49 5.83
C LYS A 27 3.17 7.83 6.52
N ILE A 28 3.20 6.50 6.67
CA ILE A 28 1.99 5.69 7.08
C ILE A 28 2.25 4.67 8.23
N SER A 29 1.15 4.30 8.93
CA SER A 29 1.19 3.49 10.18
C SER A 29 0.41 2.13 10.06
N PHE A 30 0.77 1.17 10.96
CA PHE A 30 0.10 -0.16 11.16
C PHE A 30 -1.46 -0.23 11.00
N LYS A 31 -2.17 0.66 11.71
CA LYS A 31 -3.65 0.76 11.68
C LYS A 31 -4.26 1.28 10.35
N ASN A 32 -3.63 2.28 9.71
CA ASN A 32 -4.05 2.74 8.35
C ASN A 32 -4.04 1.58 7.27
N LEU A 33 -2.93 0.79 7.21
CA LEU A 33 -2.82 -0.51 6.49
C LEU A 33 -4.05 -1.42 6.72
N LYS A 34 -4.21 -1.89 7.98
CA LYS A 34 -5.38 -2.64 8.44
C LYS A 34 -6.79 -2.00 8.32
N ARG A 35 -6.90 -0.68 8.14
CA ARG A 35 -8.16 0.06 8.29
C ARG A 35 -8.93 0.13 6.98
N VAL A 36 -8.31 0.76 5.97
CA VAL A 36 -8.81 0.68 4.59
C VAL A 36 -8.67 -0.74 3.95
N ALA A 37 -7.57 -1.50 4.18
CA ALA A 37 -7.52 -2.94 3.79
C ALA A 37 -8.49 -3.85 4.61
N LYS A 38 -8.72 -3.47 5.88
CA LYS A 38 -9.79 -4.06 6.74
C LYS A 38 -11.26 -3.83 6.30
N GLU A 39 -11.59 -2.72 5.60
CA GLU A 39 -12.91 -2.52 4.91
C GLU A 39 -13.35 -3.72 4.01
N LEU A 40 -12.43 -4.21 3.15
CA LEU A 40 -12.59 -5.51 2.43
C LEU A 40 -12.72 -6.73 3.39
N GLY A 41 -11.74 -6.91 4.29
CA GLY A 41 -11.58 -8.13 5.10
C GLY A 41 -10.63 -9.19 4.48
N GLU A 42 -9.44 -8.79 3.98
CA GLU A 42 -8.36 -9.73 3.56
C GLU A 42 -7.84 -10.53 4.79
N ASN A 43 -7.98 -11.87 4.71
CA ASN A 43 -7.78 -12.79 5.87
C ASN A 43 -6.28 -13.02 6.25
N LEU A 44 -5.85 -12.11 7.13
CA LEU A 44 -4.53 -12.14 7.80
C LEU A 44 -4.72 -11.91 9.33
N THR A 45 -3.84 -12.54 10.13
CA THR A 45 -3.72 -12.25 11.59
C THR A 45 -2.88 -10.97 11.82
N ASP A 46 -3.01 -10.34 13.01
CA ASP A 46 -2.10 -9.23 13.43
C ASP A 46 -0.58 -9.61 13.57
N GLU A 47 -0.22 -10.89 13.84
CA GLU A 47 1.16 -11.40 13.75
C GLU A 47 1.78 -11.32 12.32
N GLU A 48 1.02 -11.73 11.27
CA GLU A 48 1.41 -11.50 9.85
C GLU A 48 1.55 -9.99 9.47
N LEU A 49 0.55 -9.16 9.81
CA LEU A 49 0.59 -7.67 9.73
C LEU A 49 1.84 -6.98 10.38
N GLN A 50 2.19 -7.38 11.63
CA GLN A 50 3.47 -7.00 12.31
C GLN A 50 4.75 -7.49 11.58
N GLU A 51 4.75 -8.70 11.00
CA GLU A 51 5.84 -9.19 10.09
C GLU A 51 6.09 -8.33 8.83
N MET A 52 5.02 -7.88 8.12
CA MET A 52 5.17 -6.91 7.01
C MET A 52 5.83 -5.57 7.46
N ILE A 53 5.26 -4.89 8.46
CA ILE A 53 5.74 -3.54 8.89
C ILE A 53 7.20 -3.51 9.49
N ASP A 54 7.59 -4.55 10.25
CA ASP A 54 9.00 -4.79 10.69
C ASP A 54 9.98 -5.19 9.54
N GLU A 55 9.57 -5.98 8.53
CA GLU A 55 10.34 -6.24 7.30
C GLU A 55 10.77 -4.97 6.49
N ALA A 56 9.81 -4.08 6.18
CA ALA A 56 10.10 -2.77 5.54
C ALA A 56 11.06 -1.84 6.34
N ASP A 57 10.81 -1.63 7.65
CA ASP A 57 11.66 -0.77 8.51
C ASP A 57 12.24 -1.62 9.68
N ARG A 58 13.35 -2.27 9.33
CA ARG A 58 14.21 -3.08 10.25
C ARG A 58 14.66 -2.39 11.55
N ASP A 59 15.24 -1.20 11.38
CA ASP A 59 15.54 -0.25 12.49
C ASP A 59 14.38 0.01 13.50
N GLY A 60 13.08 -0.04 13.10
CA GLY A 60 12.00 -0.01 14.11
C GLY A 60 10.52 0.26 13.75
N ASP A 61 10.20 0.58 12.49
CA ASP A 61 8.89 1.04 12.01
C ASP A 61 8.25 2.23 12.77
N GLY A 62 8.70 3.38 12.25
CA GLY A 62 8.08 4.69 12.52
C GLY A 62 6.98 4.99 11.47
N GLU A 63 7.35 5.02 10.17
CA GLU A 63 6.43 5.30 9.05
C GLU A 63 7.00 4.69 7.73
N VAL A 64 6.06 4.27 6.86
CA VAL A 64 6.35 3.71 5.50
C VAL A 64 6.19 4.82 4.40
N SER A 65 6.78 4.55 3.23
CA SER A 65 6.87 5.50 2.10
C SER A 65 5.93 5.07 0.93
N GLU A 66 5.70 6.01 -0.01
CA GLU A 66 5.00 5.75 -1.32
C GLU A 66 5.38 4.43 -2.06
N GLN A 67 6.70 4.17 -2.11
CA GLN A 67 7.32 2.91 -2.60
C GLN A 67 6.84 1.55 -2.01
N GLU A 68 6.14 1.45 -0.85
CA GLU A 68 5.67 0.13 -0.34
C GLU A 68 4.31 -0.35 -0.92
N PHE A 69 3.19 0.41 -0.84
CA PHE A 69 1.95 0.02 -1.62
C PHE A 69 2.24 0.07 -3.14
N LEU A 70 2.79 1.17 -3.69
CA LEU A 70 3.08 1.27 -5.14
C LEU A 70 4.28 0.43 -5.65
N ARG A 71 5.42 0.43 -4.93
CA ARG A 71 6.61 -0.36 -5.34
C ARG A 71 6.56 -1.88 -5.03
N ILE A 72 6.01 -2.33 -3.88
CA ILE A 72 5.81 -3.80 -3.65
C ILE A 72 4.62 -4.34 -4.54
N MET A 73 3.50 -3.61 -4.82
CA MET A 73 2.51 -4.05 -5.85
C MET A 73 3.08 -4.21 -7.30
N LYS A 74 3.86 -3.23 -7.81
CA LYS A 74 4.44 -3.29 -9.18
C LYS A 74 5.46 -4.41 -9.43
N LYS A 75 6.65 -4.29 -8.81
CA LYS A 75 7.79 -5.23 -8.86
C LYS A 75 7.98 -6.09 -10.16
N THR A 76 8.89 -5.65 -11.04
CA THR A 76 9.11 -6.29 -12.36
C THR A 76 10.49 -7.01 -12.34
N SER A 77 10.49 -8.35 -12.17
CA SER A 77 11.72 -9.17 -12.36
C SER A 77 11.75 -9.82 -13.78
N LEU A 78 11.94 -8.98 -14.80
CA LEU A 78 12.16 -9.41 -16.21
C LEU A 78 12.71 -8.19 -17.00
N TYR A 79 14.04 -8.04 -16.94
CA TYR A 79 14.79 -6.99 -17.67
C TYR A 79 16.06 -7.64 -18.26
N ASN B 1 2.80 -11.62 3.73
CA ASN B 1 3.45 -11.01 2.54
C ASN B 1 2.87 -9.60 2.27
N TRP B 2 3.77 -8.64 1.95
CA TRP B 2 3.38 -7.29 1.44
C TRP B 2 2.68 -7.29 0.06
N LYS B 3 2.97 -8.23 -0.88
CA LYS B 3 2.17 -8.38 -2.12
C LYS B 3 0.71 -8.89 -1.93
N LEU B 4 0.47 -9.86 -1.02
CA LEU B 4 -0.90 -10.27 -0.58
C LEU B 4 -1.71 -9.12 0.12
N LEU B 5 -1.10 -8.39 1.07
CA LEU B 5 -1.67 -7.13 1.65
C LEU B 5 -1.81 -5.95 0.62
N ALA B 6 -0.89 -5.83 -0.37
CA ALA B 6 -1.03 -4.91 -1.52
C ALA B 6 -2.21 -5.24 -2.47
N LYS B 7 -2.62 -6.51 -2.66
CA LYS B 7 -3.92 -6.88 -3.32
C LYS B 7 -5.16 -6.50 -2.46
N GLY B 8 -5.09 -6.90 -1.16
CA GLY B 8 -6.00 -6.44 -0.09
C GLY B 8 -6.34 -4.94 -0.11
N LEU B 9 -5.33 -4.04 -0.24
CA LEU B 9 -5.63 -2.61 -0.56
C LEU B 9 -5.63 -2.23 -2.09
N LEU B 10 -5.25 -3.11 -3.04
CA LEU B 10 -5.54 -2.97 -4.53
C LEU B 10 -7.08 -2.77 -4.82
N ILE B 11 -7.94 -3.16 -3.86
CA ILE B 11 -9.37 -2.68 -3.72
C ILE B 11 -9.68 -1.14 -4.02
N ARG B 12 -8.62 -0.30 -4.14
CA ARG B 12 -8.64 1.19 -4.18
C ARG B 12 -9.79 1.94 -4.91
N GLU B 13 -10.12 1.49 -6.13
CA GLU B 13 -11.01 2.24 -7.06
C GLU B 13 -11.92 1.25 -7.82
N ARG B 14 -13.25 1.48 -7.73
CA ARG B 14 -14.22 0.65 -8.48
C ARG B 14 -15.59 0.66 -7.77
N LEU B 15 -16.57 1.37 -8.36
CA LEU B 15 -17.99 1.31 -7.93
C LEU B 15 -18.71 0.30 -8.88
N LYS B 16 -18.83 -0.96 -8.44
CA LYS B 16 -19.36 -2.05 -9.28
C LYS B 16 -19.36 -3.35 -8.47
N ARG B 17 -18.34 -4.18 -8.75
CA ARG B 17 -18.15 -5.49 -8.06
C ARG B 17 -16.91 -5.37 -7.14
N THR A 1 13.35 18.06 -19.22
CA THR A 1 13.02 19.47 -19.54
C THR A 1 12.42 20.14 -18.26
N GLN A 2 11.16 19.83 -17.89
CA GLN A 2 10.49 20.41 -16.69
C GLN A 2 9.78 19.29 -15.88
N LYS A 3 8.77 18.59 -16.45
CA LYS A 3 8.01 17.57 -15.72
C LYS A 3 6.72 17.22 -16.49
N MET A 4 6.75 16.10 -17.23
CA MET A 4 5.57 15.58 -17.98
C MET A 4 5.12 14.24 -17.32
N SER A 5 3.88 14.24 -16.80
CA SER A 5 3.27 13.05 -16.14
C SER A 5 2.23 12.34 -17.07
N GLU A 6 1.99 11.05 -16.78
CA GLU A 6 0.97 10.24 -17.51
C GLU A 6 -0.49 10.58 -17.07
N LYS A 7 -0.91 10.34 -15.81
CA LYS A 7 -2.25 10.79 -15.36
C LYS A 7 -3.07 9.69 -14.67
N ASP A 8 -3.58 8.73 -15.47
CA ASP A 8 -4.59 7.75 -15.00
C ASP A 8 -4.00 6.61 -14.13
N THR A 9 -3.04 5.80 -14.64
CA THR A 9 -2.35 4.75 -13.84
C THR A 9 -1.45 5.29 -12.68
N LYS A 10 -0.64 6.35 -12.92
CA LYS A 10 0.08 7.08 -11.83
C LYS A 10 -0.80 7.68 -10.71
N GLU A 11 -1.88 8.39 -11.06
CA GLU A 11 -2.93 8.83 -10.08
C GLU A 11 -3.63 7.68 -9.29
N GLU A 12 -3.88 6.51 -9.91
CA GLU A 12 -4.45 5.31 -9.22
C GLU A 12 -3.53 4.71 -8.13
N ILE A 13 -2.29 4.29 -8.43
CA ILE A 13 -1.35 3.71 -7.40
C ILE A 13 -0.82 4.75 -6.35
N LEU A 14 -0.39 5.97 -6.74
CA LEU A 14 -0.02 7.06 -5.78
C LEU A 14 -1.22 7.55 -4.90
N LYS A 15 -2.40 7.80 -5.51
CA LYS A 15 -3.66 8.03 -4.77
C LYS A 15 -4.16 6.89 -3.84
N ALA A 16 -3.79 5.62 -4.13
CA ALA A 16 -3.99 4.47 -3.20
C ALA A 16 -3.04 4.44 -1.97
N PHE A 17 -1.74 4.81 -2.09
CA PHE A 17 -0.89 5.12 -0.89
C PHE A 17 -1.53 6.31 -0.06
N LYS A 18 -2.19 7.30 -0.72
CA LYS A 18 -3.10 8.28 -0.04
C LYS A 18 -4.38 7.61 0.60
N LEU A 19 -4.93 6.51 0.02
CA LEU A 19 -5.96 5.63 0.72
C LEU A 19 -5.42 5.09 2.07
N PHE A 20 -4.12 4.72 2.20
CA PHE A 20 -3.52 4.51 3.54
C PHE A 20 -3.61 5.81 4.43
N ASP A 21 -3.12 6.97 3.91
CA ASP A 21 -2.87 8.23 4.66
C ASP A 21 -4.03 8.81 5.53
N ASP A 22 -4.00 8.32 6.78
CA ASP A 22 -4.90 8.69 7.88
C ASP A 22 -4.31 9.99 8.49
N ASP A 23 -5.18 10.96 8.35
CA ASP A 23 -4.99 12.41 8.61
C ASP A 23 -4.16 13.24 7.57
N GLU A 24 -3.71 12.68 6.43
CA GLU A 24 -3.14 13.46 5.29
C GLU A 24 -1.84 14.24 5.65
N THR A 25 -0.71 13.51 5.62
CA THR A 25 0.64 14.04 5.98
C THR A 25 1.67 13.51 4.93
N GLY A 26 1.83 12.18 4.81
CA GLY A 26 2.69 11.55 3.79
C GLY A 26 3.04 10.10 4.19
N LYS A 27 3.77 9.85 5.29
CA LYS A 27 4.14 8.47 5.71
C LYS A 27 3.05 7.86 6.61
N ILE A 28 3.14 6.53 6.77
CA ILE A 28 2.01 5.73 7.36
C ILE A 28 2.41 4.64 8.40
N SER A 29 1.37 4.15 9.13
CA SER A 29 1.50 3.22 10.29
C SER A 29 0.66 1.91 10.10
N PHE A 30 0.86 0.94 11.03
CA PHE A 30 0.09 -0.35 11.15
C PHE A 30 -1.46 -0.30 10.92
N LYS A 31 -2.14 0.62 11.61
CA LYS A 31 -3.60 0.82 11.46
C LYS A 31 -4.09 1.33 10.08
N ASN A 32 -3.30 2.17 9.40
CA ASN A 32 -3.55 2.60 8.00
C ASN A 32 -3.68 1.39 6.98
N LEU A 33 -2.67 0.45 7.01
CA LEU A 33 -2.70 -0.88 6.33
C LEU A 33 -4.05 -1.61 6.61
N LYS A 34 -4.27 -1.98 7.89
CA LYS A 34 -5.55 -2.54 8.38
C LYS A 34 -6.87 -1.75 8.16
N ARG A 35 -6.80 -0.43 7.91
CA ARG A 35 -7.98 0.47 7.94
C ARG A 35 -8.74 0.41 6.63
N VAL A 36 -8.05 0.87 5.58
CA VAL A 36 -8.53 0.66 4.18
C VAL A 36 -8.56 -0.81 3.71
N ALA A 37 -7.55 -1.64 4.07
CA ALA A 37 -7.64 -3.11 3.81
C ALA A 37 -8.72 -3.83 4.68
N LYS A 38 -8.97 -3.23 5.86
CA LYS A 38 -10.11 -3.60 6.74
C LYS A 38 -11.54 -3.30 6.22
N GLU A 39 -11.77 -2.22 5.44
CA GLU A 39 -13.05 -1.97 4.70
C GLU A 39 -13.53 -3.16 3.81
N LEU A 40 -12.59 -3.73 3.02
CA LEU A 40 -12.78 -5.01 2.28
C LEU A 40 -13.13 -6.24 3.19
N GLY A 41 -12.32 -6.48 4.22
CA GLY A 41 -12.37 -7.71 5.04
C GLY A 41 -11.40 -8.83 4.57
N GLU A 42 -10.12 -8.50 4.25
CA GLU A 42 -9.05 -9.49 3.98
C GLU A 42 -8.70 -10.28 5.28
N ASN A 43 -8.72 -11.63 5.18
CA ASN A 43 -8.63 -12.51 6.40
C ASN A 43 -7.14 -12.85 6.68
N LEU A 44 -6.60 -11.96 7.51
CA LEU A 44 -5.20 -12.03 8.03
C LEU A 44 -5.20 -11.93 9.58
N THR A 45 -4.21 -12.58 10.21
CA THR A 45 -3.92 -12.41 11.66
C THR A 45 -3.06 -11.13 11.88
N ASP A 46 -3.09 -10.56 13.10
CA ASP A 46 -2.11 -9.48 13.49
C ASP A 46 -0.61 -9.91 13.53
N GLU A 47 -0.28 -11.22 13.67
CA GLU A 47 1.08 -11.77 13.46
C GLU A 47 1.63 -11.57 12.02
N GLU A 48 0.80 -11.83 10.97
CA GLU A 48 1.13 -11.45 9.56
C GLU A 48 1.31 -9.92 9.35
N LEU A 49 0.32 -9.11 9.78
CA LEU A 49 0.36 -7.62 9.82
C LEU A 49 1.63 -6.95 10.47
N GLN A 50 2.04 -7.46 11.66
CA GLN A 50 3.33 -7.11 12.32
C GLN A 50 4.59 -7.53 11.51
N GLU A 51 4.60 -8.73 10.90
CA GLU A 51 5.62 -9.18 9.93
C GLU A 51 5.83 -8.26 8.69
N MET A 52 4.74 -7.71 8.11
CA MET A 52 4.84 -6.64 7.08
C MET A 52 5.58 -5.40 7.65
N ILE A 53 5.06 -4.76 8.72
CA ILE A 53 5.64 -3.48 9.22
C ILE A 53 7.12 -3.54 9.75
N ASP A 54 7.48 -4.65 10.40
CA ASP A 54 8.88 -4.99 10.77
C ASP A 54 9.82 -5.29 9.56
N GLU A 55 9.35 -5.99 8.48
CA GLU A 55 10.10 -6.16 7.22
C GLU A 55 10.49 -4.86 6.48
N ALA A 56 9.52 -3.95 6.21
CA ALA A 56 9.81 -2.62 5.60
C ALA A 56 10.61 -1.66 6.52
N ASP A 57 10.16 -1.46 7.78
CA ASP A 57 10.84 -0.58 8.75
C ASP A 57 11.66 -1.48 9.73
N ARG A 58 12.89 -1.82 9.28
CA ARG A 58 13.78 -2.84 9.93
C ARG A 58 14.03 -2.67 11.43
N ASP A 59 14.64 -1.53 11.75
CA ASP A 59 14.76 -1.06 13.16
C ASP A 59 13.39 -0.74 13.84
N GLY A 60 12.41 -0.22 13.08
CA GLY A 60 11.16 0.34 13.65
C GLY A 60 11.30 1.82 14.10
N ASP A 61 11.76 2.73 13.21
CA ASP A 61 11.98 4.16 13.55
C ASP A 61 10.69 5.02 13.61
N GLY A 62 9.71 4.82 12.69
CA GLY A 62 8.50 5.67 12.66
C GLY A 62 7.44 5.31 11.61
N GLU A 63 7.76 5.51 10.31
CA GLU A 63 6.75 5.45 9.22
C GLU A 63 7.25 4.82 7.89
N VAL A 64 6.26 4.37 7.10
CA VAL A 64 6.44 3.77 5.75
C VAL A 64 6.30 4.87 4.65
N SER A 65 6.93 4.58 3.50
CA SER A 65 7.01 5.48 2.32
C SER A 65 6.14 4.98 1.16
N GLU A 66 6.04 5.87 0.14
CA GLU A 66 5.47 5.52 -1.20
C GLU A 66 6.02 4.22 -1.88
N GLN A 67 7.32 3.96 -1.67
CA GLN A 67 8.00 2.70 -2.10
C GLN A 67 7.40 1.35 -1.60
N GLU A 68 6.62 1.28 -0.50
CA GLU A 68 6.05 0.01 -0.01
C GLU A 68 4.73 -0.43 -0.70
N PHE A 69 3.64 0.38 -0.69
CA PHE A 69 2.43 0.03 -1.53
C PHE A 69 2.81 0.04 -3.03
N LEU A 70 3.45 1.11 -3.56
CA LEU A 70 3.81 1.15 -5.01
C LEU A 70 4.96 0.19 -5.42
N ARG A 71 6.07 0.16 -4.67
CA ARG A 71 7.23 -0.69 -5.01
C ARG A 71 7.08 -2.22 -4.73
N ILE A 72 6.43 -2.64 -3.63
CA ILE A 72 6.09 -4.08 -3.43
C ILE A 72 4.94 -4.54 -4.40
N MET A 73 3.88 -3.75 -4.67
CA MET A 73 2.88 -4.09 -5.74
C MET A 73 3.47 -4.28 -7.18
N LYS A 74 4.35 -3.39 -7.66
CA LYS A 74 4.88 -3.45 -9.05
C LYS A 74 5.90 -4.58 -9.29
N LYS A 75 7.12 -4.40 -8.77
CA LYS A 75 8.20 -5.41 -8.86
C LYS A 75 8.28 -6.22 -7.54
N THR A 76 8.03 -7.54 -7.64
CA THR A 76 8.18 -8.48 -6.49
C THR A 76 9.67 -8.94 -6.40
N SER A 77 10.29 -8.68 -5.23
CA SER A 77 11.64 -9.20 -4.90
C SER A 77 11.46 -10.51 -4.08
N LEU A 78 11.47 -11.66 -4.79
CA LEU A 78 11.15 -12.98 -4.21
C LEU A 78 12.45 -13.74 -3.82
N TYR A 79 12.79 -13.55 -2.56
CA TYR A 79 14.01 -14.08 -1.92
C TYR A 79 13.65 -14.58 -0.52
N ASN B 1 4.14 -10.80 4.43
CA ASN B 1 4.02 -10.65 2.95
C ASN B 1 3.29 -9.33 2.64
N TRP B 2 4.06 -8.32 2.17
CA TRP B 2 3.49 -7.05 1.60
C TRP B 2 2.86 -7.19 0.19
N LYS B 3 3.15 -8.24 -0.61
CA LYS B 3 2.38 -8.53 -1.86
C LYS B 3 0.92 -9.05 -1.59
N LEU B 4 0.73 -9.96 -0.61
CA LEU B 4 -0.61 -10.33 -0.07
C LEU B 4 -1.41 -9.10 0.48
N LEU B 5 -0.77 -8.24 1.31
CA LEU B 5 -1.31 -6.90 1.70
C LEU B 5 -1.50 -5.91 0.50
N ALA B 6 -0.68 -5.99 -0.58
CA ALA B 6 -0.89 -5.25 -1.85
C ALA B 6 -2.14 -5.68 -2.65
N LYS B 7 -2.64 -6.93 -2.60
CA LYS B 7 -4.00 -7.31 -3.12
C LYS B 7 -5.15 -6.72 -2.22
N GLY B 8 -5.02 -7.01 -0.91
CA GLY B 8 -5.81 -6.34 0.16
C GLY B 8 -6.00 -4.81 -0.01
N LEU B 9 -4.91 -4.08 -0.36
CA LEU B 9 -5.02 -2.67 -0.82
C LEU B 9 -5.10 -2.40 -2.36
N LEU B 10 -4.99 -3.42 -3.22
CA LEU B 10 -5.43 -3.39 -4.67
C LEU B 10 -6.97 -3.02 -4.76
N ILE B 11 -7.73 -3.16 -3.63
CA ILE B 11 -9.04 -2.46 -3.39
C ILE B 11 -9.22 -0.97 -3.93
N ARG B 12 -8.10 -0.30 -4.25
CA ARG B 12 -8.00 1.15 -4.56
C ARG B 12 -9.05 1.77 -5.53
N GLU B 13 -9.19 1.16 -6.72
CA GLU B 13 -10.20 1.58 -7.74
C GLU B 13 -11.55 0.83 -7.51
N ARG B 14 -11.58 -0.50 -7.72
CA ARG B 14 -12.79 -1.29 -7.45
C ARG B 14 -12.76 -2.60 -8.29
N LEU B 15 -12.71 -3.75 -7.57
CA LEU B 15 -12.73 -5.09 -8.20
C LEU B 15 -13.89 -5.88 -7.54
N LYS B 16 -14.97 -6.11 -8.29
CA LYS B 16 -16.18 -6.81 -7.78
C LYS B 16 -17.17 -5.80 -7.16
N ARG B 17 -18.18 -5.39 -7.96
CA ARG B 17 -19.19 -4.40 -7.53
C ARG B 17 -20.42 -5.14 -6.94
#